data_5AO1
#
_entry.id   5AO1
#
_cell.length_a   70.121
_cell.length_b   187.356
_cell.length_c   81.373
_cell.angle_alpha   90.00
_cell.angle_beta   100.54
_cell.angle_gamma   90.00
#
_symmetry.space_group_name_H-M   'P 1 21 1'
#
loop_
_entity.id
_entity.type
_entity.pdbx_description
1 polymer 'DEOXYNUCLEOSIDE TRIPHOSPHATE TRIPHOSPHOHYDROLASE SAMHD1'
2 non-polymer 'FE (III) ION'
3 non-polymer "2'-3'-DIDEOXYGUANOSINE-5'-TRIPHOSPHATE"
4 non-polymer 'SULFATE ION'
5 non-polymer 'MAGNESIUM ION'
6 water water
#
_entity_poly.entity_id   1
_entity_poly.type   'polypeptide(L)'
_entity_poly.pdbx_seq_one_letter_code
;MASWSHPQFEKGALEVLFQGPGMKVINDPIHGHIELHPLLVRIIDTPQFQRLRYIKQLGGGYYVFPGASHNRFEHSLGVG
YLAGCLVHALGEKQPELQISERDVLCVQIAGLCHDLGHGPFSHMFDGRFIPLARPEVKWTHEQGSVMMFEHLINSNGIKP
VMEQYGLIPEEDICFIKEQIVGPLESPVEDSLWPYKGRPENKSFLYEIVSNKRNGIDVDKWDYFARDCHHLGIQNNFDYK
RFIKFARVCEVDNELRICARDKEVGNLYDMFHTRNSLHRRAYQHKVGNIIDTMITDAFLKADDYIEITGAGGKKYRISTA
IDDMEAYTKLTDNIFLEILYSTDPKLKDAREILKQIEYRNLFKYVGETQPTGQIKIKREDYESLPKEVASAKPKVLLDVK
LKAEDFIVDVINMDYGMQEKNPIDHVSFYCKTAPNRAIRITKNQVSQLLPEKFAEQLIRVYCKKVDRKSLYAARQYFVQW
CADRNFTKPQD
;
_entity_poly.pdbx_strand_id   A,B,C,D
#
# COMPACT_ATOMS: atom_id res chain seq x y z
N MET A 23 4.41 -22.29 -18.87
CA MET A 23 3.87 -20.99 -18.42
C MET A 23 4.07 -20.77 -16.92
N LYS A 24 5.22 -20.22 -16.54
CA LYS A 24 5.51 -19.96 -15.14
C LYS A 24 5.20 -18.52 -14.74
N VAL A 25 4.68 -18.35 -13.53
CA VAL A 25 4.56 -17.03 -12.93
C VAL A 25 5.47 -16.94 -11.71
N ILE A 26 6.27 -15.88 -11.70
CA ILE A 26 7.27 -15.62 -10.67
C ILE A 26 6.90 -14.35 -9.94
N ASN A 27 6.83 -14.42 -8.62
CA ASN A 27 6.49 -13.25 -7.83
C ASN A 27 7.69 -12.40 -7.54
N ASP A 28 7.54 -11.10 -7.82
CA ASP A 28 8.60 -10.13 -7.68
C ASP A 28 8.20 -8.96 -6.76
N PRO A 29 9.13 -8.50 -5.91
CA PRO A 29 8.75 -7.44 -4.96
C PRO A 29 8.46 -6.09 -5.63
N ILE A 30 9.06 -5.82 -6.77
CA ILE A 30 8.81 -4.55 -7.48
C ILE A 30 7.60 -4.64 -8.43
N HIS A 31 7.55 -5.67 -9.28
CA HIS A 31 6.55 -5.77 -10.34
C HIS A 31 5.32 -6.62 -10.06
N GLY A 32 5.27 -7.27 -8.90
CA GLY A 32 4.22 -8.23 -8.61
C GLY A 32 4.43 -9.47 -9.45
N HIS A 33 3.37 -10.02 -10.04
CA HIS A 33 3.48 -11.28 -10.79
C HIS A 33 4.01 -11.13 -12.22
N ILE A 34 5.06 -11.87 -12.52
CA ILE A 34 5.66 -11.86 -13.84
C ILE A 34 5.34 -13.20 -14.49
N GLU A 35 4.55 -13.18 -15.55
CA GLU A 35 4.23 -14.39 -16.30
C GLU A 35 5.27 -14.63 -17.35
N LEU A 36 5.78 -15.86 -17.43
CA LEU A 36 6.84 -16.18 -18.37
C LEU A 36 6.41 -17.21 -19.36
N HIS A 37 6.51 -16.85 -20.63
CA HIS A 37 6.30 -17.76 -21.72
C HIS A 37 7.30 -18.90 -21.57
N PRO A 38 6.90 -20.14 -21.91
CA PRO A 38 7.77 -21.31 -21.78
C PRO A 38 9.14 -21.12 -22.41
N LEU A 39 9.21 -20.47 -23.58
CA LEU A 39 10.49 -20.22 -24.28
C LEU A 39 11.45 -19.38 -23.43
N LEU A 40 10.90 -18.38 -22.74
CA LEU A 40 11.71 -17.56 -21.85
C LEU A 40 12.20 -18.39 -20.66
N VAL A 41 11.31 -19.23 -20.12
CA VAL A 41 11.68 -20.10 -19.03
C VAL A 41 12.85 -21.00 -19.44
N ARG A 42 12.79 -21.52 -20.67
CA ARG A 42 13.82 -22.42 -21.18
C ARG A 42 15.19 -21.75 -21.22
N ILE A 43 15.20 -20.46 -21.58
CA ILE A 43 16.42 -19.66 -21.66
C ILE A 43 16.93 -19.34 -20.24
N ILE A 44 15.98 -19.00 -19.36
CA ILE A 44 16.27 -18.68 -17.96
C ILE A 44 16.86 -19.86 -17.21
N ASP A 45 16.42 -21.08 -17.52
CA ASP A 45 16.84 -22.23 -16.73
C ASP A 45 18.12 -22.84 -17.31
N THR A 46 19.14 -22.02 -17.47
CA THR A 46 20.42 -22.45 -18.01
C THR A 46 21.56 -21.93 -17.14
N PRO A 47 22.72 -22.57 -17.18
CA PRO A 47 23.86 -22.05 -16.41
C PRO A 47 24.22 -20.60 -16.78
N GLN A 48 24.03 -20.24 -18.06
CA GLN A 48 24.49 -18.95 -18.55
C GLN A 48 23.61 -17.81 -18.03
N PHE A 49 22.31 -18.07 -17.89
CA PHE A 49 21.43 -17.08 -17.28
C PHE A 49 21.50 -17.13 -15.72
N GLN A 50 21.44 -18.32 -15.11
CA GLN A 50 21.40 -18.42 -13.64
C GLN A 50 22.67 -17.83 -13.04
N ARG A 51 23.72 -17.74 -13.86
CA ARG A 51 24.96 -17.07 -13.49
C ARG A 51 24.72 -15.68 -12.89
N LEU A 52 23.72 -14.97 -13.42
CA LEU A 52 23.41 -13.60 -12.98
C LEU A 52 22.91 -13.53 -11.54
N ARG A 53 22.61 -14.69 -10.94
CA ARG A 53 22.29 -14.77 -9.52
C ARG A 53 23.52 -14.44 -8.67
N TYR A 54 24.70 -14.59 -9.26
CA TYR A 54 25.96 -14.49 -8.52
C TYR A 54 26.72 -13.21 -8.75
N ILE A 55 26.04 -12.21 -9.31
CA ILE A 55 26.65 -10.90 -9.53
C ILE A 55 25.81 -9.77 -8.97
N LYS A 56 26.36 -9.00 -8.03
CA LYS A 56 25.62 -7.92 -7.38
C LYS A 56 25.32 -6.79 -8.39
N GLN A 57 24.09 -6.29 -8.39
CA GLN A 57 23.70 -5.20 -9.29
C GLN A 57 24.62 -3.98 -9.12
N LEU A 58 24.81 -3.56 -7.86
CA LEU A 58 25.56 -2.34 -7.53
C LEU A 58 27.04 -2.57 -7.17
N GLY A 59 27.52 -3.81 -7.37
CA GLY A 59 28.92 -4.09 -7.13
C GLY A 59 29.27 -3.79 -5.69
N GLY A 60 30.27 -2.95 -5.50
CA GLY A 60 30.67 -2.54 -4.16
C GLY A 60 29.68 -1.69 -3.40
N GLY A 61 28.63 -1.21 -4.07
CA GLY A 61 27.59 -0.45 -3.40
C GLY A 61 27.08 -1.17 -2.15
N TYR A 62 27.02 -2.50 -2.23
CA TYR A 62 26.58 -3.32 -1.14
C TYR A 62 27.41 -3.06 0.13
N TYR A 63 28.68 -2.72 -0.01
CA TYR A 63 29.56 -2.54 1.15
C TYR A 63 29.37 -1.18 1.82
N VAL A 64 28.52 -0.35 1.21
CA VAL A 64 28.02 0.89 1.79
C VAL A 64 26.49 0.82 2.09
N PHE A 65 25.72 0.18 1.21
CA PHE A 65 24.27 0.10 1.36
C PHE A 65 23.84 -1.34 1.62
N PRO A 66 23.65 -1.68 2.89
CA PRO A 66 23.39 -3.04 3.32
C PRO A 66 22.13 -3.62 2.72
N GLY A 67 21.22 -2.78 2.27
CA GLY A 67 20.02 -3.26 1.61
C GLY A 67 20.24 -3.68 0.17
N ALA A 68 21.42 -3.39 -0.38
CA ALA A 68 21.68 -3.57 -1.81
C ALA A 68 22.27 -4.93 -2.15
N SER A 69 21.64 -5.96 -1.63
CA SER A 69 22.04 -7.34 -1.86
C SER A 69 21.61 -7.85 -3.24
N HIS A 70 20.84 -7.06 -3.97
CA HIS A 70 20.24 -7.62 -5.20
C HIS A 70 21.25 -7.88 -6.32
N ASN A 71 20.89 -8.85 -7.15
CA ASN A 71 21.78 -9.35 -8.19
C ASN A 71 21.26 -9.04 -9.59
N ARG A 72 22.07 -9.33 -10.59
CA ARG A 72 21.68 -9.07 -11.98
C ARG A 72 20.46 -9.89 -12.40
N PHE A 73 20.30 -11.05 -11.79
CA PHE A 73 19.25 -11.99 -12.15
C PHE A 73 17.87 -11.36 -12.05
N GLU A 74 17.50 -10.85 -10.86
CA GLU A 74 16.15 -10.33 -10.63
C GLU A 74 15.91 -9.06 -11.45
N HIS A 75 16.95 -8.29 -11.66
CA HIS A 75 16.85 -7.13 -12.54
C HIS A 75 16.48 -7.58 -13.97
N SER A 76 17.16 -8.61 -14.48
CA SER A 76 16.94 -9.11 -15.83
C SER A 76 15.52 -9.67 -16.04
N LEU A 77 14.99 -10.38 -15.03
CA LEU A 77 13.60 -10.85 -15.12
C LEU A 77 12.67 -9.64 -15.29
N GLY A 78 12.97 -8.57 -14.54
CA GLY A 78 12.19 -7.33 -14.57
C GLY A 78 12.21 -6.65 -15.94
N VAL A 79 13.38 -6.57 -16.54
CA VAL A 79 13.50 -5.89 -17.80
C VAL A 79 12.79 -6.72 -18.85
N GLY A 80 12.87 -8.04 -18.71
CA GLY A 80 12.12 -8.92 -19.58
C GLY A 80 10.64 -8.66 -19.41
N TYR A 81 10.23 -8.48 -18.17
CA TYR A 81 8.81 -8.27 -17.88
C TYR A 81 8.31 -6.92 -18.43
N LEU A 82 9.02 -5.84 -18.11
CA LEU A 82 8.61 -4.53 -18.56
C LEU A 82 8.62 -4.44 -20.10
N ALA A 83 9.61 -5.07 -20.71
CA ALA A 83 9.73 -5.06 -22.16
C ALA A 83 8.44 -5.61 -22.77
N GLY A 84 8.03 -6.77 -22.28
CA GLY A 84 6.79 -7.38 -22.74
C GLY A 84 5.58 -6.48 -22.49
N CYS A 85 5.51 -5.82 -21.35
CA CYS A 85 4.37 -4.97 -21.03
C CYS A 85 4.18 -3.85 -22.04
N LEU A 86 5.27 -3.23 -22.44
CA LEU A 86 5.24 -2.08 -23.34
C LEU A 86 4.86 -2.46 -24.80
N VAL A 87 5.53 -3.45 -25.41
CA VAL A 87 5.12 -3.91 -26.74
C VAL A 87 3.64 -4.27 -26.78
N HIS A 88 3.20 -5.03 -25.79
CA HIS A 88 1.82 -5.48 -25.75
C HIS A 88 0.88 -4.30 -25.64
N ALA A 89 1.26 -3.31 -24.84
CA ALA A 89 0.41 -2.14 -24.69
C ALA A 89 0.32 -1.39 -26.01
N LEU A 90 1.47 -1.25 -26.67
CA LEU A 90 1.54 -0.60 -27.98
C LEU A 90 0.79 -1.39 -29.04
N GLY A 91 1.06 -2.70 -29.11
CA GLY A 91 0.41 -3.59 -30.06
C GLY A 91 -1.11 -3.66 -29.93
N GLU A 92 -1.59 -3.63 -28.69
CA GLU A 92 -3.03 -3.73 -28.44
C GLU A 92 -3.75 -2.42 -28.75
N LYS A 93 -3.14 -1.29 -28.41
CA LYS A 93 -3.78 0.02 -28.65
C LYS A 93 -3.64 0.53 -30.09
N GLN A 94 -2.61 0.07 -30.79
CA GLN A 94 -2.36 0.52 -32.15
C GLN A 94 -2.06 -0.66 -33.05
N PRO A 95 -3.11 -1.41 -33.43
CA PRO A 95 -2.99 -2.61 -34.27
C PRO A 95 -2.36 -2.33 -35.64
N GLU A 96 -2.33 -1.09 -36.07
CA GLU A 96 -1.79 -0.75 -37.38
C GLU A 96 -0.27 -0.99 -37.44
N LEU A 97 0.37 -1.01 -36.27
CA LEU A 97 1.82 -1.19 -36.15
C LEU A 97 2.22 -2.62 -36.52
N GLN A 98 1.21 -3.49 -36.50
CA GLN A 98 1.34 -4.90 -36.88
C GLN A 98 2.35 -5.63 -36.03
N ILE A 99 2.28 -5.44 -34.71
CA ILE A 99 3.22 -6.08 -33.81
C ILE A 99 2.79 -7.54 -33.64
N SER A 100 3.67 -8.45 -34.02
CA SER A 100 3.39 -9.90 -33.96
C SER A 100 3.77 -10.57 -32.64
N GLU A 101 3.24 -11.77 -32.40
CA GLU A 101 3.69 -12.56 -31.26
C GLU A 101 5.17 -12.87 -31.35
N ARG A 102 5.68 -13.02 -32.57
CA ARG A 102 7.10 -13.22 -32.76
C ARG A 102 7.89 -12.03 -32.23
N ASP A 103 7.40 -10.83 -32.51
CA ASP A 103 8.03 -9.61 -32.06
C ASP A 103 7.99 -9.49 -30.54
N VAL A 104 6.83 -9.73 -29.94
CA VAL A 104 6.68 -9.61 -28.49
C VAL A 104 7.67 -10.52 -27.73
N LEU A 105 7.79 -11.76 -28.19
CA LEU A 105 8.76 -12.70 -27.63
C LEU A 105 10.18 -12.20 -27.79
N CYS A 106 10.49 -11.64 -28.95
CA CYS A 106 11.86 -11.21 -29.23
C CYS A 106 12.28 -10.01 -28.38
N VAL A 107 11.30 -9.16 -28.09
CA VAL A 107 11.53 -8.01 -27.23
C VAL A 107 11.72 -8.50 -25.78
N GLN A 108 10.95 -9.50 -25.40
CA GLN A 108 11.11 -10.10 -24.07
C GLN A 108 12.45 -10.79 -23.87
N ILE A 109 12.89 -11.57 -24.86
CA ILE A 109 14.20 -12.22 -24.80
C ILE A 109 15.31 -11.17 -24.71
N ALA A 110 15.17 -10.10 -25.48
CA ALA A 110 16.13 -9.01 -25.42
C ALA A 110 16.19 -8.39 -24.03
N GLY A 111 15.02 -8.14 -23.45
CA GLY A 111 14.93 -7.61 -22.10
C GLY A 111 15.62 -8.51 -21.11
N LEU A 112 15.31 -9.80 -21.20
CA LEU A 112 15.83 -10.81 -20.27
C LEU A 112 17.33 -10.91 -20.36
N CYS A 113 17.85 -10.85 -21.59
CA CYS A 113 19.25 -11.15 -21.82
C CYS A 113 20.19 -9.97 -21.96
N HIS A 114 19.68 -8.75 -21.83
CA HIS A 114 20.48 -7.54 -22.12
C HIS A 114 21.70 -7.42 -21.19
N ASP A 115 21.57 -7.96 -19.98
CA ASP A 115 22.65 -7.90 -19.01
C ASP A 115 23.47 -9.20 -18.86
N LEU A 116 23.26 -10.17 -19.74
CA LEU A 116 24.01 -11.41 -19.70
C LEU A 116 25.54 -11.25 -19.61
N GLY A 117 26.03 -10.15 -20.16
CA GLY A 117 27.47 -9.96 -20.26
C GLY A 117 28.16 -9.33 -19.08
N HIS A 118 27.41 -8.93 -18.05
CA HIS A 118 28.02 -8.31 -16.89
C HIS A 118 28.96 -9.31 -16.23
N GLY A 119 30.03 -8.78 -15.64
CA GLY A 119 31.02 -9.57 -14.94
C GLY A 119 30.99 -9.30 -13.45
N PRO A 120 31.99 -9.84 -12.73
CA PRO A 120 32.01 -9.76 -11.26
C PRO A 120 31.86 -8.31 -10.81
N PHE A 121 30.90 -8.05 -9.92
CA PHE A 121 30.62 -6.71 -9.40
C PHE A 121 30.21 -5.69 -10.50
N SER A 122 29.62 -6.22 -11.59
CA SER A 122 29.03 -5.40 -12.65
C SER A 122 29.95 -4.33 -13.23
N HIS A 123 29.54 -3.07 -13.08
CA HIS A 123 30.21 -1.96 -13.76
C HIS A 123 31.65 -1.77 -13.34
N MET A 124 32.01 -2.32 -12.19
CA MET A 124 33.39 -2.32 -11.78
C MET A 124 34.22 -3.08 -12.79
N PHE A 125 33.65 -4.15 -13.33
CA PHE A 125 34.40 -5.02 -14.21
C PHE A 125 34.70 -4.42 -15.58
N ASP A 126 33.68 -3.99 -16.31
CA ASP A 126 33.97 -3.42 -17.62
C ASP A 126 34.34 -1.94 -17.57
N GLY A 127 33.98 -1.24 -16.50
CA GLY A 127 34.24 0.18 -16.43
C GLY A 127 35.62 0.50 -15.85
N ARG A 128 36.18 -0.42 -15.07
CA ARG A 128 37.50 -0.18 -14.49
C ARG A 128 38.50 -1.33 -14.67
N PHE A 129 38.15 -2.50 -14.16
CA PHE A 129 39.09 -3.61 -14.14
C PHE A 129 39.65 -3.97 -15.53
N ILE A 130 38.78 -4.33 -16.47
CA ILE A 130 39.28 -4.68 -17.79
C ILE A 130 40.11 -3.55 -18.45
N PRO A 131 39.66 -2.28 -18.37
CA PRO A 131 40.52 -1.19 -18.89
C PRO A 131 41.93 -1.17 -18.31
N LEU A 132 42.04 -1.42 -17.01
CA LEU A 132 43.32 -1.42 -16.33
C LEU A 132 44.13 -2.66 -16.64
N ALA A 133 43.47 -3.80 -16.81
CA ALA A 133 44.16 -5.07 -17.06
C ALA A 133 44.60 -5.17 -18.52
N ARG A 134 43.76 -4.70 -19.44
CA ARG A 134 44.01 -4.81 -20.88
C ARG A 134 43.60 -3.51 -21.59
N PRO A 135 44.43 -2.47 -21.49
CA PRO A 135 44.14 -1.12 -22.01
C PRO A 135 43.88 -1.14 -23.51
N GLU A 136 44.48 -2.12 -24.16
CA GLU A 136 44.43 -2.34 -25.61
C GLU A 136 43.06 -2.80 -26.08
N VAL A 137 42.36 -3.49 -25.19
CA VAL A 137 41.09 -4.14 -25.47
C VAL A 137 39.94 -3.14 -25.40
N LYS A 138 39.00 -3.23 -26.34
CA LYS A 138 37.74 -2.50 -26.22
C LYS A 138 36.61 -3.49 -26.00
N TRP A 139 36.02 -3.35 -24.81
CA TRP A 139 35.08 -4.29 -24.27
C TRP A 139 33.99 -3.59 -23.47
N THR A 140 32.75 -3.95 -23.76
CA THR A 140 31.63 -3.49 -22.97
C THR A 140 30.86 -4.74 -22.54
N HIS A 141 30.10 -4.64 -21.44
CA HIS A 141 29.36 -5.81 -20.97
C HIS A 141 28.23 -6.12 -21.96
N GLU A 142 27.78 -5.10 -22.68
CA GLU A 142 26.80 -5.29 -23.74
C GLU A 142 27.36 -6.21 -24.82
N GLN A 143 28.63 -6.00 -25.15
CA GLN A 143 29.30 -6.90 -26.08
C GLN A 143 29.23 -8.29 -25.50
N GLY A 144 29.59 -8.38 -24.22
CA GLY A 144 29.45 -9.61 -23.45
C GLY A 144 28.07 -10.23 -23.55
N SER A 145 27.03 -9.42 -23.42
CA SER A 145 25.68 -9.95 -23.47
C SER A 145 25.39 -10.61 -24.81
N VAL A 146 25.90 -10.02 -25.89
CA VAL A 146 25.72 -10.62 -27.18
C VAL A 146 26.42 -11.98 -27.25
N MET A 147 27.68 -12.02 -26.81
CA MET A 147 28.47 -13.24 -26.81
C MET A 147 27.87 -14.32 -25.92
N MET A 148 27.50 -13.92 -24.71
CA MET A 148 26.95 -14.85 -23.73
C MET A 148 25.59 -15.38 -24.19
N PHE A 149 24.84 -14.54 -24.88
CA PHE A 149 23.55 -14.96 -25.41
C PHE A 149 23.73 -15.99 -26.49
N GLU A 150 24.75 -15.79 -27.31
CA GLU A 150 25.07 -16.73 -28.37
C GLU A 150 25.51 -18.04 -27.73
N HIS A 151 26.42 -17.93 -26.76
CA HIS A 151 26.89 -19.10 -26.02
C HIS A 151 25.69 -19.84 -25.38
N LEU A 152 24.73 -19.07 -24.89
CA LEU A 152 23.58 -19.67 -24.21
C LEU A 152 22.72 -20.50 -25.13
N ILE A 153 22.41 -19.95 -26.31
CA ILE A 153 21.49 -20.60 -27.24
C ILE A 153 22.13 -21.85 -27.84
N ASN A 154 23.44 -21.80 -28.07
CA ASN A 154 24.14 -22.95 -28.62
C ASN A 154 24.30 -24.08 -27.65
N SER A 155 24.76 -23.74 -26.45
CA SER A 155 24.98 -24.69 -25.38
C SER A 155 23.71 -25.46 -24.96
N ASN A 156 22.58 -24.78 -25.00
CA ASN A 156 21.35 -25.37 -24.53
C ASN A 156 20.28 -25.70 -25.56
N GLY A 157 20.62 -25.64 -26.85
CA GLY A 157 19.70 -26.05 -27.90
C GLY A 157 18.39 -25.27 -27.94
N ILE A 158 18.49 -23.94 -27.84
CA ILE A 158 17.31 -23.09 -27.80
C ILE A 158 16.73 -22.85 -29.19
N LYS A 159 17.57 -22.89 -30.22
CA LYS A 159 17.11 -22.58 -31.57
C LYS A 159 15.93 -23.44 -32.02
N PRO A 160 16.01 -24.78 -31.84
CA PRO A 160 14.79 -25.57 -32.13
C PRO A 160 13.58 -25.10 -31.32
N VAL A 161 13.78 -24.78 -30.04
CA VAL A 161 12.69 -24.32 -29.17
C VAL A 161 12.15 -22.98 -29.70
N MET A 162 13.04 -22.15 -30.25
CA MET A 162 12.59 -20.91 -30.86
C MET A 162 11.68 -21.18 -32.05
N GLU A 163 12.12 -22.08 -32.92
CA GLU A 163 11.34 -22.42 -34.12
C GLU A 163 9.99 -23.00 -33.72
N GLN A 164 10.01 -23.83 -32.68
CA GLN A 164 8.80 -24.47 -32.17
C GLN A 164 7.75 -23.42 -31.83
N TYR A 165 8.20 -22.28 -31.33
CA TYR A 165 7.27 -21.21 -30.95
C TYR A 165 7.11 -20.10 -32.01
N GLY A 166 7.62 -20.32 -33.21
CA GLY A 166 7.28 -19.42 -34.30
C GLY A 166 8.32 -18.37 -34.57
N LEU A 167 9.51 -18.54 -33.99
CA LEU A 167 10.62 -17.64 -34.23
C LEU A 167 11.49 -18.16 -35.38
N ILE A 168 12.00 -17.25 -36.18
CA ILE A 168 12.95 -17.63 -37.20
C ILE A 168 14.33 -17.25 -36.68
N PRO A 169 15.11 -18.26 -36.26
CA PRO A 169 16.34 -17.98 -35.53
C PRO A 169 17.37 -17.03 -36.15
N GLU A 170 17.72 -17.05 -37.43
CA GLU A 170 18.85 -16.15 -37.70
C GLU A 170 18.38 -14.75 -38.06
N GLU A 171 17.07 -14.59 -38.29
CA GLU A 171 16.51 -13.23 -38.27
C GLU A 171 16.33 -12.71 -36.86
N ASP A 172 15.78 -13.54 -35.99
CA ASP A 172 15.35 -13.06 -34.69
C ASP A 172 16.51 -12.92 -33.71
N ILE A 173 17.44 -13.86 -33.75
CA ILE A 173 18.62 -13.78 -32.91
C ILE A 173 19.36 -12.49 -33.21
N CYS A 174 19.40 -12.14 -34.49
CA CYS A 174 19.98 -10.88 -34.93
C CYS A 174 19.18 -9.71 -34.35
N PHE A 175 17.86 -9.78 -34.43
CA PHE A 175 17.00 -8.75 -33.84
C PHE A 175 17.30 -8.57 -32.32
N ILE A 176 17.35 -9.71 -31.63
CA ILE A 176 17.58 -9.71 -30.22
C ILE A 176 18.95 -9.10 -29.85
N LYS A 177 20.00 -9.54 -30.53
CA LYS A 177 21.33 -8.96 -30.31
C LYS A 177 21.39 -7.45 -30.60
N GLU A 178 20.73 -7.03 -31.68
CA GLU A 178 20.71 -5.61 -32.04
C GLU A 178 19.95 -4.77 -31.01
N GLN A 179 18.90 -5.34 -30.43
CA GLN A 179 18.19 -4.66 -29.35
C GLN A 179 19.09 -4.38 -28.15
N ILE A 180 20.20 -5.13 -28.03
CA ILE A 180 21.09 -5.03 -26.88
C ILE A 180 22.31 -4.16 -27.16
N VAL A 181 23.07 -4.53 -28.17
CA VAL A 181 24.34 -3.84 -28.40
C VAL A 181 24.24 -2.74 -29.46
N GLY A 182 23.09 -2.60 -30.11
CA GLY A 182 22.94 -1.62 -31.15
C GLY A 182 23.28 -2.12 -32.54
N PRO A 183 23.30 -1.23 -33.55
CA PRO A 183 23.58 -1.66 -34.92
C PRO A 183 24.96 -2.28 -35.06
N LEU A 184 25.00 -3.47 -35.64
CA LEU A 184 26.21 -4.29 -35.70
C LEU A 184 27.27 -3.76 -36.68
N ASP A 190 25.84 6.01 -43.47
CA ASP A 190 25.26 7.12 -42.72
C ASP A 190 23.79 7.39 -43.08
N SER A 191 22.96 7.58 -42.04
CA SER A 191 21.47 7.66 -42.15
C SER A 191 20.77 6.66 -43.10
N LEU A 192 21.50 5.66 -43.59
CA LEU A 192 20.83 4.48 -44.11
C LEU A 192 20.38 3.70 -42.88
N TRP A 193 19.38 2.84 -43.06
CA TRP A 193 18.83 2.08 -41.95
C TRP A 193 19.78 0.96 -41.60
N PRO A 194 20.40 1.06 -40.41
CA PRO A 194 21.50 0.20 -39.96
C PRO A 194 21.08 -1.19 -39.47
N TYR A 195 19.81 -1.40 -39.13
CA TYR A 195 19.42 -2.64 -38.47
C TYR A 195 18.99 -3.74 -39.45
N LYS A 196 19.67 -4.89 -39.39
CA LYS A 196 19.32 -6.04 -40.24
C LYS A 196 18.21 -6.93 -39.65
N GLY A 197 17.94 -6.80 -38.35
CA GLY A 197 17.02 -7.72 -37.69
C GLY A 197 15.54 -7.40 -37.89
N ARG A 198 15.22 -6.13 -38.07
CA ARG A 198 13.85 -5.69 -38.34
C ARG A 198 13.85 -4.49 -39.29
N PRO A 199 12.80 -4.37 -40.10
CA PRO A 199 12.65 -3.26 -41.05
C PRO A 199 12.28 -1.96 -40.34
N GLU A 200 12.43 -0.85 -41.07
CA GLU A 200 12.25 0.48 -40.50
C GLU A 200 10.82 0.81 -40.02
N ASN A 201 9.81 0.09 -40.51
CA ASN A 201 8.45 0.41 -40.10
C ASN A 201 8.18 -0.10 -38.67
N LYS A 202 9.04 -0.98 -38.19
CA LYS A 202 8.98 -1.41 -36.80
C LYS A 202 10.06 -0.75 -35.92
N SER A 203 10.73 0.28 -36.44
CA SER A 203 11.89 0.90 -35.77
C SER A 203 11.70 1.22 -34.28
N PHE A 204 10.47 1.54 -33.88
CA PHE A 204 10.14 1.85 -32.49
C PHE A 204 10.46 0.71 -31.51
N LEU A 205 10.52 -0.52 -32.03
CA LEU A 205 10.88 -1.68 -31.21
C LEU A 205 12.26 -1.54 -30.60
N TYR A 206 13.17 -0.88 -31.32
CA TYR A 206 14.56 -0.73 -30.88
C TYR A 206 14.69 0.33 -29.78
N GLU A 207 13.58 0.98 -29.45
CA GLU A 207 13.53 1.99 -28.40
C GLU A 207 13.07 1.43 -27.05
N ILE A 208 12.77 0.13 -27.00
CA ILE A 208 12.19 -0.47 -25.80
C ILE A 208 13.20 -0.88 -24.72
N VAL A 209 14.12 -1.77 -25.06
CA VAL A 209 15.12 -2.29 -24.13
C VAL A 209 16.27 -1.31 -23.91
N SER A 210 16.82 -0.81 -24.99
CA SER A 210 17.87 0.18 -24.88
C SER A 210 17.62 1.35 -25.84
N ASN A 211 17.40 2.51 -25.21
CA ASN A 211 17.18 3.76 -25.89
C ASN A 211 18.28 4.77 -25.61
N LYS A 212 19.15 4.99 -26.61
CA LYS A 212 20.32 5.85 -26.41
C LYS A 212 20.10 7.31 -26.79
N ARG A 213 19.04 7.59 -27.54
CA ARG A 213 18.65 8.97 -27.77
C ARG A 213 18.13 9.69 -26.52
N ASN A 214 17.06 9.21 -25.90
CA ASN A 214 16.49 9.93 -24.76
C ASN A 214 16.64 9.22 -23.40
N GLY A 215 17.33 8.09 -23.38
CA GLY A 215 17.55 7.35 -22.15
C GLY A 215 16.29 6.94 -21.38
N ILE A 216 15.21 6.73 -22.13
CA ILE A 216 13.99 6.20 -21.57
C ILE A 216 13.73 4.82 -22.13
N ASP A 217 13.91 3.81 -21.28
CA ASP A 217 13.67 2.44 -21.69
C ASP A 217 13.36 1.61 -20.44
N VAL A 218 12.94 0.38 -20.69
CA VAL A 218 12.49 -0.50 -19.62
C VAL A 218 13.63 -0.94 -18.73
N ASP A 219 14.84 -0.95 -19.26
CA ASP A 219 16.02 -1.27 -18.46
C ASP A 219 16.14 -0.27 -17.29
N LYS A 220 16.13 1.02 -17.62
CA LYS A 220 16.29 2.05 -16.60
C LYS A 220 15.11 2.00 -15.64
N TRP A 221 13.91 1.78 -16.17
CA TRP A 221 12.72 1.75 -15.32
C TRP A 221 12.85 0.73 -14.21
N ASP A 222 13.29 -0.47 -14.59
CA ASP A 222 13.46 -1.53 -13.62
C ASP A 222 14.53 -1.17 -12.60
N TYR A 223 15.73 -0.81 -13.04
CA TYR A 223 16.75 -0.61 -12.03
C TYR A 223 16.54 0.66 -11.21
N PHE A 224 15.91 1.69 -11.78
CA PHE A 224 15.51 2.85 -10.98
C PHE A 224 14.61 2.37 -9.84
N ALA A 225 13.54 1.66 -10.17
CA ALA A 225 12.63 1.16 -9.15
C ALA A 225 13.30 0.15 -8.19
N ARG A 226 14.16 -0.70 -8.72
CA ARG A 226 14.75 -1.78 -7.95
C ARG A 226 15.84 -1.30 -7.01
N ASP A 227 16.71 -0.43 -7.55
CA ASP A 227 17.75 0.19 -6.75
C ASP A 227 17.11 1.04 -5.65
N CYS A 228 16.10 1.82 -6.00
CA CYS A 228 15.39 2.60 -5.00
C CYS A 228 14.85 1.75 -3.83
N HIS A 229 14.18 0.67 -4.21
CA HIS A 229 13.65 -0.28 -3.28
C HIS A 229 14.73 -0.80 -2.31
N HIS A 230 15.91 -1.15 -2.83
CA HIS A 230 16.95 -1.70 -1.97
C HIS A 230 17.76 -0.63 -1.26
N LEU A 231 17.85 0.57 -1.82
CA LEU A 231 18.63 1.61 -1.18
C LEU A 231 17.80 2.41 -0.17
N GLY A 232 16.48 2.25 -0.23
CA GLY A 232 15.59 3.05 0.59
C GLY A 232 15.58 4.51 0.17
N ILE A 233 15.45 4.72 -1.14
CA ILE A 233 15.36 6.04 -1.78
C ILE A 233 14.05 6.10 -2.52
N GLN A 234 13.32 7.20 -2.42
CA GLN A 234 11.99 7.24 -3.03
C GLN A 234 12.03 7.43 -4.53
N ASN A 235 11.23 6.64 -5.21
CA ASN A 235 11.16 6.64 -6.65
C ASN A 235 9.84 7.24 -7.06
N ASN A 236 9.89 8.42 -7.65
CA ASN A 236 8.66 9.12 -7.97
C ASN A 236 8.25 8.80 -9.40
N PHE A 237 9.07 8.04 -10.12
CA PHE A 237 8.65 7.67 -11.47
C PHE A 237 7.73 6.48 -11.45
N ASP A 238 6.54 6.64 -12.01
CA ASP A 238 5.62 5.52 -12.16
C ASP A 238 5.62 5.04 -13.60
N TYR A 239 6.21 3.88 -13.84
CA TYR A 239 6.32 3.36 -15.20
C TYR A 239 4.98 2.84 -15.69
N LYS A 240 4.11 2.38 -14.78
CA LYS A 240 2.82 1.84 -15.18
C LYS A 240 2.01 2.90 -15.90
N ARG A 241 2.04 4.10 -15.35
CA ARG A 241 1.35 5.22 -15.93
C ARG A 241 1.88 5.51 -17.32
N PHE A 242 3.20 5.67 -17.43
CA PHE A 242 3.84 5.94 -18.70
C PHE A 242 3.53 4.87 -19.76
N ILE A 243 3.50 3.59 -19.36
CA ILE A 243 3.18 2.54 -20.32
C ILE A 243 1.72 2.65 -20.77
N LYS A 244 0.86 2.98 -19.80
CA LYS A 244 -0.57 3.15 -20.06
C LYS A 244 -0.80 4.18 -21.15
N PHE A 245 -0.04 5.27 -21.12
CA PHE A 245 -0.24 6.39 -22.05
C PHE A 245 0.71 6.44 -23.25
N ALA A 246 1.65 5.49 -23.35
CA ALA A 246 2.58 5.49 -24.47
C ALA A 246 1.89 5.25 -25.83
N ARG A 247 2.29 6.01 -26.85
CA ARG A 247 1.82 5.80 -28.23
C ARG A 247 3.01 5.91 -29.16
N VAL A 248 2.95 5.21 -30.29
CA VAL A 248 3.95 5.35 -31.34
C VAL A 248 3.46 6.37 -32.34
N CYS A 249 4.26 7.42 -32.54
CA CYS A 249 3.88 8.47 -33.47
C CYS A 249 5.01 8.87 -34.41
N GLU A 250 4.65 9.74 -35.34
CA GLU A 250 5.42 10.36 -36.41
C GLU A 250 6.33 11.38 -35.79
N VAL A 251 7.64 11.23 -35.93
CA VAL A 251 8.51 12.35 -35.56
C VAL A 251 9.59 12.54 -36.60
N ASP A 252 9.55 13.58 -37.45
CA ASP A 252 10.60 13.76 -38.48
C ASP A 252 10.75 12.46 -39.24
N ASN A 253 9.73 12.02 -39.98
CA ASN A 253 10.03 10.90 -40.88
C ASN A 253 10.08 9.54 -40.12
N GLU A 254 10.11 9.64 -38.79
CA GLU A 254 10.63 8.59 -37.92
C GLU A 254 9.55 8.04 -37.00
N LEU A 255 9.44 6.73 -36.89
CA LEU A 255 8.49 6.15 -35.93
C LEU A 255 9.11 6.05 -34.54
N ARG A 256 8.51 6.75 -33.59
CA ARG A 256 9.07 6.77 -32.24
C ARG A 256 8.01 6.72 -31.13
N ILE A 257 8.45 6.22 -29.99
CA ILE A 257 7.59 6.12 -28.82
C ILE A 257 7.39 7.47 -28.16
N CYS A 258 6.15 7.84 -27.91
CA CYS A 258 5.87 9.18 -27.41
C CYS A 258 5.02 9.17 -26.16
N ALA A 259 5.16 10.22 -25.36
CA ALA A 259 4.41 10.32 -24.12
C ALA A 259 3.20 11.25 -24.28
N ARG A 260 2.16 10.95 -23.52
CA ARG A 260 1.01 11.82 -23.47
C ARG A 260 1.36 13.12 -22.76
N ASP A 261 0.69 14.21 -23.14
CA ASP A 261 1.03 15.51 -22.57
C ASP A 261 0.92 15.56 -21.04
N LYS A 262 0.00 14.81 -20.43
CA LYS A 262 -0.14 14.94 -18.98
C LYS A 262 0.92 14.12 -18.26
N GLU A 263 1.73 13.37 -19.01
CA GLU A 263 2.77 12.58 -18.38
C GLU A 263 4.09 13.31 -18.20
N VAL A 264 4.13 14.57 -18.65
CA VAL A 264 5.33 15.38 -18.53
C VAL A 264 5.83 15.41 -17.07
N GLY A 265 4.91 15.50 -16.11
CA GLY A 265 5.29 15.54 -14.71
C GLY A 265 5.95 14.24 -14.24
N ASN A 266 5.45 13.14 -14.75
CA ASN A 266 6.03 11.84 -14.49
C ASN A 266 7.47 11.76 -15.06
N LEU A 267 7.69 12.21 -16.30
CA LEU A 267 9.04 12.20 -16.90
C LEU A 267 10.02 13.08 -16.13
N TYR A 268 9.57 14.21 -15.60
CA TYR A 268 10.45 15.06 -14.83
C TYR A 268 10.88 14.32 -13.58
N ASP A 269 9.94 13.55 -13.01
CA ASP A 269 10.24 12.73 -11.83
C ASP A 269 11.24 11.64 -12.16
N MET A 270 11.13 11.04 -13.34
CA MET A 270 12.07 9.99 -13.77
C MET A 270 13.48 10.59 -13.80
N PHE A 271 13.62 11.77 -14.40
CA PHE A 271 14.95 12.39 -14.50
C PHE A 271 15.53 12.78 -13.14
N HIS A 272 14.69 13.19 -12.20
CA HIS A 272 15.22 13.50 -10.88
C HIS A 272 15.56 12.26 -10.08
N THR A 273 14.83 11.18 -10.31
CA THR A 273 15.16 9.98 -9.58
C THR A 273 16.51 9.49 -10.07
N ARG A 274 16.71 9.53 -11.38
CA ARG A 274 17.97 9.16 -12.00
C ARG A 274 19.10 10.01 -11.41
N ASN A 275 18.86 11.31 -11.35
CA ASN A 275 19.86 12.17 -10.77
C ASN A 275 20.11 11.81 -9.32
N SER A 276 19.06 11.53 -8.55
CA SER A 276 19.24 11.15 -7.16
C SER A 276 20.06 9.87 -7.02
N LEU A 277 19.74 8.87 -7.84
CA LEU A 277 20.46 7.63 -7.77
C LEU A 277 21.92 7.81 -8.11
N HIS A 278 22.20 8.62 -9.11
CA HIS A 278 23.58 8.86 -9.51
C HIS A 278 24.33 9.60 -8.41
N ARG A 279 23.70 10.59 -7.79
CA ARG A 279 24.38 11.42 -6.82
C ARG A 279 24.59 10.70 -5.49
N ARG A 280 23.55 9.98 -5.05
CA ARG A 280 23.58 9.33 -3.76
C ARG A 280 24.21 7.93 -3.73
N ALA A 281 24.09 7.17 -4.82
CA ALA A 281 24.50 5.77 -4.80
C ALA A 281 25.68 5.51 -5.73
N TYR A 282 25.49 5.65 -7.05
CA TYR A 282 26.53 5.29 -8.00
C TYR A 282 27.79 6.14 -7.82
N GLN A 283 27.66 7.36 -7.32
CA GLN A 283 28.83 8.22 -7.10
C GLN A 283 29.31 8.24 -5.64
N HIS A 284 28.76 7.36 -4.84
CA HIS A 284 29.10 7.31 -3.44
C HIS A 284 30.61 7.20 -3.24
N LYS A 285 31.18 7.99 -2.33
CA LYS A 285 32.65 8.01 -2.17
C LYS A 285 33.26 6.69 -1.72
N VAL A 286 32.75 6.13 -0.62
CA VAL A 286 33.29 4.88 -0.10
C VAL A 286 32.94 3.75 -1.02
N GLY A 287 31.73 3.77 -1.57
CA GLY A 287 31.33 2.74 -2.50
C GLY A 287 32.37 2.60 -3.61
N ASN A 288 32.74 3.73 -4.23
CA ASN A 288 33.76 3.69 -5.28
C ASN A 288 35.20 3.39 -4.83
N ILE A 289 35.62 3.89 -3.68
CA ILE A 289 36.90 3.50 -3.10
C ILE A 289 36.96 1.96 -3.00
N ILE A 290 35.91 1.35 -2.43
CA ILE A 290 35.84 -0.10 -2.29
C ILE A 290 35.88 -0.82 -3.64
N ASP A 291 35.19 -0.31 -4.65
CA ASP A 291 35.29 -0.96 -5.95
C ASP A 291 36.70 -0.86 -6.57
N THR A 292 37.48 0.16 -6.22
CA THR A 292 38.84 0.19 -6.72
C THR A 292 39.73 -0.76 -5.95
N MET A 293 39.39 -0.97 -4.67
CA MET A 293 40.13 -1.94 -3.88
C MET A 293 39.91 -3.34 -4.44
N ILE A 294 38.66 -3.67 -4.75
CA ILE A 294 38.39 -4.98 -5.34
C ILE A 294 39.13 -5.14 -6.67
N THR A 295 39.13 -4.07 -7.46
CA THR A 295 39.85 -4.08 -8.72
C THR A 295 41.35 -4.27 -8.47
N ASP A 296 41.88 -3.54 -7.50
CA ASP A 296 43.30 -3.69 -7.15
C ASP A 296 43.60 -5.13 -6.74
N ALA A 297 42.65 -5.77 -6.05
CA ALA A 297 42.85 -7.15 -5.68
C ALA A 297 42.84 -8.06 -6.90
N PHE A 298 41.89 -7.83 -7.80
CA PHE A 298 41.79 -8.66 -9.00
C PHE A 298 43.08 -8.59 -9.82
N LEU A 299 43.64 -7.39 -9.94
CA LEU A 299 44.87 -7.21 -10.70
C LEU A 299 46.01 -8.04 -10.09
N LYS A 300 46.13 -7.95 -8.78
CA LYS A 300 47.13 -8.70 -8.04
C LYS A 300 46.84 -10.18 -8.01
N ALA A 301 45.62 -10.55 -8.32
CA ALA A 301 45.31 -11.96 -8.37
C ALA A 301 45.33 -12.47 -9.79
N ASP A 302 45.32 -11.55 -10.75
CA ASP A 302 45.05 -11.97 -12.12
C ASP A 302 46.09 -12.96 -12.56
N ASP A 303 47.37 -12.76 -12.29
CA ASP A 303 48.36 -13.75 -12.75
C ASP A 303 48.15 -15.17 -12.22
N TYR A 304 47.65 -15.33 -11.00
CA TYR A 304 47.56 -16.62 -10.28
C TYR A 304 46.26 -17.48 -10.26
N ILE A 305 45.14 -17.00 -10.84
CA ILE A 305 43.86 -17.76 -10.80
C ILE A 305 43.42 -18.31 -12.19
N GLU A 306 43.44 -19.65 -12.40
CA GLU A 306 42.96 -20.24 -13.69
C GLU A 306 41.47 -20.57 -13.75
N ILE A 307 40.76 -20.07 -14.76
CA ILE A 307 39.37 -20.47 -14.98
C ILE A 307 39.38 -21.32 -16.25
N THR A 308 38.79 -22.50 -16.18
CA THR A 308 38.88 -23.43 -17.30
C THR A 308 37.78 -23.13 -18.32
N GLY A 309 38.19 -22.75 -19.53
CA GLY A 309 37.24 -22.47 -20.59
C GLY A 309 37.04 -23.58 -21.60
N ALA A 310 36.48 -23.21 -22.75
CA ALA A 310 36.20 -24.18 -23.82
C ALA A 310 37.48 -24.81 -24.35
N GLY A 311 37.38 -26.08 -24.72
CA GLY A 311 38.51 -26.84 -25.22
C GLY A 311 39.57 -27.06 -24.17
N GLY A 312 39.17 -26.96 -22.91
CA GLY A 312 40.08 -27.15 -21.79
C GLY A 312 41.14 -26.08 -21.63
N LYS A 313 41.17 -25.09 -22.52
CA LYS A 313 42.15 -24.01 -22.43
C LYS A 313 41.96 -23.27 -21.11
N LYS A 314 43.06 -22.71 -20.60
CA LYS A 314 43.03 -22.00 -19.34
C LYS A 314 42.94 -20.48 -19.56
N TYR A 315 42.03 -19.84 -18.84
CA TYR A 315 41.89 -18.40 -18.92
C TYR A 315 42.08 -17.79 -17.56
N ARG A 316 42.41 -16.51 -17.58
CA ARG A 316 42.61 -15.78 -16.37
C ARG A 316 41.39 -14.84 -16.22
N ILE A 317 41.33 -14.06 -15.14
CA ILE A 317 40.18 -13.19 -14.89
C ILE A 317 39.99 -12.23 -16.04
N SER A 318 41.06 -11.57 -16.44
CA SER A 318 41.00 -10.57 -17.51
C SER A 318 40.82 -11.18 -18.89
N THR A 319 41.24 -12.42 -19.10
CA THR A 319 41.05 -13.04 -20.41
C THR A 319 39.78 -13.87 -20.49
N ALA A 320 39.13 -14.05 -19.35
CA ALA A 320 37.92 -14.86 -19.33
C ALA A 320 36.85 -14.28 -20.28
N ILE A 321 36.89 -12.97 -20.53
CA ILE A 321 35.95 -12.34 -21.49
C ILE A 321 36.16 -12.88 -22.92
N ASP A 322 37.30 -13.51 -23.17
CA ASP A 322 37.55 -14.02 -24.50
C ASP A 322 36.80 -15.32 -24.76
N ASP A 323 36.47 -16.07 -23.71
CA ASP A 323 35.79 -17.33 -23.92
C ASP A 323 34.59 -17.47 -22.99
N MET A 324 33.42 -17.61 -23.59
CA MET A 324 32.18 -17.62 -22.82
C MET A 324 32.01 -18.82 -21.87
N GLU A 325 32.72 -19.92 -22.12
CA GLU A 325 32.63 -21.06 -21.22
C GLU A 325 33.35 -20.74 -19.92
N ALA A 326 34.50 -20.10 -20.04
CA ALA A 326 35.23 -19.65 -18.86
C ALA A 326 34.44 -18.54 -18.16
N TYR A 327 33.89 -17.62 -18.95
CA TYR A 327 33.20 -16.46 -18.42
C TYR A 327 31.97 -16.82 -17.63
N THR A 328 31.32 -17.90 -18.05
CA THR A 328 30.15 -18.40 -17.35
C THR A 328 30.45 -18.70 -15.88
N LYS A 329 31.66 -19.18 -15.60
CA LYS A 329 32.07 -19.55 -14.25
C LYS A 329 32.72 -18.35 -13.53
N LEU A 330 32.68 -17.18 -14.17
CA LEU A 330 33.27 -15.98 -13.54
C LEU A 330 32.20 -15.02 -12.96
N THR A 331 32.09 -15.03 -11.64
CA THR A 331 31.07 -14.27 -10.90
C THR A 331 31.66 -13.67 -9.64
N ASP A 332 30.80 -13.13 -8.77
CA ASP A 332 31.30 -12.49 -7.53
C ASP A 332 32.08 -13.49 -6.67
N ASN A 333 31.84 -14.78 -6.94
CA ASN A 333 32.54 -15.85 -6.29
C ASN A 333 34.05 -15.65 -6.23
N ILE A 334 34.60 -15.05 -7.28
CA ILE A 334 36.02 -14.78 -7.36
C ILE A 334 36.50 -13.91 -6.19
N PHE A 335 35.60 -13.09 -5.63
CA PHE A 335 35.95 -12.28 -4.47
C PHE A 335 36.27 -13.17 -3.28
N LEU A 336 35.41 -14.16 -3.03
CA LEU A 336 35.61 -15.05 -1.87
C LEU A 336 36.75 -16.03 -2.13
N GLU A 337 36.83 -16.49 -3.39
CA GLU A 337 37.90 -17.40 -3.78
C GLU A 337 39.26 -16.82 -3.40
N ILE A 338 39.49 -15.57 -3.77
CA ILE A 338 40.69 -14.86 -3.36
C ILE A 338 40.79 -14.70 -1.83
N LEU A 339 39.70 -14.28 -1.18
CA LEU A 339 39.70 -14.06 0.28
C LEU A 339 39.99 -15.34 1.12
N TYR A 340 39.45 -16.47 0.69
CA TYR A 340 39.52 -17.73 1.46
C TYR A 340 40.77 -18.53 1.11
N SER A 341 41.50 -18.06 0.09
CA SER A 341 42.60 -18.82 -0.51
C SER A 341 43.79 -19.02 0.43
N THR A 342 44.43 -20.19 0.34
CA THR A 342 45.65 -20.47 1.10
C THR A 342 46.93 -20.15 0.32
N ASP A 343 46.82 -20.11 -1.00
CA ASP A 343 47.96 -19.97 -1.91
C ASP A 343 48.79 -18.73 -1.56
N PRO A 344 50.09 -18.93 -1.28
CA PRO A 344 50.92 -17.76 -0.92
C PRO A 344 51.17 -16.84 -2.12
N LYS A 345 50.92 -17.32 -3.33
CA LYS A 345 50.94 -16.46 -4.51
C LYS A 345 49.87 -15.38 -4.44
N LEU A 346 48.77 -15.71 -3.78
CA LEU A 346 47.62 -14.81 -3.69
C LEU A 346 47.61 -13.93 -2.46
N LYS A 347 48.66 -13.97 -1.66
CA LYS A 347 48.65 -13.21 -0.40
C LYS A 347 48.47 -11.69 -0.58
N ASP A 348 49.02 -11.11 -1.65
CA ASP A 348 48.92 -9.66 -1.86
C ASP A 348 47.49 -9.22 -2.15
N ALA A 349 46.83 -9.97 -3.03
CA ALA A 349 45.43 -9.80 -3.33
C ALA A 349 44.57 -10.02 -2.08
N ARG A 350 44.84 -11.14 -1.44
CA ARG A 350 44.11 -11.52 -0.25
C ARG A 350 44.15 -10.44 0.84
N GLU A 351 45.31 -9.80 0.97
CA GLU A 351 45.51 -8.84 2.04
C GLU A 351 44.70 -7.56 1.81
N ILE A 352 44.53 -7.20 0.55
CA ILE A 352 43.72 -6.04 0.19
C ILE A 352 42.25 -6.34 0.48
N LEU A 353 41.79 -7.53 0.07
CA LEU A 353 40.42 -7.90 0.39
C LEU A 353 40.20 -7.98 1.89
N LYS A 354 41.20 -8.49 2.61
CA LYS A 354 41.09 -8.51 4.05
C LYS A 354 41.02 -7.10 4.62
N GLN A 355 41.70 -6.15 4.00
CA GLN A 355 41.64 -4.81 4.57
CA GLN A 355 41.65 -4.75 4.43
C GLN A 355 40.24 -4.22 4.37
N ILE A 356 39.51 -4.65 3.32
CA ILE A 356 38.11 -4.23 3.14
C ILE A 356 37.25 -4.69 4.32
N GLU A 357 37.38 -5.97 4.65
CA GLU A 357 36.69 -6.57 5.80
C GLU A 357 36.96 -5.80 7.07
N TYR A 358 38.21 -5.44 7.32
CA TYR A 358 38.56 -4.70 8.54
C TYR A 358 38.20 -3.23 8.41
N ARG A 359 37.77 -2.85 7.21
CA ARG A 359 37.42 -1.47 6.89
C ARG A 359 38.65 -0.55 7.02
N ASN A 360 39.81 -1.05 6.61
CA ASN A 360 40.97 -0.19 6.42
C ASN A 360 41.08 0.05 4.92
N LEU A 361 40.62 1.21 4.49
CA LEU A 361 40.37 1.41 3.07
C LEU A 361 41.35 2.40 2.49
N PHE A 362 41.45 2.43 1.18
CA PHE A 362 42.24 3.47 0.53
C PHE A 362 41.72 4.79 1.06
N LYS A 363 42.59 5.76 1.34
CA LYS A 363 42.01 6.96 1.91
C LYS A 363 41.83 8.03 0.81
N TYR A 364 40.75 8.79 0.95
CA TYR A 364 40.28 9.71 -0.07
C TYR A 364 41.07 11.02 -0.08
N VAL A 365 41.73 11.29 -1.20
CA VAL A 365 42.48 12.53 -1.38
C VAL A 365 41.64 13.70 -1.94
N GLY A 366 40.97 13.51 -3.07
CA GLY A 366 40.15 14.58 -3.58
C GLY A 366 39.42 14.30 -4.89
N GLU A 367 38.65 15.29 -5.31
CA GLU A 367 37.86 15.15 -6.52
C GLU A 367 38.13 16.32 -7.48
N THR A 368 38.11 16.05 -8.78
CA THR A 368 38.24 17.09 -9.81
C THR A 368 37.42 16.70 -11.03
N GLN A 369 37.13 17.67 -11.89
CA GLN A 369 36.46 17.39 -13.17
C GLN A 369 37.23 18.02 -14.32
N PRO A 370 37.22 17.36 -15.49
CA PRO A 370 37.84 17.89 -16.71
C PRO A 370 36.95 18.91 -17.43
N THR A 371 36.61 20.00 -16.76
CA THR A 371 35.63 20.89 -17.35
C THR A 371 36.27 21.71 -18.45
N GLY A 372 35.54 21.86 -19.54
CA GLY A 372 36.05 22.48 -20.75
C GLY A 372 37.31 21.82 -21.32
N GLN A 373 37.64 20.63 -20.83
CA GLN A 373 38.75 19.85 -21.36
C GLN A 373 38.27 18.58 -22.08
N ILE A 374 39.21 17.78 -22.56
CA ILE A 374 38.87 16.55 -23.25
C ILE A 374 38.75 15.54 -22.14
N LYS A 375 37.75 14.66 -22.22
CA LYS A 375 37.51 13.75 -21.10
C LYS A 375 38.48 12.58 -21.18
N ILE A 376 38.84 12.02 -20.03
CA ILE A 376 39.77 10.87 -19.98
C ILE A 376 39.18 9.62 -20.62
N LYS A 377 39.97 8.92 -21.43
CA LYS A 377 39.43 7.74 -22.12
C LYS A 377 39.97 6.48 -21.46
N ARG A 378 39.19 5.41 -21.55
CA ARG A 378 39.47 4.14 -20.86
C ARG A 378 40.91 3.64 -21.05
N GLU A 379 41.43 3.73 -22.28
CA GLU A 379 42.80 3.28 -22.60
C GLU A 379 43.90 4.06 -21.87
N ASP A 380 43.55 5.19 -21.27
CA ASP A 380 44.52 5.95 -20.51
C ASP A 380 44.42 5.73 -19.02
N TYR A 381 43.45 4.92 -18.57
CA TYR A 381 43.26 4.79 -17.13
C TYR A 381 44.54 4.35 -16.44
N GLU A 382 45.18 3.29 -16.95
CA GLU A 382 46.40 2.79 -16.30
C GLU A 382 47.50 3.85 -16.19
N SER A 383 47.57 4.76 -17.16
CA SER A 383 48.66 5.72 -17.14
C SER A 383 48.53 6.73 -16.00
N LEU A 384 47.31 6.88 -15.48
CA LEU A 384 47.00 8.01 -14.61
C LEU A 384 47.74 8.12 -13.26
N PRO A 385 47.90 7.01 -12.50
CA PRO A 385 48.63 7.16 -11.24
C PRO A 385 50.05 7.63 -11.49
N LYS A 386 50.59 7.21 -12.62
CA LYS A 386 51.95 7.56 -12.95
C LYS A 386 52.09 9.06 -13.16
N GLU A 387 51.08 9.65 -13.82
CA GLU A 387 50.98 11.11 -13.96
C GLU A 387 50.87 11.83 -12.61
N VAL A 388 50.07 11.30 -11.71
CA VAL A 388 49.91 11.91 -10.40
C VAL A 388 51.23 11.89 -9.64
N ALA A 389 51.87 10.72 -9.61
CA ALA A 389 53.14 10.53 -8.89
C ALA A 389 54.28 11.33 -9.53
N SER A 390 54.13 11.67 -10.81
CA SER A 390 55.16 12.40 -11.53
C SER A 390 54.94 13.91 -11.52
N ALA A 391 53.86 14.37 -10.91
CA ALA A 391 53.63 15.80 -10.82
C ALA A 391 54.71 16.34 -9.92
N LYS A 392 54.98 17.63 -10.00
CA LYS A 392 55.94 18.20 -9.08
C LYS A 392 55.21 19.19 -8.19
N PRO A 393 54.83 18.71 -7.01
CA PRO A 393 53.95 19.38 -6.04
C PRO A 393 54.41 20.73 -5.47
N LYS A 394 55.58 21.26 -5.79
CA LYS A 394 56.33 21.71 -4.64
C LYS A 394 56.03 23.23 -4.30
N VAL A 395 56.16 23.66 -3.02
CA VAL A 395 57.23 23.28 -2.04
C VAL A 395 57.47 21.76 -1.75
N LEU A 396 58.66 21.20 -2.06
CA LEU A 396 58.98 19.77 -1.86
C LEU A 396 58.79 19.38 -0.43
N LEU A 397 58.28 18.15 -0.30
CA LEU A 397 57.91 17.58 0.97
C LEU A 397 58.78 16.40 1.30
N ASP A 398 58.89 16.18 2.62
CA ASP A 398 59.82 15.22 3.19
C ASP A 398 59.33 13.81 2.98
N VAL A 399 58.12 13.72 2.43
CA VAL A 399 57.59 12.44 2.00
C VAL A 399 57.28 12.51 0.51
N LYS A 400 57.72 11.49 -0.23
CA LYS A 400 57.37 11.31 -1.63
C LYS A 400 56.87 9.90 -1.95
N LEU A 401 55.99 9.84 -2.95
CA LEU A 401 55.19 8.66 -3.28
C LEU A 401 55.40 8.12 -4.70
N LYS A 402 55.49 6.81 -4.83
CA LYS A 402 55.50 6.15 -6.14
C LYS A 402 54.09 6.08 -6.75
N ALA A 403 53.99 5.69 -8.01
CA ALA A 403 52.70 5.54 -8.66
C ALA A 403 51.86 4.42 -8.03
N GLU A 404 52.52 3.42 -7.45
CA GLU A 404 51.77 2.31 -6.84
C GLU A 404 51.05 2.78 -5.59
N ASP A 405 51.35 3.98 -5.12
CA ASP A 405 50.74 4.49 -3.92
C ASP A 405 49.41 5.20 -4.21
N PHE A 406 49.17 5.47 -5.50
CA PHE A 406 47.99 6.21 -5.92
C PHE A 406 46.96 5.35 -6.64
N ILE A 407 45.69 5.66 -6.40
CA ILE A 407 44.59 5.11 -7.16
C ILE A 407 43.82 6.29 -7.70
N VAL A 408 43.62 6.33 -9.00
CA VAL A 408 42.88 7.41 -9.63
C VAL A 408 41.59 6.89 -10.27
N ASP A 409 40.47 7.40 -9.78
CA ASP A 409 39.18 6.78 -10.07
C ASP A 409 38.38 7.63 -11.04
N VAL A 410 38.05 7.07 -12.19
CA VAL A 410 37.30 7.82 -13.17
C VAL A 410 35.85 7.40 -13.12
N ILE A 411 35.00 8.33 -12.68
CA ILE A 411 33.59 8.03 -12.52
C ILE A 411 32.77 8.73 -13.57
N ASN A 412 32.21 7.94 -14.48
CA ASN A 412 31.40 8.45 -15.59
C ASN A 412 29.90 8.22 -15.38
N MET A 413 29.08 9.23 -15.61
CA MET A 413 27.64 9.00 -15.59
C MET A 413 27.30 8.12 -16.79
N ASP A 414 27.53 8.65 -17.99
CA ASP A 414 27.47 7.82 -19.19
C ASP A 414 28.83 7.91 -19.93
N TYR A 415 29.57 6.81 -20.03
CA TYR A 415 30.92 6.88 -20.63
C TYR A 415 30.86 7.14 -22.16
N GLY A 416 31.74 8.01 -22.64
CA GLY A 416 31.83 8.33 -24.05
C GLY A 416 30.54 8.88 -24.64
N MET A 417 29.89 9.77 -23.90
CA MET A 417 28.63 10.34 -24.35
C MET A 417 28.70 11.85 -24.11
N GLN A 418 28.25 12.61 -25.09
CA GLN A 418 28.33 14.05 -25.01
C GLN A 418 27.22 14.54 -24.10
N GLU A 419 27.39 15.74 -23.58
CA GLU A 419 26.40 16.27 -22.68
C GLU A 419 25.14 16.66 -23.45
N LYS A 420 24.01 16.07 -23.08
CA LYS A 420 22.78 16.41 -23.75
C LYS A 420 21.66 16.55 -22.74
N ASN A 421 20.70 17.41 -23.04
CA ASN A 421 19.49 17.53 -22.23
C ASN A 421 18.43 16.61 -22.86
N PRO A 422 18.06 15.53 -22.15
CA PRO A 422 17.19 14.45 -22.65
C PRO A 422 15.72 14.80 -22.83
N ILE A 423 15.19 15.82 -22.14
CA ILE A 423 13.79 16.17 -22.36
C ILE A 423 13.66 16.62 -23.82
N ASP A 424 14.71 17.29 -24.29
CA ASP A 424 14.91 17.55 -25.71
C ASP A 424 15.25 16.16 -26.21
N HIS A 425 14.53 15.67 -27.21
CA HIS A 425 14.63 14.30 -27.79
C HIS A 425 13.53 13.40 -27.21
N VAL A 426 12.70 13.93 -26.32
CA VAL A 426 11.44 13.25 -26.02
C VAL A 426 10.31 13.94 -26.79
N SER A 427 9.50 13.17 -27.52
CA SER A 427 8.34 13.72 -28.19
C SER A 427 7.04 13.38 -27.46
N PHE A 428 6.15 14.36 -27.38
CA PHE A 428 4.86 14.17 -26.72
C PHE A 428 3.74 14.15 -27.75
N TYR A 429 2.53 13.81 -27.33
CA TYR A 429 1.37 13.86 -28.23
C TYR A 429 0.14 14.35 -27.50
N CYS A 430 -0.78 14.95 -28.26
CA CYS A 430 -2.02 15.48 -27.72
C CYS A 430 -3.18 14.50 -27.97
N LYS A 431 -4.14 14.47 -27.06
CA LYS A 431 -5.31 13.60 -27.21
C LYS A 431 -6.09 13.88 -28.53
N THR A 432 -6.33 15.17 -28.83
CA THR A 432 -7.13 15.58 -29.99
C THR A 432 -6.38 15.41 -31.32
N ALA A 433 -5.10 15.11 -31.21
CA ALA A 433 -4.22 14.80 -32.33
C ALA A 433 -3.39 13.62 -31.88
N PRO A 434 -4.03 12.43 -31.79
CA PRO A 434 -3.53 11.18 -31.17
C PRO A 434 -2.23 10.81 -31.81
N ASN A 435 -2.18 11.00 -33.12
CA ASN A 435 -0.95 10.97 -33.87
C ASN A 435 -0.66 12.29 -34.51
N ARG A 436 0.12 13.12 -33.78
CA ARG A 436 1.32 13.88 -34.24
C ARG A 436 2.08 14.51 -33.05
N ALA A 437 3.40 14.44 -33.11
CA ALA A 437 4.25 14.94 -32.03
C ALA A 437 4.05 16.44 -31.89
N ILE A 438 4.32 16.96 -30.70
CA ILE A 438 4.11 18.37 -30.43
C ILE A 438 5.39 19.18 -30.64
N SER A 446 14.02 24.54 -18.35
CA SER A 446 14.54 23.28 -17.84
C SER A 446 15.73 23.46 -16.89
N GLN A 447 15.74 24.49 -16.04
CA GLN A 447 16.69 24.47 -14.93
C GLN A 447 15.92 24.20 -13.63
N LEU A 448 14.69 23.72 -13.83
CA LEU A 448 14.00 22.96 -12.82
C LEU A 448 14.37 21.48 -13.00
N LEU A 449 15.08 21.18 -14.11
CA LEU A 449 15.56 19.84 -14.39
C LEU A 449 17.00 19.61 -13.91
N PRO A 450 17.46 18.34 -13.89
CA PRO A 450 18.87 18.09 -13.58
C PRO A 450 19.78 18.67 -14.67
N GLU A 451 20.86 19.34 -14.28
CA GLU A 451 21.79 20.06 -15.17
C GLU A 451 22.61 19.01 -15.94
N LYS A 452 23.16 18.19 -15.08
CA LYS A 452 24.00 17.02 -15.13
C LYS A 452 23.56 15.75 -15.89
N PHE A 453 23.83 15.54 -17.17
CA PHE A 453 23.53 14.15 -17.62
C PHE A 453 24.71 13.28 -18.11
N ALA A 454 25.85 13.90 -18.41
CA ALA A 454 27.07 13.14 -18.65
C ALA A 454 28.23 13.89 -18.01
N GLU A 455 28.78 13.30 -16.96
CA GLU A 455 29.88 13.94 -16.30
C GLU A 455 31.04 13.01 -16.28
N GLN A 456 32.21 13.59 -16.08
CA GLN A 456 33.36 12.81 -15.71
C GLN A 456 33.79 13.39 -14.39
N LEU A 457 33.94 12.51 -13.42
CA LEU A 457 34.42 12.88 -12.10
C LEU A 457 35.72 12.12 -12.00
N ILE A 458 36.73 12.76 -11.45
CA ILE A 458 38.00 12.10 -11.31
C ILE A 458 38.33 12.23 -9.85
N ARG A 459 38.47 11.10 -9.16
CA ARG A 459 38.85 11.12 -7.77
C ARG A 459 40.21 10.47 -7.61
N VAL A 460 40.89 10.83 -6.53
CA VAL A 460 42.16 10.23 -6.24
C VAL A 460 42.20 9.68 -4.80
N TYR A 461 42.67 8.44 -4.68
CA TYR A 461 42.85 7.85 -3.37
C TYR A 461 44.33 7.58 -3.16
N CYS A 462 44.74 7.51 -1.89
CA CYS A 462 46.10 7.16 -1.56
C CYS A 462 46.09 5.86 -0.76
N LYS A 463 46.99 4.93 -1.11
CA LYS A 463 47.05 3.67 -0.39
C LYS A 463 47.80 3.75 0.93
N LYS A 464 48.43 4.88 1.22
CA LYS A 464 49.11 4.99 2.50
C LYS A 464 48.38 5.96 3.43
N VAL A 465 48.16 5.50 4.64
CA VAL A 465 47.22 6.10 5.59
C VAL A 465 47.82 7.02 6.66
N ASP A 466 49.14 7.20 6.65
CA ASP A 466 49.77 8.05 7.65
C ASP A 466 49.56 9.54 7.34
N ARG A 467 49.43 10.34 8.38
CA ARG A 467 49.12 11.77 8.26
C ARG A 467 49.97 12.53 7.24
N LYS A 468 51.25 12.17 7.10
CA LYS A 468 52.16 12.93 6.25
C LYS A 468 52.21 12.46 4.80
N SER A 469 52.16 11.15 4.57
CA SER A 469 51.98 10.63 3.21
C SER A 469 50.72 11.18 2.60
N LEU A 470 49.67 11.23 3.41
CA LEU A 470 48.38 11.73 2.97
C LEU A 470 48.50 13.20 2.57
N TYR A 471 49.25 13.96 3.36
CA TYR A 471 49.50 15.36 3.05
C TYR A 471 50.27 15.49 1.72
N ALA A 472 51.25 14.61 1.51
CA ALA A 472 52.02 14.56 0.27
C ALA A 472 51.14 14.24 -0.93
N ALA A 473 50.40 13.14 -0.85
CA ALA A 473 49.49 12.72 -1.93
C ALA A 473 48.53 13.85 -2.35
N ARG A 474 48.06 14.65 -1.38
CA ARG A 474 47.20 15.80 -1.70
C ARG A 474 47.92 16.77 -2.63
N GLN A 475 49.19 17.03 -2.33
CA GLN A 475 49.93 18.02 -3.08
C GLN A 475 50.26 17.54 -4.49
N TYR A 476 50.64 16.28 -4.61
CA TYR A 476 50.75 15.65 -5.92
C TYR A 476 49.49 15.83 -6.75
N PHE A 477 48.36 15.63 -6.10
CA PHE A 477 47.06 15.66 -6.74
C PHE A 477 46.71 17.07 -7.17
N VAL A 478 46.91 18.03 -6.28
CA VAL A 478 46.60 19.41 -6.61
C VAL A 478 47.45 19.89 -7.79
N GLN A 479 48.71 19.48 -7.81
CA GLN A 479 49.58 19.85 -8.92
C GLN A 479 49.12 19.17 -10.19
N TRP A 480 48.80 17.89 -10.11
CA TRP A 480 48.31 17.13 -11.26
C TRP A 480 47.06 17.78 -11.90
N CYS A 481 46.13 18.25 -11.06
CA CYS A 481 44.95 18.92 -11.58
C CYS A 481 45.33 20.16 -12.37
N ALA A 482 46.21 20.98 -11.78
CA ALA A 482 46.73 22.20 -12.39
C ALA A 482 47.40 21.90 -13.74
N ASP A 483 48.19 20.82 -13.78
CA ASP A 483 48.97 20.50 -14.97
C ASP A 483 48.18 19.88 -16.07
N ARG A 484 46.98 19.45 -15.75
CA ARG A 484 46.07 18.95 -16.79
C ARG A 484 44.94 19.94 -17.02
N ASN A 485 45.03 21.05 -16.30
CA ASN A 485 44.07 22.14 -16.38
C ASN A 485 42.62 21.70 -16.10
N PHE A 486 42.48 20.67 -15.25
CA PHE A 486 41.17 20.27 -14.68
C PHE A 486 40.87 21.25 -13.56
N THR A 487 39.63 21.22 -13.08
CA THR A 487 39.19 22.12 -11.99
C THR A 487 39.98 21.94 -10.67
N LYS A 488 40.13 23.03 -9.91
CA LYS A 488 40.94 23.04 -8.70
C LYS A 488 40.21 22.36 -7.54
N PRO A 489 40.89 21.43 -6.88
CA PRO A 489 40.27 20.68 -5.78
C PRO A 489 39.80 21.59 -4.64
N GLN A 490 38.61 21.32 -4.12
CA GLN A 490 38.05 22.02 -2.96
C GLN A 490 38.63 21.49 -1.64
N ASP A 491 38.34 22.18 -0.53
CA ASP A 491 38.93 21.85 0.76
C ASP A 491 38.00 20.91 1.53
N MET B 23 30.51 7.76 15.59
CA MET B 23 29.19 7.26 15.22
C MET B 23 28.89 7.27 13.71
N LYS B 24 28.71 6.07 13.17
CA LYS B 24 28.44 5.90 11.75
C LYS B 24 26.94 5.82 11.54
N VAL B 25 26.51 6.32 10.38
CA VAL B 25 25.15 6.17 9.97
C VAL B 25 25.09 5.25 8.76
N ILE B 26 24.17 4.32 8.84
CA ILE B 26 23.91 3.37 7.77
C ILE B 26 22.49 3.58 7.30
N ASN B 27 22.30 3.78 5.99
CA ASN B 27 20.95 3.91 5.44
C ASN B 27 20.40 2.52 5.10
N ASP B 28 19.28 2.17 5.70
CA ASP B 28 18.70 0.84 5.55
C ASP B 28 17.27 0.91 5.03
N PRO B 29 16.94 0.05 4.04
CA PRO B 29 15.66 0.18 3.36
C PRO B 29 14.46 -0.05 4.27
N ILE B 30 14.64 -0.80 5.35
CA ILE B 30 13.56 -1.06 6.31
C ILE B 30 13.49 -0.03 7.44
N HIS B 31 14.61 0.25 8.10
CA HIS B 31 14.60 1.12 9.27
C HIS B 31 15.00 2.57 9.03
N GLY B 32 15.35 2.94 7.79
CA GLY B 32 15.87 4.26 7.50
C GLY B 32 17.29 4.45 8.00
N HIS B 33 17.57 5.56 8.69
CA HIS B 33 18.93 5.82 9.14
C HIS B 33 19.25 5.09 10.45
N ILE B 34 20.29 4.27 10.42
CA ILE B 34 20.72 3.53 11.60
C ILE B 34 22.05 4.08 12.10
N GLU B 35 22.06 4.61 13.32
CA GLU B 35 23.31 5.11 13.92
C GLU B 35 24.07 4.02 14.68
N LEU B 36 25.37 3.93 14.44
CA LEU B 36 26.17 2.90 15.07
C LEU B 36 27.26 3.49 15.95
N HIS B 37 27.20 3.14 17.23
CA HIS B 37 28.21 3.51 18.21
C HIS B 37 29.56 2.92 17.79
N PRO B 38 30.66 3.66 18.02
CA PRO B 38 32.00 3.23 17.62
C PRO B 38 32.32 1.79 18.04
N LEU B 39 31.85 1.39 19.23
CA LEU B 39 32.10 0.05 19.73
C LEU B 39 31.50 -1.01 18.85
N LEU B 40 30.26 -0.78 18.44
CA LEU B 40 29.57 -1.68 17.52
C LEU B 40 30.28 -1.66 16.16
N VAL B 41 30.73 -0.49 15.70
CA VAL B 41 31.44 -0.43 14.42
C VAL B 41 32.70 -1.31 14.46
N ARG B 42 33.40 -1.27 15.59
CA ARG B 42 34.57 -2.10 15.78
C ARG B 42 34.22 -3.57 15.64
N ILE B 43 33.07 -3.94 16.19
CA ILE B 43 32.61 -5.32 16.16
C ILE B 43 32.19 -5.76 14.77
N ILE B 44 31.52 -4.87 14.04
CA ILE B 44 31.04 -5.13 12.68
C ILE B 44 32.18 -5.32 11.67
N ASP B 45 33.25 -4.55 11.82
CA ASP B 45 34.30 -4.53 10.83
C ASP B 45 35.36 -5.59 11.13
N THR B 46 34.90 -6.84 11.23
CA THR B 46 35.76 -7.99 11.48
C THR B 46 35.42 -9.07 10.48
N PRO B 47 36.35 -9.98 10.18
CA PRO B 47 35.99 -11.07 9.25
C PRO B 47 34.83 -11.89 9.78
N GLN B 48 34.68 -11.96 11.11
CA GLN B 48 33.68 -12.83 11.72
C GLN B 48 32.26 -12.31 11.51
N PHE B 49 32.09 -11.01 11.57
CA PHE B 49 30.78 -10.40 11.26
C PHE B 49 30.54 -10.24 9.74
N GLN B 50 31.55 -9.79 9.00
CA GLN B 50 31.37 -9.47 7.56
C GLN B 50 31.00 -10.73 6.77
N ARG B 51 31.33 -11.85 7.37
CA ARG B 51 30.98 -13.16 6.87
C ARG B 51 29.48 -13.29 6.55
N LEU B 52 28.63 -12.65 7.37
CA LEU B 52 27.16 -12.76 7.19
C LEU B 52 26.64 -12.12 5.91
N ARG B 53 27.50 -11.38 5.21
CA ARG B 53 27.17 -10.83 3.88
C ARG B 53 27.04 -11.92 2.84
N TYR B 54 27.63 -13.07 3.13
CA TYR B 54 27.73 -14.17 2.18
C TYR B 54 26.79 -15.33 2.45
N ILE B 55 25.79 -15.10 3.31
CA ILE B 55 24.78 -16.11 3.67
C ILE B 55 23.34 -15.62 3.47
N LYS B 56 22.60 -16.28 2.58
CA LYS B 56 21.24 -15.83 2.24
C LYS B 56 20.33 -16.01 3.45
N GLN B 57 19.51 -14.99 3.73
CA GLN B 57 18.58 -15.05 4.86
C GLN B 57 17.64 -16.24 4.78
N LEU B 58 17.01 -16.39 3.60
CA LEU B 58 15.98 -17.40 3.34
C LEU B 58 16.52 -18.63 2.66
N GLY B 59 17.84 -18.73 2.55
CA GLY B 59 18.46 -19.92 1.99
C GLY B 59 18.01 -20.22 0.57
N GLY B 60 17.48 -21.42 0.37
CA GLY B 60 16.97 -21.80 -0.94
C GLY B 60 15.77 -21.00 -1.41
N GLY B 61 15.19 -20.19 -0.53
CA GLY B 61 14.08 -19.31 -0.88
C GLY B 61 14.33 -18.43 -2.11
N TYR B 62 15.57 -17.96 -2.25
CA TYR B 62 15.97 -17.13 -3.36
C TYR B 62 15.67 -17.79 -4.72
N TYR B 63 15.68 -19.13 -4.77
CA TYR B 63 15.48 -19.86 -6.04
C TYR B 63 14.02 -19.98 -6.43
N VAL B 64 13.16 -19.50 -5.55
CA VAL B 64 11.73 -19.39 -5.78
C VAL B 64 11.28 -17.95 -5.85
N PHE B 65 11.80 -17.15 -4.91
CA PHE B 65 11.44 -15.74 -4.76
C PHE B 65 12.64 -14.84 -5.07
N PRO B 66 12.72 -14.34 -6.31
CA PRO B 66 13.88 -13.56 -6.76
C PRO B 66 14.16 -12.29 -5.95
N GLY B 67 13.18 -11.77 -5.22
CA GLY B 67 13.46 -10.59 -4.39
C GLY B 67 14.20 -10.96 -3.10
N ALA B 68 14.34 -12.25 -2.81
CA ALA B 68 14.88 -12.72 -1.53
C ALA B 68 16.38 -12.92 -1.60
N SER B 69 17.06 -11.92 -2.15
CA SER B 69 18.51 -11.89 -2.24
C SER B 69 19.15 -11.45 -0.93
N HIS B 70 18.34 -11.04 0.04
CA HIS B 70 18.94 -10.48 1.26
C HIS B 70 19.70 -11.52 2.11
N ASN B 71 20.67 -10.99 2.85
CA ASN B 71 21.58 -11.81 3.64
C ASN B 71 21.51 -11.53 5.13
N ARG B 72 22.18 -12.38 5.91
CA ARG B 72 22.16 -12.28 7.36
C ARG B 72 22.73 -10.97 7.87
N PHE B 73 23.68 -10.42 7.11
CA PHE B 73 24.37 -9.19 7.51
C PHE B 73 23.37 -8.04 7.78
N GLU B 74 22.57 -7.71 6.76
CA GLU B 74 21.67 -6.58 6.91
C GLU B 74 20.57 -6.85 7.96
N HIS B 75 20.13 -8.10 8.07
CA HIS B 75 19.19 -8.51 9.11
C HIS B 75 19.78 -8.28 10.54
N SER B 76 21.04 -8.65 10.74
CA SER B 76 21.72 -8.46 12.00
C SER B 76 21.87 -6.97 12.38
N LEU B 77 22.21 -6.12 11.41
CA LEU B 77 22.26 -4.68 11.69
C LEU B 77 20.89 -4.21 12.14
N GLY B 78 19.85 -4.73 11.51
CA GLY B 78 18.50 -4.35 11.85
C GLY B 78 18.19 -4.70 13.28
N VAL B 79 18.51 -5.94 13.66
CA VAL B 79 18.17 -6.42 14.99
C VAL B 79 19.01 -5.69 16.04
N GLY B 80 20.26 -5.38 15.70
CA GLY B 80 21.08 -4.56 16.57
C GLY B 80 20.47 -3.19 16.77
N TYR B 81 19.94 -2.63 15.69
CA TYR B 81 19.29 -1.34 15.75
C TYR B 81 18.00 -1.38 16.58
N LEU B 82 17.10 -2.33 16.30
CA LEU B 82 15.82 -2.40 17.03
C LEU B 82 15.99 -2.71 18.51
N ALA B 83 16.95 -3.56 18.83
CA ALA B 83 17.24 -3.92 20.21
C ALA B 83 17.55 -2.65 21.00
N GLY B 84 18.40 -1.83 20.40
CA GLY B 84 18.79 -0.55 20.98
C GLY B 84 17.62 0.39 21.14
N CYS B 85 16.75 0.46 20.13
CA CYS B 85 15.61 1.35 20.16
C CYS B 85 14.69 1.01 21.33
N LEU B 86 14.55 -0.28 21.60
CA LEU B 86 13.67 -0.72 22.65
C LEU B 86 14.27 -0.42 24.05
N VAL B 87 15.51 -0.84 24.34
CA VAL B 87 16.14 -0.50 25.64
C VAL B 87 16.13 0.98 25.95
N HIS B 88 16.54 1.77 24.97
CA HIS B 88 16.63 3.20 25.13
C HIS B 88 15.24 3.80 25.42
N ALA B 89 14.21 3.28 24.75
CA ALA B 89 12.84 3.76 24.96
C ALA B 89 12.37 3.41 26.37
N LEU B 90 12.74 2.21 26.82
CA LEU B 90 12.39 1.81 28.17
C LEU B 90 13.12 2.63 29.22
N GLY B 91 14.43 2.78 29.05
CA GLY B 91 15.26 3.52 30.00
C GLY B 91 14.84 4.95 30.18
N GLU B 92 14.37 5.56 29.09
CA GLU B 92 13.94 6.94 29.13
C GLU B 92 12.56 7.10 29.77
N LYS B 93 11.63 6.21 29.44
CA LYS B 93 10.26 6.37 29.95
C LYS B 93 10.19 5.88 31.39
N GLN B 94 11.13 5.03 31.77
CA GLN B 94 11.18 4.53 33.13
C GLN B 94 12.61 4.57 33.65
N PRO B 95 13.10 5.77 34.01
CA PRO B 95 14.48 5.89 34.50
C PRO B 95 14.69 5.14 35.81
N GLU B 96 13.59 4.83 36.51
CA GLU B 96 13.64 4.14 37.80
C GLU B 96 14.12 2.73 37.56
N LEU B 97 14.01 2.28 36.30
CA LEU B 97 14.38 0.93 35.94
C LEU B 97 15.83 0.58 35.95
N GLN B 98 16.76 1.53 36.16
CA GLN B 98 18.22 1.27 36.29
C GLN B 98 18.98 1.05 35.00
N ILE B 99 18.39 1.40 33.86
CA ILE B 99 19.01 1.09 32.60
C ILE B 99 20.14 2.04 32.31
N SER B 100 21.35 1.49 32.28
CA SER B 100 22.60 2.21 32.04
C SER B 100 22.95 2.16 30.56
N GLU B 101 23.83 3.06 30.13
CA GLU B 101 24.38 3.03 28.79
C GLU B 101 25.13 1.72 28.54
N ARG B 102 25.72 1.16 29.59
CA ARG B 102 26.37 -0.14 29.50
C ARG B 102 25.37 -1.23 29.09
N ASP B 103 24.15 -1.14 29.61
CA ASP B 103 23.10 -2.08 29.25
C ASP B 103 22.70 -1.93 27.78
N VAL B 104 22.46 -0.69 27.37
CA VAL B 104 22.04 -0.36 26.02
C VAL B 104 23.03 -0.87 24.99
N LEU B 105 24.32 -0.66 25.26
CA LEU B 105 25.36 -1.17 24.37
C LEU B 105 25.35 -2.69 24.31
N CYS B 106 25.19 -3.32 25.48
CA CYS B 106 25.22 -4.78 25.62
C CYS B 106 24.01 -5.45 24.95
N VAL B 107 22.86 -4.79 24.99
CA VAL B 107 21.69 -5.33 24.30
C VAL B 107 21.87 -5.16 22.77
N GLN B 108 22.43 -4.01 22.36
CA GLN B 108 22.70 -3.79 20.94
C GLN B 108 23.69 -4.79 20.39
N ILE B 109 24.77 -5.08 21.10
CA ILE B 109 25.73 -6.11 20.66
C ILE B 109 25.04 -7.47 20.52
N ALA B 110 24.22 -7.81 21.50
CA ALA B 110 23.45 -9.07 21.47
C ALA B 110 22.55 -9.10 20.25
N GLY B 111 21.89 -7.98 19.98
CA GLY B 111 21.06 -7.85 18.82
C GLY B 111 21.90 -8.07 17.58
N LEU B 112 23.04 -7.42 17.58
CA LEU B 112 23.96 -7.44 16.45
C LEU B 112 24.53 -8.82 16.16
N CYS B 113 24.88 -9.56 17.20
CA CYS B 113 25.63 -10.79 17.01
C CYS B 113 24.80 -12.08 17.11
N HIS B 114 23.49 -11.94 17.30
CA HIS B 114 22.67 -13.11 17.63
C HIS B 114 22.64 -14.16 16.53
N ASP B 115 22.89 -13.75 15.29
CA ASP B 115 22.90 -14.66 14.14
C ASP B 115 24.31 -15.02 13.57
N LEU B 116 25.36 -14.59 14.27
CA LEU B 116 26.75 -14.85 13.85
C LEU B 116 26.96 -16.34 13.54
N GLY B 117 26.19 -17.20 14.20
CA GLY B 117 26.39 -18.63 14.08
C GLY B 117 25.75 -19.35 12.91
N HIS B 118 24.94 -18.63 12.12
CA HIS B 118 24.28 -19.23 10.98
C HIS B 118 25.32 -19.77 9.99
N GLY B 119 24.98 -20.86 9.31
CA GLY B 119 25.85 -21.45 8.30
C GLY B 119 25.27 -21.25 6.93
N PRO B 120 25.85 -21.90 5.90
CA PRO B 120 25.42 -21.71 4.51
C PRO B 120 23.91 -21.92 4.34
N PHE B 121 23.23 -20.94 3.74
CA PHE B 121 21.78 -20.99 3.49
C PHE B 121 20.95 -21.08 4.80
N SER B 122 21.53 -20.54 5.86
CA SER B 122 20.85 -20.35 7.11
C SER B 122 20.22 -21.65 7.65
N HIS B 123 18.89 -21.69 7.76
CA HIS B 123 18.21 -22.77 8.47
C HIS B 123 18.36 -24.13 7.83
N MET B 124 18.76 -24.14 6.56
CA MET B 124 19.11 -25.38 5.89
C MET B 124 20.30 -26.07 6.59
N PHE B 125 21.26 -25.26 7.07
CA PHE B 125 22.50 -25.81 7.63
C PHE B 125 22.30 -26.49 8.97
N ASP B 126 21.75 -25.76 9.94
CA ASP B 126 21.51 -26.35 11.25
C ASP B 126 20.19 -27.14 11.34
N GLY B 127 19.26 -26.92 10.41
CA GLY B 127 17.98 -27.58 10.46
C GLY B 127 17.91 -28.94 9.76
N ARG B 128 18.76 -29.15 8.76
CA ARG B 128 18.77 -30.40 8.01
C ARG B 128 20.18 -30.99 7.83
N PHE B 129 21.07 -30.19 7.25
CA PHE B 129 22.40 -30.67 6.86
C PHE B 129 23.20 -31.28 7.99
N ILE B 130 23.46 -30.51 9.04
CA ILE B 130 24.21 -31.01 10.19
C ILE B 130 23.53 -32.26 10.80
N PRO B 131 22.20 -32.24 11.01
CA PRO B 131 21.55 -33.49 11.46
C PRO B 131 21.83 -34.70 10.54
N LEU B 132 21.86 -34.47 9.23
CA LEU B 132 22.10 -35.57 8.28
C LEU B 132 23.57 -36.01 8.24
N ALA B 133 24.48 -35.07 8.42
CA ALA B 133 25.91 -35.36 8.31
C ALA B 133 26.48 -36.02 9.56
N ARG B 134 26.04 -35.50 10.70
CA ARG B 134 26.53 -35.90 11.99
C ARG B 134 25.38 -35.95 12.97
N PRO B 135 24.57 -37.03 12.89
CA PRO B 135 23.32 -37.19 13.66
C PRO B 135 23.52 -37.11 15.15
N GLU B 136 24.69 -37.54 15.60
CA GLU B 136 25.08 -37.66 17.01
C GLU B 136 25.32 -36.32 17.69
N VAL B 137 25.71 -35.32 16.90
CA VAL B 137 26.09 -33.99 17.36
C VAL B 137 24.86 -33.12 17.66
N LYS B 138 24.91 -32.30 18.70
CA LYS B 138 23.84 -31.34 18.87
C LYS B 138 24.35 -29.95 18.51
N TRP B 139 23.71 -29.36 17.51
CA TRP B 139 24.22 -28.09 16.98
C TRP B 139 23.06 -27.19 16.61
N THR B 140 23.11 -25.97 17.13
CA THR B 140 22.15 -24.93 16.76
C THR B 140 22.96 -23.72 16.32
N HIS B 141 22.40 -22.86 15.48
CA HIS B 141 23.18 -21.71 15.05
C HIS B 141 23.32 -20.71 16.21
N GLU B 142 22.39 -20.74 17.16
CA GLU B 142 22.52 -19.91 18.37
C GLU B 142 23.80 -20.28 19.14
N GLN B 143 24.09 -21.57 19.28
CA GLN B 143 25.34 -22.02 19.88
C GLN B 143 26.53 -21.43 19.11
N GLY B 144 26.49 -21.59 17.79
CA GLY B 144 27.45 -20.99 16.89
C GLY B 144 27.66 -19.50 17.12
N SER B 145 26.55 -18.80 17.31
CA SER B 145 26.62 -17.36 17.48
C SER B 145 27.45 -17.03 18.73
N VAL B 146 27.23 -17.78 19.81
CA VAL B 146 27.99 -17.61 21.04
C VAL B 146 29.49 -17.97 20.81
N MET B 147 29.75 -19.12 20.19
CA MET B 147 31.12 -19.50 19.89
C MET B 147 31.81 -18.46 18.98
N MET B 148 31.12 -18.05 17.91
CA MET B 148 31.70 -17.11 16.94
C MET B 148 31.92 -15.73 17.57
N PHE B 149 31.04 -15.36 18.50
CA PHE B 149 31.15 -14.09 19.19
C PHE B 149 32.39 -14.08 20.10
N GLU B 150 32.68 -15.21 20.74
CA GLU B 150 33.86 -15.31 21.58
C GLU B 150 35.08 -15.18 20.69
N HIS B 151 35.05 -15.92 19.58
CA HIS B 151 36.13 -15.87 18.60
C HIS B 151 36.30 -14.46 18.05
N LEU B 152 35.20 -13.75 17.86
CA LEU B 152 35.27 -12.41 17.29
C LEU B 152 36.00 -11.47 18.24
N ILE B 153 35.64 -11.49 19.51
CA ILE B 153 36.25 -10.58 20.48
C ILE B 153 37.71 -10.90 20.75
N ASN B 154 38.04 -12.19 20.78
CA ASN B 154 39.41 -12.59 21.06
C ASN B 154 40.31 -12.25 19.88
N SER B 155 39.87 -12.64 18.69
CA SER B 155 40.62 -12.42 17.46
C SER B 155 40.91 -10.97 17.17
N ASN B 156 39.98 -10.09 17.50
CA ASN B 156 40.10 -8.69 17.14
C ASN B 156 40.41 -7.69 18.27
N GLY B 157 40.69 -8.20 19.46
CA GLY B 157 41.05 -7.34 20.58
C GLY B 157 39.95 -6.35 20.96
N ILE B 158 38.74 -6.86 21.12
CA ILE B 158 37.57 -6.04 21.39
C ILE B 158 37.45 -5.62 22.85
N LYS B 159 37.98 -6.45 23.74
CA LYS B 159 37.84 -6.22 25.18
C LYS B 159 38.32 -4.82 25.67
N PRO B 160 39.53 -4.35 25.24
CA PRO B 160 39.91 -2.96 25.58
C PRO B 160 38.90 -1.92 25.15
N VAL B 161 38.38 -2.09 23.94
CA VAL B 161 37.42 -1.16 23.37
C VAL B 161 36.13 -1.15 24.18
N MET B 162 35.74 -2.32 24.70
CA MET B 162 34.55 -2.41 25.53
C MET B 162 34.78 -1.56 26.77
N GLU B 163 35.96 -1.75 27.35
CA GLU B 163 36.34 -1.04 28.55
C GLU B 163 36.37 0.48 28.38
N GLN B 164 36.85 0.98 27.25
CA GLN B 164 36.87 2.43 27.02
C GLN B 164 35.49 3.09 27.18
N TYR B 165 34.46 2.38 26.74
CA TYR B 165 33.10 2.88 26.72
C TYR B 165 32.31 2.42 27.95
N GLY B 166 33.00 1.80 28.90
CA GLY B 166 32.42 1.53 30.21
C GLY B 166 31.91 0.12 30.43
N LEU B 167 32.27 -0.80 29.53
CA LEU B 167 31.85 -2.18 29.66
C LEU B 167 32.86 -3.00 30.49
N ILE B 168 32.36 -3.90 31.33
CA ILE B 168 33.22 -4.86 32.02
C ILE B 168 33.14 -6.20 31.31
N PRO B 169 34.20 -6.56 30.60
CA PRO B 169 34.16 -7.70 29.70
C PRO B 169 33.66 -9.00 30.30
N GLU B 170 34.02 -9.44 31.50
CA GLU B 170 33.54 -10.80 31.75
C GLU B 170 32.18 -10.81 32.44
N GLU B 171 31.74 -9.65 32.92
CA GLU B 171 30.31 -9.46 33.27
C GLU B 171 29.43 -9.36 32.03
N ASP B 172 29.87 -8.52 31.12
CA ASP B 172 29.07 -8.14 29.99
C ASP B 172 29.04 -9.12 28.81
N ILE B 173 30.17 -9.74 28.52
CA ILE B 173 30.28 -10.77 27.50
C ILE B 173 29.32 -11.88 27.84
N CYS B 174 29.24 -12.19 29.13
CA CYS B 174 28.33 -13.21 29.63
C CYS B 174 26.87 -12.81 29.36
N PHE B 175 26.52 -11.58 29.72
CA PHE B 175 25.19 -11.02 29.44
C PHE B 175 24.84 -11.11 27.94
N ILE B 176 25.77 -10.67 27.10
CA ILE B 176 25.55 -10.70 25.66
C ILE B 176 25.30 -12.12 25.16
N LYS B 177 26.15 -13.07 25.54
CA LYS B 177 25.93 -14.46 25.16
C LYS B 177 24.60 -15.01 25.68
N GLU B 178 24.23 -14.65 26.91
CA GLU B 178 22.99 -15.17 27.49
C GLU B 178 21.77 -14.69 26.71
N GLN B 179 21.81 -13.45 26.24
CA GLN B 179 20.71 -12.90 25.48
C GLN B 179 20.47 -13.70 24.21
N ILE B 180 21.51 -14.40 23.78
CA ILE B 180 21.48 -15.07 22.50
C ILE B 180 21.09 -16.52 22.65
N VAL B 181 21.84 -17.28 23.43
CA VAL B 181 21.62 -18.72 23.52
C VAL B 181 20.76 -19.12 24.74
N GLY B 182 20.44 -18.15 25.59
CA GLY B 182 19.67 -18.42 26.79
C GLY B 182 20.55 -18.78 27.96
N PRO B 183 19.95 -19.18 29.10
CA PRO B 183 20.77 -19.50 30.28
C PRO B 183 21.74 -20.65 29.97
N LEU B 184 23.02 -20.44 30.26
CA LEU B 184 24.08 -21.36 29.81
C LEU B 184 24.02 -22.72 30.52
N GLU B 185 24.22 -22.74 31.82
CA GLU B 185 24.07 -23.97 32.59
C GLU B 185 22.59 -24.30 32.80
N ASP B 190 17.31 -25.11 39.57
CA ASP B 190 15.97 -24.95 38.99
C ASP B 190 15.02 -24.17 39.91
N SER B 191 14.30 -23.21 39.31
CA SER B 191 13.47 -22.21 40.00
C SER B 191 14.26 -21.10 40.71
N LEU B 192 15.58 -21.24 40.76
CA LEU B 192 16.44 -20.08 41.02
C LEU B 192 16.57 -19.25 39.75
N TRP B 193 17.12 -18.04 39.88
CA TRP B 193 17.35 -17.15 38.76
C TRP B 193 18.59 -17.64 38.03
N PRO B 194 18.40 -18.15 36.79
CA PRO B 194 19.44 -18.86 36.05
C PRO B 194 20.54 -17.99 35.42
N TYR B 195 20.29 -16.70 35.21
CA TYR B 195 21.21 -15.85 34.44
C TYR B 195 22.28 -15.18 35.30
N LYS B 196 23.54 -15.41 34.96
CA LYS B 196 24.67 -14.77 35.66
C LYS B 196 25.08 -13.38 35.15
N GLY B 197 24.65 -13.03 33.95
CA GLY B 197 25.13 -11.83 33.30
C GLY B 197 24.47 -10.56 33.82
N ARG B 198 23.25 -10.70 34.33
CA ARG B 198 22.53 -9.59 34.96
C ARG B 198 21.68 -10.07 36.14
N PRO B 199 21.45 -9.19 37.13
CA PRO B 199 20.60 -9.58 38.26
C PRO B 199 19.13 -9.64 37.84
N GLU B 200 18.30 -10.27 38.67
CA GLU B 200 16.90 -10.51 38.36
C GLU B 200 16.09 -9.20 38.19
N ASN B 201 16.59 -8.09 38.72
CA ASN B 201 15.89 -6.81 38.56
C ASN B 201 16.07 -6.25 37.14
N LYS B 202 17.03 -6.83 36.41
CA LYS B 202 17.23 -6.53 35.01
C LYS B 202 16.58 -7.57 34.06
N SER B 203 15.74 -8.45 34.62
CA SER B 203 15.17 -9.57 33.86
C SER B 203 14.52 -9.18 32.51
N PHE B 204 13.85 -8.04 32.46
CA PHE B 204 13.20 -7.55 31.24
C PHE B 204 14.16 -7.38 30.06
N LEU B 205 15.46 -7.17 30.35
CA LEU B 205 16.49 -7.06 29.30
C LEU B 205 16.63 -8.34 28.45
N TYR B 206 16.38 -9.49 29.06
CA TYR B 206 16.50 -10.78 28.39
C TYR B 206 15.32 -11.07 27.48
N GLU B 207 14.34 -10.16 27.48
CA GLU B 207 13.14 -10.32 26.64
C GLU B 207 13.22 -9.55 25.33
N ILE B 208 14.30 -8.80 25.13
CA ILE B 208 14.41 -7.91 23.97
C ILE B 208 14.89 -8.60 22.68
N VAL B 209 16.09 -9.19 22.72
CA VAL B 209 16.67 -9.82 21.53
C VAL B 209 16.03 -11.17 21.19
N SER B 210 15.86 -12.02 22.19
CA SER B 210 15.22 -13.32 21.99
C SER B 210 14.18 -13.62 23.08
N ASN B 211 12.91 -13.70 22.72
CA ASN B 211 11.89 -14.08 23.70
C ASN B 211 11.18 -15.38 23.31
N LYS B 212 11.46 -16.49 24.00
CA LYS B 212 10.89 -17.78 23.60
C LYS B 212 9.51 -17.84 24.19
N ARG B 213 9.44 -17.28 25.39
CA ARG B 213 8.21 -16.97 26.04
C ARG B 213 7.40 -15.96 25.21
N ASN B 214 6.35 -16.39 24.53
CA ASN B 214 5.45 -15.55 23.68
C ASN B 214 6.01 -15.12 22.29
N GLY B 215 7.25 -15.49 22.01
CA GLY B 215 7.85 -15.28 20.70
C GLY B 215 7.81 -13.88 20.10
N ILE B 216 7.80 -12.86 20.93
CA ILE B 216 7.81 -11.50 20.45
C ILE B 216 9.10 -10.78 20.83
N ASP B 217 9.91 -10.47 19.83
CA ASP B 217 11.21 -9.84 20.06
C ASP B 217 11.65 -9.01 18.84
N VAL B 218 12.76 -8.28 19.01
CA VAL B 218 13.23 -7.34 18.00
C VAL B 218 13.74 -8.09 16.76
N ASP B 219 14.23 -9.31 16.97
CA ASP B 219 14.66 -10.18 15.92
C ASP B 219 13.53 -10.50 14.94
N LYS B 220 12.40 -10.95 15.46
CA LYS B 220 11.29 -11.25 14.57
C LYS B 220 10.77 -10.00 13.90
N TRP B 221 10.72 -8.90 14.63
CA TRP B 221 10.23 -7.66 14.05
C TRP B 221 11.01 -7.33 12.81
N ASP B 222 12.34 -7.45 12.92
CA ASP B 222 13.17 -7.16 11.79
C ASP B 222 12.89 -8.08 10.62
N TYR B 223 12.98 -9.38 10.83
CA TYR B 223 12.86 -10.25 9.68
C TYR B 223 11.45 -10.40 9.16
N PHE B 224 10.43 -10.17 9.98
CA PHE B 224 9.08 -10.05 9.42
C PHE B 224 9.06 -8.91 8.38
N ALA B 225 9.50 -7.72 8.81
CA ALA B 225 9.52 -6.53 7.94
C ALA B 225 10.46 -6.72 6.75
N ARG B 226 11.61 -7.32 7.00
CA ARG B 226 12.60 -7.47 5.94
C ARG B 226 12.17 -8.55 4.97
N ASP B 227 11.70 -9.69 5.47
CA ASP B 227 11.25 -10.71 4.54
C ASP B 227 10.06 -10.22 3.69
N CYS B 228 9.10 -9.56 4.31
CA CYS B 228 7.96 -8.99 3.57
C CYS B 228 8.43 -8.01 2.48
N HIS B 229 9.31 -7.09 2.84
CA HIS B 229 9.86 -6.13 1.89
C HIS B 229 10.50 -6.81 0.66
N HIS B 230 11.29 -7.87 0.86
CA HIS B 230 11.96 -8.55 -0.25
C HIS B 230 11.07 -9.58 -0.99
N LEU B 231 10.09 -10.18 -0.31
CA LEU B 231 9.17 -11.12 -0.94
C LEU B 231 7.94 -10.43 -1.56
N GLY B 232 7.75 -9.15 -1.24
CA GLY B 232 6.59 -8.40 -1.67
C GLY B 232 5.30 -8.90 -1.02
N ILE B 233 5.33 -9.05 0.30
CA ILE B 233 4.17 -9.50 1.04
C ILE B 233 3.81 -8.37 1.93
N GLN B 234 2.53 -8.08 2.07
CA GLN B 234 2.22 -6.89 2.84
C GLN B 234 2.32 -7.13 4.34
N ASN B 235 2.96 -6.17 5.01
CA ASN B 235 3.18 -6.21 6.44
C ASN B 235 2.47 -5.07 7.17
N ASN B 236 1.43 -5.38 7.94
CA ASN B 236 0.72 -4.32 8.64
C ASN B 236 1.18 -4.07 10.07
N PHE B 237 2.18 -4.82 10.55
CA PHE B 237 2.67 -4.60 11.91
C PHE B 237 3.56 -3.36 11.99
N ASP B 238 3.24 -2.45 12.91
CA ASP B 238 4.11 -1.32 13.10
C ASP B 238 4.89 -1.41 14.40
N TYR B 239 6.18 -1.71 14.26
CA TYR B 239 7.01 -1.94 15.42
C TYR B 239 7.32 -0.63 16.13
N LYS B 240 7.37 0.47 15.37
CA LYS B 240 7.69 1.74 16.00
C LYS B 240 6.67 2.15 17.06
N ARG B 241 5.37 1.99 16.76
CA ARG B 241 4.32 2.25 17.76
C ARG B 241 4.48 1.34 18.97
N PHE B 242 4.65 0.05 18.69
CA PHE B 242 4.79 -0.92 19.75
C PHE B 242 5.94 -0.52 20.69
N ILE B 243 7.06 -0.06 20.13
CA ILE B 243 8.19 0.36 20.95
C ILE B 243 7.86 1.63 21.75
N LYS B 244 7.12 2.56 21.14
CA LYS B 244 6.73 3.80 21.83
C LYS B 244 5.92 3.47 23.10
N PHE B 245 5.06 2.46 23.00
CA PHE B 245 4.14 2.16 24.10
C PHE B 245 4.61 1.02 25.04
N ALA B 246 5.78 0.45 24.77
CA ALA B 246 6.29 -0.62 25.62
C ALA B 246 6.61 -0.12 27.03
N ARG B 247 6.26 -0.92 28.02
CA ARG B 247 6.63 -0.67 29.42
C ARG B 247 7.06 -1.94 30.12
N VAL B 248 7.89 -1.77 31.14
CA VAL B 248 8.24 -2.85 32.04
C VAL B 248 7.30 -2.86 33.22
N CYS B 249 6.58 -3.97 33.42
CA CYS B 249 5.75 -4.10 34.62
C CYS B 249 6.01 -5.40 35.39
N GLU B 250 5.50 -5.43 36.63
CA GLU B 250 5.57 -6.57 37.54
C GLU B 250 4.56 -7.60 37.09
N VAL B 251 4.99 -8.81 36.77
CA VAL B 251 4.03 -9.90 36.52
C VAL B 251 4.49 -11.14 37.24
N ASP B 252 3.75 -11.57 38.27
CA ASP B 252 4.14 -12.78 39.01
C ASP B 252 5.58 -12.77 39.48
N ASN B 253 6.01 -11.85 40.37
CA ASN B 253 7.38 -11.92 40.91
C ASN B 253 8.35 -11.23 39.90
N GLU B 254 7.93 -11.11 38.64
CA GLU B 254 8.88 -10.87 37.55
C GLU B 254 8.68 -9.58 36.75
N LEU B 255 9.78 -8.89 36.46
CA LEU B 255 9.75 -7.71 35.57
C LEU B 255 9.76 -8.15 34.13
N ARG B 256 8.74 -7.72 33.40
CA ARG B 256 8.57 -8.16 32.03
C ARG B 256 8.05 -7.09 31.12
N ILE B 257 8.39 -7.15 29.83
CA ILE B 257 7.96 -6.12 28.89
C ILE B 257 6.50 -6.29 28.51
N CYS B 258 5.75 -5.20 28.61
CA CYS B 258 4.31 -5.25 28.41
C CYS B 258 3.85 -4.26 27.34
N ALA B 259 2.74 -4.58 26.68
CA ALA B 259 2.18 -3.75 25.62
C ALA B 259 1.04 -2.93 26.18
N ARG B 260 0.80 -1.73 25.66
CA ARG B 260 -0.41 -1.04 26.13
C ARG B 260 -1.63 -1.77 25.63
N ASP B 261 -2.65 -1.75 26.46
CA ASP B 261 -3.79 -2.63 26.28
C ASP B 261 -4.51 -2.58 24.93
N LYS B 262 -4.72 -1.39 24.35
CA LYS B 262 -5.36 -1.36 23.03
C LYS B 262 -4.37 -1.32 21.84
N GLU B 263 -3.12 -1.62 22.12
CA GLU B 263 -2.14 -1.94 21.08
C GLU B 263 -2.29 -3.41 20.65
N VAL B 264 -3.30 -4.07 21.24
CA VAL B 264 -3.69 -5.44 20.93
C VAL B 264 -3.90 -5.62 19.41
N GLY B 265 -4.48 -4.62 18.76
CA GLY B 265 -4.75 -4.69 17.34
C GLY B 265 -3.52 -4.79 16.48
N ASN B 266 -2.49 -4.06 16.89
CA ASN B 266 -1.19 -4.11 16.26
C ASN B 266 -0.58 -5.50 16.36
N LEU B 267 -0.70 -6.09 17.54
CA LEU B 267 -0.17 -7.42 17.74
C LEU B 267 -0.85 -8.46 16.85
N TYR B 268 -2.15 -8.30 16.60
CA TYR B 268 -2.87 -9.23 15.72
C TYR B 268 -2.32 -9.14 14.31
N ASP B 269 -1.96 -7.93 13.88
CA ASP B 269 -1.40 -7.77 12.56
C ASP B 269 -0.02 -8.46 12.49
N MET B 270 0.76 -8.34 13.56
CA MET B 270 2.06 -8.99 13.61
C MET B 270 1.92 -10.47 13.43
N PHE B 271 0.97 -11.04 14.17
CA PHE B 271 0.73 -12.48 14.11
C PHE B 271 0.20 -12.91 12.75
N HIS B 272 -0.56 -12.04 12.09
CA HIS B 272 -1.05 -12.41 10.77
C HIS B 272 0.11 -12.40 9.77
N THR B 273 1.03 -11.46 9.95
CA THR B 273 2.21 -11.41 9.13
C THR B 273 3.08 -12.66 9.31
N ARG B 274 3.27 -13.05 10.57
CA ARG B 274 4.04 -14.26 10.88
C ARG B 274 3.42 -15.50 10.21
N ASN B 275 2.11 -15.65 10.34
CA ASN B 275 1.43 -16.81 9.75
C ASN B 275 1.56 -16.87 8.24
N SER B 276 1.39 -15.69 7.60
CA SER B 276 1.53 -15.54 6.16
C SER B 276 2.92 -15.87 5.66
N LEU B 277 3.94 -15.39 6.36
CA LEU B 277 5.32 -15.67 5.97
C LEU B 277 5.60 -17.18 6.07
N HIS B 278 5.11 -17.85 7.11
CA HIS B 278 5.33 -19.30 7.23
C HIS B 278 4.58 -20.02 6.13
N ARG B 279 3.37 -19.61 5.84
CA ARG B 279 2.56 -20.30 4.86
C ARG B 279 3.01 -20.02 3.42
N ARG B 280 3.34 -18.77 3.11
CA ARG B 280 3.72 -18.40 1.75
C ARG B 280 5.20 -18.61 1.44
N ALA B 281 6.09 -18.50 2.42
CA ALA B 281 7.53 -18.49 2.15
C ALA B 281 8.34 -19.64 2.79
N TYR B 282 8.46 -19.64 4.11
CA TYR B 282 9.32 -20.60 4.83
C TYR B 282 8.95 -22.07 4.60
N GLN B 283 7.66 -22.26 4.45
CA GLN B 283 7.04 -23.55 4.17
C GLN B 283 6.72 -23.86 2.73
N HIS B 284 7.18 -23.02 1.83
CA HIS B 284 6.95 -23.19 0.40
C HIS B 284 7.42 -24.52 -0.16
N LYS B 285 6.63 -25.20 -1.00
CA LYS B 285 7.04 -26.54 -1.48
C LYS B 285 8.35 -26.55 -2.28
N VAL B 286 8.46 -25.72 -3.30
CA VAL B 286 9.67 -25.74 -4.12
C VAL B 286 10.87 -25.19 -3.34
N GLY B 287 10.61 -24.16 -2.54
CA GLY B 287 11.62 -23.60 -1.70
C GLY B 287 12.30 -24.67 -0.85
N ASN B 288 11.49 -25.45 -0.14
CA ASN B 288 12.05 -26.49 0.69
C ASN B 288 12.68 -27.65 -0.09
N ILE B 289 12.05 -28.05 -1.18
CA ILE B 289 12.65 -29.04 -2.06
C ILE B 289 14.06 -28.64 -2.50
N ILE B 290 14.22 -27.40 -2.98
CA ILE B 290 15.54 -26.94 -3.38
C ILE B 290 16.52 -26.96 -2.19
N ASP B 291 16.07 -26.55 -1.00
CA ASP B 291 16.95 -26.65 0.18
C ASP B 291 17.33 -28.10 0.49
N THR B 292 16.48 -29.07 0.20
CA THR B 292 16.97 -30.44 0.34
C THR B 292 17.96 -30.82 -0.76
N MET B 293 17.84 -30.25 -1.95
CA MET B 293 18.83 -30.53 -3.01
C MET B 293 20.20 -29.94 -2.67
N ILE B 294 20.23 -28.69 -2.23
CA ILE B 294 21.50 -28.12 -1.79
C ILE B 294 22.15 -28.98 -0.68
N THR B 295 21.35 -29.44 0.28
CA THR B 295 21.82 -30.29 1.36
C THR B 295 22.35 -31.62 0.81
N ASP B 296 21.60 -32.20 -0.11
CA ASP B 296 22.03 -33.46 -0.68
C ASP B 296 23.38 -33.31 -1.41
N ALA B 297 23.57 -32.17 -2.10
CA ALA B 297 24.84 -31.92 -2.77
C ALA B 297 25.98 -31.74 -1.73
N PHE B 298 25.69 -31.02 -0.63
CA PHE B 298 26.68 -30.82 0.42
C PHE B 298 27.16 -32.17 1.00
N LEU B 299 26.21 -33.06 1.27
CA LEU B 299 26.55 -34.36 1.85
C LEU B 299 27.47 -35.13 0.92
N LYS B 300 27.14 -35.16 -0.37
CA LYS B 300 27.97 -35.86 -1.34
C LYS B 300 29.28 -35.16 -1.58
N ALA B 301 29.34 -33.90 -1.21
CA ALA B 301 30.58 -33.14 -1.30
C ALA B 301 31.35 -33.16 0.02
N ASP B 302 30.71 -33.60 1.10
CA ASP B 302 31.26 -33.31 2.42
C ASP B 302 32.63 -33.90 2.55
N ASP B 303 32.81 -35.18 2.20
CA ASP B 303 34.09 -35.88 2.38
C ASP B 303 35.30 -35.22 1.77
N TYR B 304 35.09 -34.59 0.63
CA TYR B 304 36.16 -34.10 -0.19
C TYR B 304 36.55 -32.63 -0.08
N ILE B 305 35.76 -31.83 0.61
CA ILE B 305 36.00 -30.41 0.66
C ILE B 305 36.82 -30.11 1.91
N GLU B 306 37.84 -29.27 1.77
CA GLU B 306 38.69 -28.91 2.89
C GLU B 306 38.65 -27.43 3.19
N ILE B 307 38.33 -27.09 4.44
CA ILE B 307 38.36 -25.71 4.90
C ILE B 307 39.49 -25.59 5.92
N THR B 308 40.32 -24.58 5.76
CA THR B 308 41.46 -24.45 6.67
C THR B 308 41.07 -23.68 7.91
N GLY B 309 41.16 -24.36 9.05
CA GLY B 309 40.84 -23.79 10.34
C GLY B 309 42.09 -23.36 11.06
N ALA B 310 42.00 -23.23 12.37
CA ALA B 310 43.14 -22.84 13.18
C ALA B 310 44.26 -23.88 13.03
N GLY B 311 45.51 -23.42 13.09
CA GLY B 311 46.68 -24.29 12.98
C GLY B 311 46.82 -24.99 11.65
N GLY B 312 46.20 -24.45 10.62
CA GLY B 312 46.28 -25.05 9.31
C GLY B 312 45.54 -26.36 9.20
N LYS B 313 44.86 -26.74 10.28
CA LYS B 313 44.10 -28.00 10.31
C LYS B 313 42.99 -27.94 9.26
N LYS B 314 42.68 -29.08 8.66
CA LYS B 314 41.65 -29.05 7.65
C LYS B 314 40.37 -29.63 8.18
N TYR B 315 39.28 -28.93 7.89
CA TYR B 315 37.99 -29.36 8.35
C TYR B 315 37.12 -29.66 7.17
N ARG B 316 36.04 -30.34 7.45
CA ARG B 316 35.12 -30.62 6.41
C ARG B 316 33.92 -29.68 6.52
N ILE B 317 33.00 -29.75 5.56
CA ILE B 317 31.86 -28.85 5.65
C ILE B 317 31.17 -29.11 6.97
N SER B 318 30.89 -30.38 7.27
CA SER B 318 30.17 -30.75 8.51
C SER B 318 31.00 -30.56 9.78
N THR B 319 32.32 -30.60 9.67
CA THR B 319 33.15 -30.46 10.86
C THR B 319 33.59 -29.03 11.15
N ALA B 320 33.31 -28.12 10.21
CA ALA B 320 33.72 -26.72 10.37
C ALA B 320 33.09 -26.07 11.61
N ILE B 321 31.96 -26.58 12.05
CA ILE B 321 31.34 -26.01 13.23
C ILE B 321 32.21 -26.18 14.48
N ASP B 322 33.15 -27.12 14.42
CA ASP B 322 34.01 -27.45 15.57
C ASP B 322 35.14 -26.42 15.77
N ASP B 323 35.47 -25.67 14.72
CA ASP B 323 36.49 -24.63 14.83
C ASP B 323 36.05 -23.33 14.14
N MET B 324 35.96 -22.24 14.90
CA MET B 324 35.42 -20.99 14.37
C MET B 324 36.27 -20.28 13.27
N GLU B 325 37.55 -20.60 13.20
CA GLU B 325 38.41 -20.02 12.20
C GLU B 325 38.09 -20.68 10.85
N ALA B 326 37.82 -21.98 10.87
CA ALA B 326 37.37 -22.69 9.68
C ALA B 326 35.98 -22.24 9.30
N TYR B 327 35.13 -22.13 10.32
CA TYR B 327 33.71 -21.80 10.14
C TYR B 327 33.56 -20.40 9.56
N THR B 328 34.50 -19.52 9.92
CA THR B 328 34.50 -18.17 9.42
C THR B 328 34.54 -18.16 7.90
N LYS B 329 35.22 -19.15 7.31
CA LYS B 329 35.34 -19.20 5.85
C LYS B 329 34.23 -20.06 5.22
N LEU B 330 33.25 -20.48 6.04
CA LEU B 330 32.16 -21.30 5.52
C LEU B 330 30.89 -20.46 5.31
N THR B 331 30.56 -20.21 4.05
CA THR B 331 29.41 -19.38 3.69
C THR B 331 28.70 -19.95 2.45
N ASP B 332 27.76 -19.21 1.86
CA ASP B 332 27.07 -19.72 0.68
C ASP B 332 28.05 -20.00 -0.45
N ASN B 333 29.25 -19.44 -0.36
CA ASN B 333 30.30 -19.63 -1.35
C ASN B 333 30.57 -21.08 -1.69
N ILE B 334 30.42 -21.93 -0.70
CA ILE B 334 30.65 -23.36 -0.83
C ILE B 334 29.78 -23.98 -1.93
N PHE B 335 28.62 -23.37 -2.19
CA PHE B 335 27.72 -23.76 -3.28
C PHE B 335 28.44 -23.58 -4.64
N LEU B 336 29.06 -22.43 -4.84
CA LEU B 336 29.73 -22.16 -6.11
C LEU B 336 31.05 -22.94 -6.18
N GLU B 337 31.76 -23.05 -5.06
CA GLU B 337 32.97 -23.85 -5.03
C GLU B 337 32.68 -25.25 -5.60
N ILE B 338 31.58 -25.87 -5.15
CA ILE B 338 31.13 -27.14 -5.74
C ILE B 338 30.74 -27.03 -7.22
N LEU B 339 29.91 -26.06 -7.55
CA LEU B 339 29.40 -25.89 -8.92
C LEU B 339 30.54 -25.70 -9.94
N TYR B 340 31.57 -24.97 -9.54
CA TYR B 340 32.68 -24.61 -10.41
C TYR B 340 33.82 -25.64 -10.41
N SER B 341 33.76 -26.59 -9.49
CA SER B 341 34.88 -27.51 -9.32
C SER B 341 35.01 -28.41 -10.56
N THR B 342 36.24 -28.72 -10.93
CA THR B 342 36.53 -29.67 -12.00
C THR B 342 36.63 -31.07 -11.44
N ASP B 343 36.92 -31.14 -10.15
CA ASP B 343 37.26 -32.37 -9.46
C ASP B 343 36.22 -33.51 -9.66
N PRO B 344 36.66 -34.68 -10.16
CA PRO B 344 35.70 -35.78 -10.37
C PRO B 344 35.18 -36.47 -9.11
N LYS B 345 35.84 -36.35 -7.94
CA LYS B 345 35.23 -36.85 -6.70
C LYS B 345 33.95 -36.04 -6.40
N LEU B 346 33.92 -34.80 -6.86
CA LEU B 346 32.79 -33.90 -6.62
C LEU B 346 31.72 -33.98 -7.71
N LYS B 347 31.88 -34.91 -8.65
CA LYS B 347 30.94 -35.01 -9.76
C LYS B 347 29.50 -35.24 -9.30
N ASP B 348 29.33 -36.01 -8.24
CA ASP B 348 27.98 -36.29 -7.72
C ASP B 348 27.33 -35.03 -7.12
N ALA B 349 28.09 -34.29 -6.32
CA ALA B 349 27.65 -33.04 -5.75
C ALA B 349 27.31 -32.02 -6.82
N ARG B 350 28.25 -31.84 -7.76
CA ARG B 350 28.11 -30.91 -8.88
C ARG B 350 26.86 -31.18 -9.71
N GLU B 351 26.52 -32.44 -9.91
CA GLU B 351 25.39 -32.78 -10.75
C GLU B 351 24.05 -32.42 -10.13
N ILE B 352 23.98 -32.48 -8.80
CA ILE B 352 22.76 -32.11 -8.14
C ILE B 352 22.52 -30.62 -8.29
N LEU B 353 23.56 -29.85 -8.04
CA LEU B 353 23.48 -28.41 -8.18
C LEU B 353 23.21 -28.04 -9.66
N LYS B 354 23.82 -28.80 -10.58
CA LYS B 354 23.49 -28.58 -11.98
C LYS B 354 22.02 -28.89 -12.26
N GLN B 355 21.46 -29.87 -11.57
CA GLN B 355 20.05 -30.14 -11.74
C GLN B 355 19.22 -28.92 -11.26
N ILE B 356 19.67 -28.25 -10.21
CA ILE B 356 18.99 -27.04 -9.76
C ILE B 356 19.01 -25.98 -10.85
N GLU B 357 20.19 -25.68 -11.37
CA GLU B 357 20.36 -24.72 -12.45
C GLU B 357 19.48 -25.02 -13.65
N TYR B 358 19.45 -26.29 -14.08
CA TYR B 358 18.66 -26.68 -15.22
C TYR B 358 17.19 -26.77 -14.81
N ARG B 359 16.92 -26.61 -13.51
CA ARG B 359 15.57 -26.71 -12.95
C ARG B 359 14.93 -28.09 -13.16
N ASN B 360 15.74 -29.14 -13.02
CA ASN B 360 15.19 -30.48 -12.91
C ASN B 360 15.24 -30.90 -11.43
N LEU B 361 14.11 -30.81 -10.73
CA LEU B 361 14.15 -30.89 -9.28
C LEU B 361 13.50 -32.17 -8.74
N PHE B 362 13.80 -32.48 -7.47
CA PHE B 362 13.19 -33.60 -6.79
C PHE B 362 11.71 -33.39 -6.87
N LYS B 363 10.95 -34.47 -7.04
CA LYS B 363 9.51 -34.35 -7.18
C LYS B 363 8.74 -34.65 -5.90
N TYR B 364 7.66 -33.90 -5.70
CA TYR B 364 6.90 -33.94 -4.45
C TYR B 364 6.04 -35.21 -4.42
N VAL B 365 6.24 -36.06 -3.42
CA VAL B 365 5.45 -37.29 -3.26
C VAL B 365 4.20 -37.10 -2.39
N GLY B 366 4.39 -36.56 -1.21
CA GLY B 366 3.28 -36.32 -0.30
C GLY B 366 3.66 -35.61 0.98
N GLU B 367 2.63 -35.40 1.79
CA GLU B 367 2.70 -34.67 3.05
C GLU B 367 1.94 -35.43 4.15
N THR B 368 2.47 -35.42 5.37
CA THR B 368 1.80 -36.03 6.52
C THR B 368 2.20 -35.30 7.79
N GLN B 369 1.45 -35.48 8.86
CA GLN B 369 1.88 -34.94 10.15
C GLN B 369 1.96 -36.13 11.11
N PRO B 370 2.88 -36.06 12.09
CA PRO B 370 2.99 -37.18 13.04
C PRO B 370 1.80 -37.12 13.93
N THR B 371 1.43 -38.23 14.55
CA THR B 371 0.21 -38.21 15.33
C THR B 371 0.48 -37.87 16.77
N GLY B 372 -0.52 -37.15 17.32
CA GLY B 372 -0.50 -36.51 18.61
C GLY B 372 0.69 -36.67 19.48
N GLN B 373 1.29 -35.53 19.88
CA GLN B 373 2.30 -35.46 20.94
C GLN B 373 3.68 -35.43 20.36
N ILE B 374 3.97 -36.40 19.51
CA ILE B 374 5.36 -36.82 19.32
C ILE B 374 6.07 -36.08 18.19
N LYS B 375 7.31 -35.68 18.47
CA LYS B 375 8.04 -34.90 17.52
C LYS B 375 9.17 -35.75 16.96
N ILE B 376 9.35 -35.67 15.65
CA ILE B 376 10.49 -36.35 15.02
C ILE B 376 11.72 -35.56 15.40
N LYS B 377 12.78 -36.23 15.78
CA LYS B 377 13.88 -35.52 16.35
C LYS B 377 15.04 -35.48 15.35
N ARG B 378 15.80 -34.39 15.39
CA ARG B 378 16.90 -34.10 14.47
C ARG B 378 17.83 -35.32 14.30
N GLU B 379 18.14 -36.01 15.40
CA GLU B 379 18.98 -37.22 15.39
C GLU B 379 18.44 -38.39 14.56
N ASP B 380 17.13 -38.37 14.30
CA ASP B 380 16.56 -39.51 13.62
C ASP B 380 16.29 -39.24 12.14
N TYR B 381 16.60 -38.04 11.66
CA TYR B 381 16.28 -37.67 10.27
C TYR B 381 16.90 -38.67 9.32
N GLU B 382 18.16 -39.00 9.53
CA GLU B 382 18.87 -39.88 8.60
C GLU B 382 18.14 -41.19 8.39
N SER B 383 17.49 -41.68 9.45
CA SER B 383 16.82 -42.97 9.42
C SER B 383 15.55 -42.97 8.59
N LEU B 384 14.99 -41.79 8.36
CA LEU B 384 13.67 -41.66 7.75
C LEU B 384 13.58 -42.17 6.29
N PRO B 385 14.57 -41.84 5.43
CA PRO B 385 14.44 -42.39 4.07
C PRO B 385 14.53 -43.91 4.08
N LYS B 386 15.34 -44.45 4.98
CA LYS B 386 15.44 -45.90 5.03
C LYS B 386 14.17 -46.56 5.56
N GLU B 387 13.51 -45.96 6.56
CA GLU B 387 12.20 -46.46 6.97
C GLU B 387 11.19 -46.51 5.82
N VAL B 388 11.14 -45.41 5.06
CA VAL B 388 10.23 -45.32 3.95
C VAL B 388 10.55 -46.39 2.90
N ALA B 389 11.82 -46.51 2.55
CA ALA B 389 12.26 -47.47 1.55
C ALA B 389 12.06 -48.90 2.03
N SER B 390 12.04 -49.08 3.34
CA SER B 390 11.89 -50.41 3.85
C SER B 390 10.44 -50.73 4.12
N ALA B 391 9.55 -49.79 3.84
CA ALA B 391 8.13 -50.06 4.04
C ALA B 391 7.70 -51.09 3.00
N LYS B 392 6.79 -51.98 3.36
CA LYS B 392 6.25 -52.93 2.38
C LYS B 392 4.87 -52.50 1.88
N PRO B 393 4.82 -51.78 0.76
CA PRO B 393 3.56 -51.27 0.20
C PRO B 393 2.80 -52.52 -0.12
N LYS B 394 1.50 -52.59 0.07
CA LYS B 394 1.00 -53.97 0.06
C LYS B 394 0.61 -54.51 -1.32
N VAL B 395 -0.09 -53.79 -2.17
CA VAL B 395 -0.05 -54.33 -3.54
C VAL B 395 1.36 -54.03 -4.06
N LEU B 396 1.93 -55.08 -4.63
CA LEU B 396 3.27 -55.13 -5.20
C LEU B 396 3.45 -54.28 -6.46
N LEU B 397 4.51 -53.48 -6.54
CA LEU B 397 4.71 -52.69 -7.76
C LEU B 397 6.04 -52.86 -8.47
N ASP B 398 6.01 -52.55 -9.76
CA ASP B 398 7.05 -52.96 -10.71
C ASP B 398 8.36 -52.24 -10.52
N VAL B 399 8.38 -51.27 -9.62
CA VAL B 399 9.62 -50.56 -9.35
C VAL B 399 10.03 -50.75 -7.89
N LYS B 400 11.32 -50.92 -7.66
CA LYS B 400 11.76 -50.88 -6.27
C LYS B 400 12.68 -49.67 -6.11
N LEU B 401 12.60 -49.05 -4.94
CA LEU B 401 13.33 -47.82 -4.67
C LEU B 401 14.24 -47.95 -3.46
N LYS B 402 15.47 -47.47 -3.61
CA LYS B 402 16.43 -47.41 -2.51
C LYS B 402 16.12 -46.24 -1.58
N ALA B 403 16.81 -46.21 -0.44
CA ALA B 403 16.68 -45.10 0.47
C ALA B 403 17.26 -43.83 -0.16
N GLU B 404 18.25 -43.99 -1.04
CA GLU B 404 18.88 -42.84 -1.67
C GLU B 404 17.94 -42.18 -2.68
N ASP B 405 16.82 -42.85 -2.98
CA ASP B 405 15.84 -42.33 -3.93
C ASP B 405 14.83 -41.39 -3.24
N PHE B 406 14.80 -41.43 -1.90
CA PHE B 406 13.83 -40.67 -1.12
C PHE B 406 14.49 -39.55 -0.34
N ILE B 407 13.75 -38.46 -0.25
CA ILE B 407 14.08 -37.36 0.64
C ILE B 407 12.89 -37.16 1.59
N VAL B 408 13.17 -37.16 2.90
CA VAL B 408 12.16 -36.97 3.93
C VAL B 408 12.41 -35.62 4.62
N ASP B 409 11.44 -34.72 4.52
CA ASP B 409 11.66 -33.36 4.96
C ASP B 409 10.79 -33.01 6.14
N VAL B 410 11.41 -32.67 7.25
CA VAL B 410 10.70 -32.35 8.47
C VAL B 410 10.64 -30.84 8.67
N ILE B 411 9.42 -30.30 8.65
CA ILE B 411 9.19 -28.86 8.76
C ILE B 411 8.54 -28.53 10.09
N ASN B 412 9.23 -27.79 10.96
CA ASN B 412 8.72 -27.51 12.32
C ASN B 412 8.11 -26.12 12.46
N MET B 413 6.92 -26.03 13.05
CA MET B 413 6.34 -24.73 13.38
C MET B 413 7.04 -24.09 14.58
N ASP B 414 7.48 -22.83 14.43
CA ASP B 414 8.01 -22.05 15.54
C ASP B 414 7.04 -22.04 16.72
N ASN B 421 -5.64 -15.92 20.16
CA ASN B 421 -4.86 -17.08 20.58
C ASN B 421 -3.49 -16.69 21.16
N PRO B 422 -2.52 -16.25 20.33
CA PRO B 422 -1.19 -16.05 20.93
C PRO B 422 -1.20 -14.87 21.88
N ILE B 423 -2.23 -14.05 21.75
CA ILE B 423 -2.43 -12.86 22.57
C ILE B 423 -2.54 -13.17 24.07
N ASP B 424 -3.02 -14.37 24.43
CA ASP B 424 -3.09 -14.74 25.85
C ASP B 424 -1.72 -14.82 26.55
N HIS B 425 -0.65 -15.05 25.81
CA HIS B 425 0.67 -15.15 26.45
C HIS B 425 1.45 -13.84 26.48
N VAL B 426 0.81 -12.79 25.96
CA VAL B 426 1.31 -11.42 26.05
C VAL B 426 0.74 -10.70 27.26
N SER B 427 1.58 -9.99 27.99
CA SER B 427 1.07 -9.25 29.13
C SER B 427 0.84 -7.81 28.74
N PHE B 428 -0.32 -7.29 29.12
CA PHE B 428 -0.67 -5.91 28.83
C PHE B 428 -0.75 -5.05 30.08
N TYR B 429 -0.85 -3.74 29.90
CA TYR B 429 -0.98 -2.84 31.02
C TYR B 429 -1.94 -1.71 30.63
N CYS B 430 -2.54 -1.07 31.61
CA CYS B 430 -3.49 0.00 31.31
C CYS B 430 -2.80 1.37 31.36
N LYS B 431 -3.23 2.25 30.46
CA LYS B 431 -2.67 3.60 30.40
C LYS B 431 -2.83 4.35 31.73
N THR B 432 -4.02 4.25 32.33
CA THR B 432 -4.33 4.97 33.58
C THR B 432 -3.70 4.33 34.81
N ALA B 433 -3.32 3.06 34.69
CA ALA B 433 -2.61 2.36 35.75
C ALA B 433 -1.58 1.40 35.19
N PRO B 434 -0.46 1.94 34.68
CA PRO B 434 0.64 1.11 34.13
C PRO B 434 1.24 0.32 35.29
N ASN B 435 2.53 -0.01 35.38
CA ASN B 435 3.08 -0.62 36.60
C ASN B 435 2.50 -2.03 36.96
N ARG B 436 1.27 -2.32 36.53
CA ARG B 436 0.57 -3.58 36.85
C ARG B 436 -0.07 -4.13 35.58
N ALA B 437 0.12 -5.43 35.33
CA ALA B 437 -0.39 -6.04 34.11
C ALA B 437 -1.89 -6.29 34.16
N ILE B 438 -2.51 -6.36 32.98
CA ILE B 438 -3.94 -6.67 32.86
C ILE B 438 -4.18 -8.15 32.65
N GLU B 455 3.09 -27.38 15.22
CA GLU B 455 3.19 -28.82 14.96
C GLU B 455 4.39 -29.11 14.04
N GLN B 456 4.44 -30.32 13.51
CA GLN B 456 5.47 -30.74 12.57
C GLN B 456 4.90 -31.24 11.25
N LEU B 457 5.51 -30.81 10.16
CA LEU B 457 5.08 -31.28 8.85
C LEU B 457 6.16 -32.13 8.24
N ILE B 458 5.72 -33.22 7.65
CA ILE B 458 6.58 -34.17 7.01
C ILE B 458 6.23 -34.36 5.55
N ARG B 459 7.14 -33.96 4.68
CA ARG B 459 6.96 -34.14 3.26
C ARG B 459 7.97 -35.13 2.74
N VAL B 460 7.61 -35.79 1.66
CA VAL B 460 8.53 -36.73 1.04
C VAL B 460 8.71 -36.38 -0.43
N TYR B 461 9.96 -36.37 -0.88
CA TYR B 461 10.24 -36.14 -2.27
C TYR B 461 10.96 -37.38 -2.81
N CYS B 462 10.84 -37.61 -4.11
CA CYS B 462 11.56 -38.71 -4.74
C CYS B 462 12.56 -38.16 -5.77
N LYS B 463 13.79 -38.68 -5.77
CA LYS B 463 14.84 -38.19 -6.68
C LYS B 463 14.76 -38.74 -8.11
N LYS B 464 13.91 -39.73 -8.35
CA LYS B 464 13.76 -40.23 -9.69
C LYS B 464 12.45 -39.73 -10.25
N VAL B 465 12.55 -39.15 -11.43
CA VAL B 465 11.46 -38.35 -11.96
C VAL B 465 10.62 -39.09 -12.99
N ASP B 466 10.96 -40.34 -13.29
CA ASP B 466 10.18 -41.06 -14.27
C ASP B 466 8.87 -41.43 -13.63
N ARG B 467 7.80 -41.37 -14.40
CA ARG B 467 6.46 -41.52 -13.89
C ARG B 467 6.18 -42.71 -13.00
N LYS B 468 6.77 -43.86 -13.30
CA LYS B 468 6.28 -44.95 -12.52
C LYS B 468 7.14 -45.16 -11.31
N SER B 469 8.33 -44.57 -11.30
CA SER B 469 9.03 -44.44 -10.02
C SER B 469 8.16 -43.65 -9.03
N LEU B 470 7.55 -42.56 -9.51
CA LEU B 470 6.69 -41.73 -8.66
C LEU B 470 5.47 -42.48 -8.14
N TYR B 471 4.85 -43.31 -8.96
CA TYR B 471 3.72 -44.09 -8.45
C TYR B 471 4.17 -44.97 -7.31
N ALA B 472 5.34 -45.59 -7.48
CA ALA B 472 5.94 -46.45 -6.46
C ALA B 472 6.26 -45.69 -5.17
N ALA B 473 7.01 -44.60 -5.28
CA ALA B 473 7.36 -43.76 -4.14
C ALA B 473 6.14 -43.35 -3.36
N ARG B 474 5.05 -43.08 -4.06
CA ARG B 474 3.80 -42.73 -3.41
C ARG B 474 3.35 -43.88 -2.50
N GLN B 475 3.43 -45.10 -3.01
CA GLN B 475 2.94 -46.23 -2.25
C GLN B 475 3.83 -46.54 -1.07
N TYR B 476 5.14 -46.51 -1.29
CA TYR B 476 6.07 -46.56 -0.17
C TYR B 476 5.68 -45.54 0.91
N PHE B 477 5.34 -44.33 0.49
CA PHE B 477 5.05 -43.23 1.43
C PHE B 477 3.75 -43.42 2.20
N VAL B 478 2.68 -43.77 1.50
CA VAL B 478 1.41 -43.97 2.18
C VAL B 478 1.50 -45.08 3.23
N GLN B 479 2.23 -46.14 2.87
CA GLN B 479 2.41 -47.28 3.75
C GLN B 479 3.23 -46.91 4.99
N TRP B 480 4.34 -46.20 4.78
CA TRP B 480 5.18 -45.75 5.86
C TRP B 480 4.37 -44.97 6.89
N CYS B 481 3.48 -44.10 6.39
CA CYS B 481 2.59 -43.33 7.25
C CYS B 481 1.74 -44.28 8.08
N ALA B 482 1.15 -45.27 7.43
CA ALA B 482 0.26 -46.23 8.06
C ALA B 482 0.87 -46.96 9.24
N ASP B 483 2.06 -47.51 9.04
CA ASP B 483 2.65 -48.32 10.08
C ASP B 483 3.49 -47.50 11.08
N ARG B 484 3.63 -46.20 10.83
CA ARG B 484 4.17 -45.31 11.86
C ARG B 484 2.99 -44.52 12.45
N ASN B 485 1.78 -44.83 11.96
CA ASN B 485 0.52 -44.23 12.42
C ASN B 485 0.44 -42.70 12.30
N PHE B 486 1.11 -42.16 11.29
CA PHE B 486 0.95 -40.75 10.96
C PHE B 486 -0.37 -40.56 10.23
N THR B 487 -0.83 -39.31 10.12
CA THR B 487 -2.11 -39.03 9.48
C THR B 487 -2.08 -39.50 8.02
N LYS B 488 -3.22 -39.97 7.51
CA LYS B 488 -3.23 -40.49 6.15
C LYS B 488 -3.09 -39.36 5.16
N PRO B 489 -2.11 -39.47 4.24
CA PRO B 489 -1.80 -38.48 3.22
C PRO B 489 -3.03 -38.22 2.36
N GLN B 490 -3.33 -36.97 1.99
CA GLN B 490 -4.52 -36.78 1.17
C GLN B 490 -4.22 -37.20 -0.28
N ASP B 491 -5.30 -37.50 -0.98
CA ASP B 491 -5.31 -38.25 -2.21
C ASP B 491 -5.23 -37.33 -3.40
N MET C 23 -6.03 15.72 23.90
CA MET C 23 -5.71 15.39 22.52
C MET C 23 -6.49 14.17 22.01
N LYS C 24 -7.36 14.39 21.01
CA LYS C 24 -8.07 13.26 20.40
C LYS C 24 -7.38 12.83 19.12
N VAL C 25 -7.40 11.54 18.84
CA VAL C 25 -6.90 11.02 17.58
C VAL C 25 -8.09 10.48 16.78
N ILE C 26 -8.19 10.92 15.53
CA ILE C 26 -9.26 10.52 14.62
C ILE C 26 -8.63 9.81 13.42
N ASN C 27 -9.11 8.62 13.08
CA ASN C 27 -8.54 7.89 11.94
C ASN C 27 -9.24 8.30 10.66
N ASP C 28 -8.46 8.68 9.65
CA ASP C 28 -9.04 9.14 8.40
C ASP C 28 -8.46 8.39 7.20
N PRO C 29 -9.32 8.00 6.22
CA PRO C 29 -8.87 7.16 5.10
C PRO C 29 -7.88 7.84 4.15
N ILE C 30 -7.93 9.17 4.09
CA ILE C 30 -6.99 9.91 3.26
C ILE C 30 -5.69 10.21 4.03
N HIS C 31 -5.78 10.77 5.22
CA HIS C 31 -4.57 11.21 5.91
C HIS C 31 -4.07 10.24 6.99
N GLY C 32 -4.81 9.18 7.28
CA GLY C 32 -4.45 8.34 8.41
C GLY C 32 -4.78 9.07 9.68
N HIS C 33 -3.87 9.09 10.66
CA HIS C 33 -4.18 9.65 11.98
C HIS C 33 -4.08 11.16 12.08
N ILE C 34 -5.21 11.77 12.47
CA ILE C 34 -5.34 13.21 12.66
C ILE C 34 -5.42 13.52 14.14
N GLU C 35 -4.39 14.13 14.70
CA GLU C 35 -4.41 14.48 16.11
C GLU C 35 -5.00 15.85 16.30
N LEU C 36 -5.89 15.95 17.28
CA LEU C 36 -6.61 17.18 17.53
C LEU C 36 -6.31 17.76 18.91
N HIS C 37 -5.79 18.98 18.91
CA HIS C 37 -5.62 19.76 20.13
C HIS C 37 -7.00 20.00 20.76
N PRO C 38 -7.09 19.97 22.11
CA PRO C 38 -8.32 20.14 22.88
C PRO C 38 -9.18 21.34 22.46
N LEU C 39 -8.54 22.43 22.06
CA LEU C 39 -9.25 23.61 21.57
C LEU C 39 -10.02 23.29 20.28
N LEU C 40 -9.39 22.56 19.38
CA LEU C 40 -10.04 22.17 18.14
C LEU C 40 -11.23 21.25 18.45
N VAL C 41 -11.01 20.32 19.36
CA VAL C 41 -12.04 19.38 19.77
C VAL C 41 -13.24 20.16 20.31
N ARG C 42 -12.98 21.19 21.10
CA ARG C 42 -14.05 22.02 21.62
C ARG C 42 -14.86 22.68 20.50
N ILE C 43 -14.17 23.08 19.43
CA ILE C 43 -14.82 23.74 18.32
C ILE C 43 -15.62 22.75 17.48
N ILE C 44 -15.01 21.59 17.25
CA ILE C 44 -15.62 20.53 16.43
C ILE C 44 -16.89 19.98 17.07
N ASP C 45 -16.91 19.93 18.39
CA ASP C 45 -18.01 19.30 19.09
C ASP C 45 -19.08 20.30 19.40
N THR C 46 -19.52 21.00 18.36
CA THR C 46 -20.59 21.99 18.50
C THR C 46 -21.61 21.72 17.43
N PRO C 47 -22.85 22.15 17.67
CA PRO C 47 -23.87 21.95 16.63
C PRO C 47 -23.52 22.62 15.30
N GLN C 48 -22.78 23.73 15.31
CA GLN C 48 -22.48 24.46 14.08
C GLN C 48 -21.44 23.75 13.21
N PHE C 49 -20.49 23.10 13.85
CA PHE C 49 -19.53 22.30 13.09
C PHE C 49 -20.14 20.94 12.69
N GLN C 50 -20.84 20.28 13.61
CA GLN C 50 -21.38 18.94 13.31
C GLN C 50 -22.39 19.00 12.15
N ARG C 51 -22.93 20.18 11.90
CA ARG C 51 -23.84 20.40 10.78
C ARG C 51 -23.27 19.88 9.44
N LEU C 52 -21.96 20.06 9.26
CA LEU C 52 -21.28 19.68 8.04
C LEU C 52 -21.32 18.17 7.74
N ARG C 53 -21.74 17.34 8.71
CA ARG C 53 -21.95 15.90 8.47
C ARG C 53 -23.13 15.67 7.54
N TYR C 54 -24.00 16.67 7.48
CA TYR C 54 -25.25 16.55 6.77
C TYR C 54 -25.28 17.31 5.43
N ILE C 55 -24.10 17.69 4.94
CA ILE C 55 -24.01 18.34 3.64
C ILE C 55 -23.04 17.61 2.72
N LYS C 56 -23.55 17.02 1.63
CA LYS C 56 -22.68 16.29 0.74
C LYS C 56 -21.68 17.19 0.00
N GLN C 57 -20.43 16.72 -0.08
CA GLN C 57 -19.35 17.47 -0.73
C GLN C 57 -19.68 17.87 -2.18
N LEU C 58 -20.10 16.92 -3.00
CA LEU C 58 -20.29 17.12 -4.43
C LEU C 58 -21.74 17.43 -4.81
N GLY C 59 -22.59 17.67 -3.80
CA GLY C 59 -23.98 18.03 -4.05
C GLY C 59 -24.66 16.92 -4.82
N GLY C 60 -25.23 17.25 -5.98
CA GLY C 60 -25.86 16.27 -6.83
C GLY C 60 -24.93 15.22 -7.43
N GLY C 61 -23.62 15.41 -7.27
CA GLY C 61 -22.62 14.49 -7.78
C GLY C 61 -22.87 13.04 -7.40
N TYR C 62 -23.36 12.84 -6.16
CA TYR C 62 -23.69 11.54 -5.57
C TYR C 62 -24.69 10.75 -6.39
N TYR C 63 -25.57 11.46 -7.10
CA TYR C 63 -26.63 10.84 -7.88
C TYR C 63 -26.12 10.36 -9.22
N VAL C 64 -24.86 10.67 -9.48
CA VAL C 64 -24.10 10.13 -10.59
C VAL C 64 -22.98 9.18 -10.12
N PHE C 65 -22.23 9.58 -9.07
CA PHE C 65 -21.09 8.79 -8.58
C PHE C 65 -21.41 8.23 -7.20
N PRO C 66 -21.82 6.95 -7.14
CA PRO C 66 -22.31 6.32 -5.90
C PRO C 66 -21.28 6.30 -4.79
N GLY C 67 -20.00 6.41 -5.12
CA GLY C 67 -18.96 6.48 -4.10
C GLY C 67 -18.82 7.84 -3.46
N ALA C 68 -19.47 8.85 -4.02
CA ALA C 68 -19.29 10.23 -3.58
C ALA C 68 -20.30 10.60 -2.47
N SER C 69 -20.45 9.70 -1.52
CA SER C 69 -21.33 9.91 -0.38
C SER C 69 -20.74 10.85 0.67
N HIS C 70 -19.51 11.29 0.46
CA HIS C 70 -18.79 12.06 1.50
C HIS C 70 -19.30 13.47 1.73
N ASN C 71 -19.09 13.94 2.95
CA ASN C 71 -19.64 15.20 3.38
C ASN C 71 -18.59 16.24 3.74
N ARG C 72 -19.06 17.46 3.97
CA ARG C 72 -18.20 18.58 4.28
C ARG C 72 -17.41 18.38 5.55
N PHE C 73 -17.97 17.58 6.47
CA PHE C 73 -17.38 17.37 7.78
C PHE C 73 -15.97 16.79 7.68
N GLU C 74 -15.87 15.63 7.01
CA GLU C 74 -14.59 14.94 6.94
C GLU C 74 -13.61 15.75 6.11
N HIS C 75 -14.12 16.46 5.12
CA HIS C 75 -13.26 17.34 4.32
C HIS C 75 -12.62 18.39 5.23
N SER C 76 -13.45 18.99 6.07
CA SER C 76 -12.99 20.04 6.97
C SER C 76 -11.93 19.55 7.98
N LEU C 77 -12.15 18.36 8.57
CA LEU C 77 -11.15 17.80 9.47
C LEU C 77 -9.83 17.68 8.71
N GLY C 78 -9.93 17.25 7.45
CA GLY C 78 -8.76 17.08 6.61
C GLY C 78 -7.99 18.36 6.37
N VAL C 79 -8.69 19.42 6.05
CA VAL C 79 -8.04 20.67 5.72
C VAL C 79 -7.41 21.27 6.96
N GLY C 80 -8.08 21.14 8.10
CA GLY C 80 -7.52 21.59 9.36
C GLY C 80 -6.24 20.84 9.64
N TYR C 81 -6.25 19.55 9.34
CA TYR C 81 -5.07 18.70 9.54
C TYR C 81 -3.93 19.12 8.61
N LEU C 82 -4.22 19.27 7.30
CA LEU C 82 -3.18 19.68 6.35
C LEU C 82 -2.64 21.08 6.73
N ALA C 83 -3.53 21.97 7.16
CA ALA C 83 -3.14 23.32 7.56
C ALA C 83 -2.07 23.21 8.64
N GLY C 84 -2.36 22.36 9.63
CA GLY C 84 -1.41 22.14 10.71
C GLY C 84 -0.09 21.56 10.25
N CYS C 85 -0.13 20.56 9.37
CA CYS C 85 1.10 19.92 8.90
C CYS C 85 2.02 20.92 8.22
N LEU C 86 1.44 21.83 7.44
CA LEU C 86 2.25 22.75 6.66
C LEU C 86 2.92 23.81 7.54
N VAL C 87 2.15 24.53 8.37
CA VAL C 87 2.76 25.48 9.31
C VAL C 87 3.85 24.81 10.13
N HIS C 88 3.53 23.66 10.69
CA HIS C 88 4.45 23.00 11.59
C HIS C 88 5.73 22.64 10.88
N ALA C 89 5.60 22.21 9.62
CA ALA C 89 6.78 21.82 8.84
C ALA C 89 7.70 23.00 8.57
N LEU C 90 7.11 24.15 8.26
CA LEU C 90 7.84 25.37 8.00
C LEU C 90 8.56 25.84 9.26
N GLY C 91 7.82 25.80 10.37
CA GLY C 91 8.32 26.22 11.68
C GLY C 91 9.55 25.48 12.15
N GLU C 92 9.60 24.19 11.88
CA GLU C 92 10.76 23.40 12.27
C GLU C 92 11.96 23.64 11.36
N LYS C 93 11.69 23.77 10.07
CA LYS C 93 12.75 23.95 9.10
C LYS C 93 13.28 25.37 9.12
N GLN C 94 12.43 26.31 9.53
CA GLN C 94 12.80 27.72 9.54
C GLN C 94 12.36 28.42 10.80
N PRO C 95 13.11 28.25 11.91
CA PRO C 95 12.78 28.89 13.19
C PRO C 95 12.76 30.41 13.09
N GLU C 96 13.41 30.96 12.07
CA GLU C 96 13.48 32.40 11.89
C GLU C 96 12.13 33.00 11.55
N LEU C 97 11.20 32.18 11.07
CA LEU C 97 9.88 32.66 10.69
C LEU C 97 9.07 33.10 11.89
N GLN C 98 9.53 32.70 13.08
CA GLN C 98 8.89 33.07 14.33
C GLN C 98 7.44 32.61 14.38
N ILE C 99 7.23 31.36 13.98
CA ILE C 99 5.89 30.82 13.98
C ILE C 99 5.57 30.40 15.41
N SER C 100 4.55 30.99 16.01
CA SER C 100 4.21 30.66 17.39
C SER C 100 3.26 29.48 17.42
N GLU C 101 3.17 28.79 18.56
CA GLU C 101 2.16 27.75 18.73
C GLU C 101 0.79 28.40 18.63
N ARG C 102 0.71 29.66 19.03
CA ARG C 102 -0.49 30.45 18.83
C ARG C 102 -0.85 30.56 17.34
N ASP C 103 0.17 30.67 16.49
CA ASP C 103 -0.03 30.77 15.04
C ASP C 103 -0.59 29.48 14.47
N VAL C 104 0.04 28.36 14.83
CA VAL C 104 -0.35 27.05 14.32
C VAL C 104 -1.80 26.69 14.64
N LEU C 105 -2.23 26.92 15.88
CA LEU C 105 -3.60 26.65 16.26
C LEU C 105 -4.53 27.52 15.41
N CYS C 106 -4.12 28.76 15.15
CA CYS C 106 -4.98 29.64 14.37
C CYS C 106 -5.09 29.19 12.92
N VAL C 107 -4.00 28.66 12.41
CA VAL C 107 -4.01 28.17 11.05
C VAL C 107 -4.88 26.91 10.96
N GLN C 108 -4.79 26.08 12.00
CA GLN C 108 -5.62 24.89 12.03
C GLN C 108 -7.11 25.19 12.13
N ILE C 109 -7.49 26.13 13.00
CA ILE C 109 -8.89 26.47 13.15
C ILE C 109 -9.42 27.01 11.83
N ALA C 110 -8.63 27.85 11.15
CA ALA C 110 -9.04 28.37 9.84
C ALA C 110 -9.29 27.23 8.83
N GLY C 111 -8.37 26.28 8.79
CA GLY C 111 -8.54 25.10 7.96
C GLY C 111 -9.82 24.38 8.31
N LEU C 112 -10.02 24.21 9.62
CA LEU C 112 -11.16 23.46 10.12
C LEU C 112 -12.46 24.15 9.77
N CYS C 113 -12.49 25.47 9.89
CA CYS C 113 -13.74 26.18 9.77
C CYS C 113 -14.01 26.83 8.43
N HIS C 114 -13.13 26.63 7.46
CA HIS C 114 -13.21 27.36 6.19
C HIS C 114 -14.49 27.08 5.40
N ASP C 115 -15.07 25.89 5.58
CA ASP C 115 -16.28 25.52 4.84
C ASP C 115 -17.55 25.64 5.64
N LEU C 116 -17.47 26.19 6.84
CA LEU C 116 -18.63 26.25 7.71
C LEU C 116 -19.86 26.85 7.01
N GLY C 117 -19.64 27.74 6.05
CA GLY C 117 -20.72 28.47 5.44
C GLY C 117 -21.46 27.76 4.33
N HIS C 118 -21.00 26.57 3.96
CA HIS C 118 -21.68 25.85 2.89
C HIS C 118 -23.11 25.51 3.27
N GLY C 119 -23.99 25.54 2.27
CA GLY C 119 -25.39 25.23 2.49
C GLY C 119 -25.69 23.90 1.87
N PRO C 120 -26.97 23.52 1.83
CA PRO C 120 -27.40 22.22 1.33
C PRO C 120 -26.83 21.94 -0.06
N PHE C 121 -26.23 20.78 -0.22
CA PHE C 121 -25.62 20.34 -1.47
C PHE C 121 -24.47 21.25 -1.91
N SER C 122 -23.84 21.90 -0.94
CA SER C 122 -22.65 22.69 -1.18
C SER C 122 -22.83 23.73 -2.29
N HIS C 123 -22.03 23.61 -3.35
CA HIS C 123 -21.94 24.65 -4.38
C HIS C 123 -23.21 24.89 -5.16
N MET C 124 -24.10 23.90 -5.15
CA MET C 124 -25.41 24.12 -5.72
C MET C 124 -26.09 25.28 -5.02
N PHE C 125 -25.81 25.45 -3.72
CA PHE C 125 -26.54 26.44 -2.94
C PHE C 125 -26.15 27.86 -3.26
N ASP C 126 -24.87 28.18 -3.10
CA ASP C 126 -24.42 29.55 -3.31
C ASP C 126 -24.12 29.89 -4.77
N GLY C 127 -23.94 28.87 -5.60
CA GLY C 127 -23.63 29.08 -7.00
C GLY C 127 -24.84 29.19 -7.92
N ARG C 128 -25.95 28.56 -7.54
CA ARG C 128 -27.15 28.64 -8.37
C ARG C 128 -28.38 29.06 -7.58
N PHE C 129 -28.73 28.32 -6.53
CA PHE C 129 -29.99 28.57 -5.82
C PHE C 129 -30.18 29.99 -5.32
N ILE C 130 -29.27 30.46 -4.47
CA ILE C 130 -29.37 31.82 -3.95
C ILE C 130 -29.43 32.88 -5.07
N PRO C 131 -28.55 32.79 -6.10
CA PRO C 131 -28.67 33.72 -7.25
C PRO C 131 -30.06 33.72 -7.90
N LEU C 132 -30.70 32.56 -7.98
CA LEU C 132 -32.05 32.47 -8.56
C LEU C 132 -33.15 33.04 -7.65
N ALA C 133 -33.02 32.79 -6.35
CA ALA C 133 -34.02 33.17 -5.35
C ALA C 133 -33.92 34.65 -4.97
N ARG C 134 -32.69 35.14 -4.83
CA ARG C 134 -32.45 36.50 -4.38
C ARG C 134 -31.30 37.11 -5.17
N PRO C 135 -31.56 37.49 -6.44
CA PRO C 135 -30.53 38.00 -7.36
C PRO C 135 -29.83 39.27 -6.85
N GLU C 136 -30.56 40.04 -6.07
CA GLU C 136 -30.09 41.33 -5.56
C GLU C 136 -29.00 41.11 -4.51
N VAL C 137 -29.10 39.99 -3.81
CA VAL C 137 -28.20 39.66 -2.71
C VAL C 137 -26.90 39.07 -3.28
N LYS C 138 -25.78 39.47 -2.67
CA LYS C 138 -24.49 38.86 -3.01
C LYS C 138 -24.01 38.01 -1.85
N TRP C 139 -23.86 36.73 -2.13
CA TRP C 139 -23.63 35.74 -1.09
C TRP C 139 -22.66 34.69 -1.54
N THR C 140 -21.67 34.41 -0.70
CA THR C 140 -20.77 33.29 -0.93
C THR C 140 -20.79 32.48 0.33
N HIS C 141 -20.49 31.19 0.22
CA HIS C 141 -20.46 30.34 1.41
C HIS C 141 -19.28 30.72 2.29
N GLU C 142 -18.25 31.32 1.69
CA GLU C 142 -17.11 31.83 2.44
C GLU C 142 -17.55 32.91 3.42
N GLN C 143 -18.44 33.80 2.98
CA GLN C 143 -19.00 34.78 3.88
C GLN C 143 -19.73 34.04 4.99
N GLY C 144 -20.55 33.07 4.59
CA GLY C 144 -21.22 32.20 5.53
C GLY C 144 -20.26 31.61 6.55
N SER C 145 -19.11 31.12 6.10
CA SER C 145 -18.17 30.49 7.03
C SER C 145 -17.72 31.49 8.08
N VAL C 146 -17.45 32.72 7.66
CA VAL C 146 -17.07 33.76 8.63
C VAL C 146 -18.21 34.04 9.60
N MET C 147 -19.44 34.20 9.09
CA MET C 147 -20.62 34.40 9.93
C MET C 147 -20.90 33.21 10.87
N MET C 148 -20.84 32.01 10.30
CA MET C 148 -21.14 30.80 11.05
C MET C 148 -20.05 30.58 12.11
N PHE C 149 -18.82 30.96 11.80
CA PHE C 149 -17.72 30.80 12.73
C PHE C 149 -17.94 31.69 13.93
N GLU C 150 -18.43 32.91 13.70
CA GLU C 150 -18.75 33.83 14.79
C GLU C 150 -19.87 33.26 15.68
N HIS C 151 -20.94 32.77 15.05
CA HIS C 151 -22.07 32.14 15.75
C HIS C 151 -21.64 30.97 16.61
N LEU C 152 -20.71 30.18 16.09
CA LEU C 152 -20.20 28.99 16.78
C LEU C 152 -19.50 29.43 18.05
N ILE C 153 -18.68 30.45 17.92
CA ILE C 153 -17.89 30.91 19.04
C ILE C 153 -18.72 31.51 20.16
N ASN C 154 -19.73 32.30 19.79
CA ASN C 154 -20.55 32.98 20.77
C ASN C 154 -21.49 32.00 21.47
N SER C 155 -22.16 31.17 20.68
CA SER C 155 -23.11 30.18 21.19
C SER C 155 -22.49 29.22 22.19
N ASN C 156 -21.25 28.81 21.93
CA ASN C 156 -20.57 27.81 22.73
C ASN C 156 -19.46 28.32 23.68
N GLY C 157 -19.36 29.64 23.82
CA GLY C 157 -18.41 30.23 24.76
C GLY C 157 -16.97 29.80 24.50
N ILE C 158 -16.54 29.87 23.25
CA ILE C 158 -15.21 29.36 22.89
C ILE C 158 -14.12 30.34 23.32
N LYS C 159 -14.44 31.63 23.39
CA LYS C 159 -13.42 32.65 23.71
C LYS C 159 -12.64 32.40 25.00
N PRO C 160 -13.33 32.08 26.13
CA PRO C 160 -12.54 31.72 27.33
C PRO C 160 -11.62 30.53 27.03
N VAL C 161 -12.12 29.54 26.30
CA VAL C 161 -11.28 28.39 25.96
C VAL C 161 -10.10 28.82 25.09
N MET C 162 -10.30 29.81 24.21
CA MET C 162 -9.19 30.31 23.41
C MET C 162 -8.13 30.96 24.32
N GLU C 163 -8.57 31.82 25.23
CA GLU C 163 -7.65 32.48 26.16
C GLU C 163 -6.88 31.47 26.99
N GLN C 164 -7.58 30.42 27.41
CA GLN C 164 -6.97 29.36 28.21
C GLN C 164 -5.76 28.74 27.53
N TYR C 165 -5.81 28.60 26.20
CA TYR C 165 -4.72 27.95 25.49
C TYR C 165 -3.70 28.88 24.87
N GLY C 166 -3.80 30.16 25.20
CA GLY C 166 -2.77 31.12 24.83
C GLY C 166 -3.13 31.96 23.62
N LEU C 167 -4.39 31.90 23.22
CA LEU C 167 -4.88 32.71 22.12
C LEU C 167 -5.41 34.05 22.63
N ILE C 168 -5.19 35.10 21.84
CA ILE C 168 -5.83 36.37 22.13
C ILE C 168 -7.00 36.51 21.19
N PRO C 169 -8.21 36.34 21.71
CA PRO C 169 -9.43 36.23 20.91
C PRO C 169 -9.64 37.32 19.89
N GLU C 170 -9.35 38.58 20.19
CA GLU C 170 -9.79 39.60 19.26
C GLU C 170 -8.84 39.72 18.09
N GLU C 171 -7.55 39.50 18.33
CA GLU C 171 -6.65 39.39 17.20
C GLU C 171 -6.78 38.07 16.46
N ASP C 172 -6.87 36.97 17.19
CA ASP C 172 -6.79 35.67 16.56
C ASP C 172 -8.06 35.33 15.80
N ILE C 173 -9.22 35.70 16.36
CA ILE C 173 -10.47 35.50 15.65
C ILE C 173 -10.48 36.24 14.29
N CYS C 174 -9.91 37.45 14.26
CA CYS C 174 -9.77 38.20 12.99
C CYS C 174 -8.84 37.49 12.01
N PHE C 175 -7.71 37.02 12.52
CA PHE C 175 -6.75 36.27 11.72
C PHE C 175 -7.44 35.10 11.03
N ILE C 176 -8.21 34.37 11.81
CA ILE C 176 -8.88 33.19 11.32
C ILE C 176 -9.91 33.55 10.23
N LYS C 177 -10.75 34.54 10.48
CA LYS C 177 -11.73 34.95 9.48
C LYS C 177 -11.03 35.40 8.17
N GLU C 178 -9.91 36.12 8.31
CA GLU C 178 -9.17 36.64 7.15
C GLU C 178 -8.60 35.51 6.29
N GLN C 179 -8.13 34.46 6.95
CA GLN C 179 -7.62 33.28 6.26
C GLN C 179 -8.70 32.64 5.41
N ILE C 180 -9.95 32.94 5.72
CA ILE C 180 -11.08 32.28 5.05
C ILE C 180 -11.63 33.12 3.90
N VAL C 181 -12.08 34.34 4.18
CA VAL C 181 -12.70 35.19 3.17
C VAL C 181 -11.74 36.26 2.61
N GLY C 182 -10.54 36.35 3.17
CA GLY C 182 -9.61 37.39 2.77
C GLY C 182 -9.73 38.63 3.63
N PRO C 183 -9.02 39.72 3.26
CA PRO C 183 -9.01 40.96 4.05
C PRO C 183 -10.41 41.54 4.17
N LEU C 184 -10.82 41.91 5.38
CA LEU C 184 -12.20 42.28 5.64
C LEU C 184 -12.55 43.60 4.95
N LEU C 192 0.50 49.80 2.65
CA LEU C 192 -0.90 49.50 2.42
C LEU C 192 -1.22 48.00 2.59
N TRP C 193 -0.73 47.43 3.66
CA TRP C 193 -0.93 46.01 4.00
C TRP C 193 -2.33 45.82 4.57
N PRO C 194 -3.17 45.05 3.85
CA PRO C 194 -4.61 44.96 4.13
C PRO C 194 -5.02 44.17 5.38
N TYR C 195 -4.17 43.29 5.90
CA TYR C 195 -4.60 42.36 6.97
C TYR C 195 -4.41 42.94 8.36
N LYS C 196 -5.51 42.97 9.11
CA LYS C 196 -5.50 43.45 10.47
C LYS C 196 -5.09 42.36 11.47
N GLY C 197 -5.21 41.10 11.06
CA GLY C 197 -5.01 39.97 11.97
C GLY C 197 -3.57 39.55 12.22
N ARG C 198 -2.72 39.79 11.22
CA ARG C 198 -1.28 39.51 11.33
C ARG C 198 -0.46 40.53 10.57
N PRO C 199 0.77 40.78 11.03
CA PRO C 199 1.67 41.72 10.34
C PRO C 199 2.23 41.13 9.06
N GLU C 200 2.81 42.01 8.24
CA GLU C 200 3.27 41.63 6.92
C GLU C 200 4.40 40.58 6.92
N ASN C 201 5.12 40.46 8.03
CA ASN C 201 6.20 39.48 8.09
C ASN C 201 5.71 38.04 8.29
N LYS C 202 4.48 37.87 8.74
CA LYS C 202 3.90 36.53 8.80
C LYS C 202 2.94 36.26 7.63
N SER C 203 3.00 37.13 6.63
CA SER C 203 2.09 37.08 5.48
C SER C 203 1.93 35.71 4.83
N PHE C 204 2.99 34.90 4.83
CA PHE C 204 2.98 33.57 4.24
C PHE C 204 1.89 32.65 4.86
N LEU C 205 1.52 32.92 6.12
CA LEU C 205 0.46 32.15 6.78
C LEU C 205 -0.87 32.26 6.04
N TYR C 206 -1.09 33.38 5.36
CA TYR C 206 -2.34 33.56 4.64
C TYR C 206 -2.35 32.76 3.33
N GLU C 207 -1.24 32.12 2.99
CA GLU C 207 -1.17 31.34 1.76
C GLU C 207 -1.52 29.87 1.97
N ILE C 208 -1.79 29.51 3.22
CA ILE C 208 -2.00 28.13 3.61
C ILE C 208 -3.41 27.57 3.40
N VAL C 209 -4.42 28.19 4.00
CA VAL C 209 -5.78 27.67 3.89
C VAL C 209 -6.38 28.02 2.54
N SER C 210 -6.26 29.28 2.15
CA SER C 210 -6.77 29.69 0.85
C SER C 210 -5.71 30.52 0.12
N ASN C 211 -5.23 30.02 -1.01
CA ASN C 211 -4.27 30.75 -1.84
C ASN C 211 -4.92 31.12 -3.16
N LYS C 212 -5.15 32.42 -3.36
CA LYS C 212 -5.91 32.87 -4.51
C LYS C 212 -5.06 33.16 -5.74
N ARG C 213 -3.78 33.42 -5.54
CA ARG C 213 -2.87 33.62 -6.65
C ARG C 213 -2.68 32.40 -7.52
N ASN C 214 -2.10 31.37 -6.93
CA ASN C 214 -1.72 30.17 -7.66
C ASN C 214 -2.55 28.94 -7.36
N GLY C 215 -3.55 29.12 -6.50
CA GLY C 215 -4.46 28.05 -6.16
C GLY C 215 -3.80 26.81 -5.58
N ILE C 216 -2.69 27.01 -4.89
CA ILE C 216 -2.06 25.90 -4.21
C ILE C 216 -2.21 26.11 -2.73
N ASP C 217 -3.05 25.29 -2.12
CA ASP C 217 -3.32 25.39 -0.69
C ASP C 217 -3.82 24.05 -0.14
N VAL C 218 -3.92 23.99 1.18
CA VAL C 218 -4.25 22.76 1.86
C VAL C 218 -5.70 22.36 1.61
N ASP C 219 -6.57 23.34 1.37
CA ASP C 219 -7.96 23.08 1.06
C ASP C 219 -8.10 22.20 -0.21
N LYS C 220 -7.46 22.62 -1.31
CA LYS C 220 -7.50 21.83 -2.56
C LYS C 220 -6.80 20.47 -2.40
N TRP C 221 -5.68 20.43 -1.67
CA TRP C 221 -4.97 19.17 -1.50
C TRP C 221 -5.89 18.14 -0.93
N ASP C 222 -6.65 18.51 0.10
CA ASP C 222 -7.59 17.56 0.70
C ASP C 222 -8.68 17.13 -0.27
N TYR C 223 -9.43 18.08 -0.85
CA TYR C 223 -10.55 17.66 -1.68
C TYR C 223 -10.07 17.07 -3.01
N PHE C 224 -8.86 17.40 -3.47
CA PHE C 224 -8.32 16.63 -4.60
C PHE C 224 -8.16 15.16 -4.22
N ALA C 225 -7.47 14.92 -3.11
CA ALA C 225 -7.21 13.57 -2.61
C ALA C 225 -8.51 12.86 -2.22
N ARG C 226 -9.41 13.62 -1.61
CA ARG C 226 -10.60 13.02 -1.06
C ARG C 226 -11.63 12.70 -2.16
N ASP C 227 -11.87 13.65 -3.06
CA ASP C 227 -12.80 13.42 -4.17
C ASP C 227 -12.30 12.27 -5.03
N CYS C 228 -11.00 12.27 -5.34
CA CYS C 228 -10.38 11.19 -6.11
C CYS C 228 -10.61 9.84 -5.44
N HIS C 229 -10.36 9.79 -4.14
CA HIS C 229 -10.60 8.61 -3.36
C HIS C 229 -12.04 8.12 -3.57
N HIS C 230 -12.99 9.04 -3.49
CA HIS C 230 -14.41 8.67 -3.60
C HIS C 230 -14.93 8.50 -5.00
N LEU C 231 -14.35 9.20 -5.96
CA LEU C 231 -14.78 9.10 -7.35
C LEU C 231 -14.12 7.95 -8.09
N GLY C 232 -13.08 7.39 -7.49
CA GLY C 232 -12.30 6.35 -8.14
C GLY C 232 -11.54 6.87 -9.34
N ILE C 233 -10.91 8.02 -9.15
CA ILE C 233 -10.10 8.73 -10.13
C ILE C 233 -8.73 8.80 -9.52
N GLN C 234 -7.69 8.57 -10.30
CA GLN C 234 -6.38 8.54 -9.66
C GLN C 234 -5.86 9.95 -9.49
N ASN C 235 -5.29 10.20 -8.32
CA ASN C 235 -4.76 11.48 -7.92
C ASN C 235 -3.27 11.40 -8.01
N ASN C 236 -2.58 12.11 -8.91
CA ASN C 236 -1.17 11.73 -8.88
C ASN C 236 -0.44 12.82 -8.13
N PHE C 237 -1.16 13.77 -7.56
CA PHE C 237 -0.47 14.75 -6.74
C PHE C 237 -0.16 14.18 -5.35
N ASP C 238 1.09 14.26 -4.91
CA ASP C 238 1.48 13.81 -3.58
C ASP C 238 1.71 15.03 -2.67
N TYR C 239 0.81 15.26 -1.71
CA TYR C 239 0.94 16.43 -0.86
C TYR C 239 2.05 16.26 0.20
N LYS C 240 2.33 15.03 0.61
CA LYS C 240 3.35 14.81 1.62
C LYS C 240 4.73 15.22 1.09
N ARG C 241 5.01 14.87 -0.16
CA ARG C 241 6.28 15.24 -0.81
C ARG C 241 6.43 16.75 -0.80
N PHE C 242 5.42 17.42 -1.33
CA PHE C 242 5.38 18.88 -1.42
C PHE C 242 5.47 19.62 -0.08
N ILE C 243 4.83 19.08 0.96
CA ILE C 243 4.95 19.71 2.28
C ILE C 243 6.34 19.56 2.86
N LYS C 244 6.93 18.38 2.66
CA LYS C 244 8.28 18.11 3.14
C LYS C 244 9.28 19.11 2.59
N PHE C 245 9.09 19.52 1.33
CA PHE C 245 10.07 20.38 0.66
C PHE C 245 9.71 21.90 0.57
N ALA C 246 8.57 22.31 1.12
CA ALA C 246 8.18 23.74 1.11
C ALA C 246 9.12 24.62 1.96
N ARG C 247 9.39 25.83 1.47
CA ARG C 247 10.16 26.84 2.22
C ARG C 247 9.49 28.20 2.07
N VAL C 248 9.65 29.06 3.06
CA VAL C 248 9.22 30.44 2.89
C VAL C 248 10.41 31.26 2.43
N CYS C 249 10.31 31.85 1.25
CA CYS C 249 11.38 32.66 0.71
C CYS C 249 10.85 34.03 0.31
N GLU C 250 11.74 35.03 0.25
CA GLU C 250 11.39 36.36 -0.20
C GLU C 250 11.26 36.36 -1.71
N VAL C 251 10.09 36.74 -2.22
CA VAL C 251 9.87 36.96 -3.66
C VAL C 251 9.14 38.28 -3.89
N ASP C 252 9.79 39.25 -4.53
CA ASP C 252 9.19 40.57 -4.80
C ASP C 252 8.69 41.29 -3.51
N ASN C 253 9.61 41.25 -2.55
CA ASN C 253 9.77 41.84 -1.19
C ASN C 253 8.57 41.35 -0.34
N GLU C 254 7.97 40.21 -0.73
CA GLU C 254 6.92 39.54 0.07
C GLU C 254 7.34 38.11 0.48
N LEU C 255 7.00 37.68 1.69
CA LEU C 255 7.29 36.31 2.09
C LEU C 255 6.26 35.32 1.53
N ARG C 256 6.73 34.34 0.77
CA ARG C 256 5.85 33.38 0.09
C ARG C 256 6.31 31.95 0.21
N ILE C 257 5.35 31.02 0.17
CA ILE C 257 5.69 29.61 0.23
C ILE C 257 6.21 29.20 -1.14
N CYS C 258 7.39 28.58 -1.17
CA CYS C 258 8.01 28.20 -2.42
C CYS C 258 8.25 26.69 -2.47
N ALA C 259 8.25 26.14 -3.68
CA ALA C 259 8.43 24.70 -3.88
C ALA C 259 9.90 24.45 -4.24
N ARG C 260 10.51 23.35 -3.84
CA ARG C 260 11.84 23.14 -4.38
C ARG C 260 11.73 22.71 -5.83
N ASP C 261 12.77 23.02 -6.58
CA ASP C 261 12.80 22.79 -8.01
C ASP C 261 12.50 21.36 -8.44
N LYS C 262 12.88 20.38 -7.63
CA LYS C 262 12.68 18.97 -7.99
C LYS C 262 11.21 18.58 -7.83
N GLU C 263 10.41 19.49 -7.28
CA GLU C 263 8.98 19.23 -7.10
C GLU C 263 8.13 19.63 -8.31
N VAL C 264 8.77 20.18 -9.33
CA VAL C 264 8.06 20.62 -10.53
C VAL C 264 7.14 19.52 -11.09
N GLY C 265 7.60 18.27 -11.11
CA GLY C 265 6.79 17.20 -11.64
C GLY C 265 5.53 16.96 -10.81
N ASN C 266 5.68 17.07 -9.50
CA ASN C 266 4.56 16.91 -8.58
C ASN C 266 3.50 17.99 -8.80
N LEU C 267 3.92 19.25 -8.97
CA LEU C 267 2.97 20.34 -9.22
C LEU C 267 2.21 20.18 -10.52
N TYR C 268 2.89 19.68 -11.55
CA TYR C 268 2.20 19.43 -12.82
C TYR C 268 1.12 18.37 -12.66
N ASP C 269 1.41 17.36 -11.83
CA ASP C 269 0.44 16.31 -11.60
C ASP C 269 -0.76 16.89 -10.85
N MET C 270 -0.48 17.83 -9.96
CA MET C 270 -1.55 18.47 -9.23
C MET C 270 -2.51 19.18 -10.19
N PHE C 271 -1.94 19.95 -11.10
CA PHE C 271 -2.75 20.72 -12.04
C PHE C 271 -3.54 19.83 -12.97
N HIS C 272 -2.95 18.69 -13.32
CA HIS C 272 -3.68 17.71 -14.11
C HIS C 272 -4.75 16.94 -13.32
N THR C 273 -4.53 16.71 -12.03
CA THR C 273 -5.54 16.01 -11.25
C THR C 273 -6.76 16.93 -11.13
N ARG C 274 -6.48 18.20 -10.92
CA ARG C 274 -7.52 19.22 -10.86
C ARG C 274 -8.36 19.25 -12.14
N ASN C 275 -7.70 19.22 -13.28
CA ASN C 275 -8.45 19.18 -14.53
C ASN C 275 -9.33 17.95 -14.65
N SER C 276 -8.80 16.78 -14.31
CA SER C 276 -9.59 15.58 -14.44
C SER C 276 -10.84 15.68 -13.58
N LEU C 277 -10.68 16.18 -12.35
CA LEU C 277 -11.78 16.35 -11.45
C LEU C 277 -12.81 17.33 -12.02
N HIS C 278 -12.36 18.44 -12.59
CA HIS C 278 -13.32 19.39 -13.18
C HIS C 278 -14.03 18.80 -14.40
N ARG C 279 -13.28 18.15 -15.27
CA ARG C 279 -13.85 17.65 -16.52
C ARG C 279 -14.71 16.40 -16.31
N ARG C 280 -14.23 15.48 -15.47
CA ARG C 280 -14.91 14.21 -15.20
C ARG C 280 -16.02 14.28 -14.14
N ALA C 281 -15.87 15.19 -13.16
CA ALA C 281 -16.79 15.21 -12.02
C ALA C 281 -17.59 16.52 -11.92
N TYR C 282 -16.92 17.65 -11.64
CA TYR C 282 -17.65 18.90 -11.39
C TYR C 282 -18.50 19.36 -12.59
N GLN C 283 -18.05 19.06 -13.80
CA GLN C 283 -18.76 19.46 -15.01
C GLN C 283 -19.66 18.36 -15.61
N HIS C 284 -19.81 17.25 -14.89
CA HIS C 284 -20.58 16.13 -15.38
C HIS C 284 -21.96 16.58 -15.80
N LYS C 285 -22.38 16.20 -17.01
CA LYS C 285 -23.64 16.70 -17.55
C LYS C 285 -24.84 16.30 -16.70
N VAL C 286 -24.97 15.03 -16.39
CA VAL C 286 -26.14 14.62 -15.63
C VAL C 286 -26.11 15.17 -14.21
N GLY C 287 -24.95 15.16 -13.59
CA GLY C 287 -24.77 15.72 -12.26
C GLY C 287 -25.28 17.14 -12.16
N ASN C 288 -24.87 18.00 -13.08
CA ASN C 288 -25.33 19.39 -13.08
C ASN C 288 -26.81 19.53 -13.44
N ILE C 289 -27.32 18.68 -14.33
CA ILE C 289 -28.77 18.64 -14.57
C ILE C 289 -29.52 18.40 -13.25
N ILE C 290 -29.09 17.39 -12.52
CA ILE C 290 -29.68 17.01 -11.23
C ILE C 290 -29.61 18.16 -10.21
N ASP C 291 -28.50 18.90 -10.23
CA ASP C 291 -28.38 20.05 -9.34
C ASP C 291 -29.39 21.11 -9.73
N THR C 292 -29.74 21.18 -11.01
CA THR C 292 -30.76 22.14 -11.39
C THR C 292 -32.14 21.64 -11.04
N MET C 293 -32.33 20.33 -11.04
CA MET C 293 -33.61 19.78 -10.58
C MET C 293 -33.82 20.02 -9.07
N ILE C 294 -32.78 19.76 -8.27
CA ILE C 294 -32.87 20.03 -6.83
C ILE C 294 -33.13 21.50 -6.54
N THR C 295 -32.47 22.38 -7.28
CA THR C 295 -32.66 23.82 -7.16
C THR C 295 -34.09 24.23 -7.58
N ASP C 296 -34.56 23.66 -8.69
CA ASP C 296 -35.91 23.92 -9.16
C ASP C 296 -36.91 23.47 -8.08
N ALA C 297 -36.59 22.36 -7.42
CA ALA C 297 -37.42 21.89 -6.33
C ALA C 297 -37.36 22.85 -5.14
N PHE C 298 -36.16 23.31 -4.78
CA PHE C 298 -36.06 24.26 -3.67
C PHE C 298 -36.86 25.56 -3.92
N LEU C 299 -36.79 26.08 -5.13
CA LEU C 299 -37.50 27.32 -5.49
C LEU C 299 -39.00 27.11 -5.33
N LYS C 300 -39.51 26.00 -5.85
CA LYS C 300 -40.92 25.69 -5.71
C LYS C 300 -41.31 25.37 -4.27
N ALA C 301 -40.35 25.06 -3.42
CA ALA C 301 -40.64 24.83 -2.01
C ALA C 301 -40.36 26.04 -1.13
N ASP C 302 -39.68 27.05 -1.68
CA ASP C 302 -39.11 28.10 -0.85
C ASP C 302 -40.15 28.89 -0.05
N ASP C 303 -41.26 29.23 -0.67
CA ASP C 303 -42.30 30.01 0.02
C ASP C 303 -42.89 29.34 1.24
N TYR C 304 -43.08 28.03 1.16
CA TYR C 304 -43.87 27.31 2.16
C TYR C 304 -43.08 26.66 3.29
N ILE C 305 -41.76 26.63 3.21
CA ILE C 305 -40.98 25.92 4.24
C ILE C 305 -40.47 26.91 5.29
N GLU C 306 -40.58 26.49 6.54
CA GLU C 306 -40.25 27.32 7.68
C GLU C 306 -39.10 26.73 8.45
N ILE C 307 -38.05 27.53 8.63
CA ILE C 307 -36.91 27.15 9.45
C ILE C 307 -36.87 28.11 10.62
N THR C 308 -36.77 27.59 11.83
CA THR C 308 -36.81 28.44 13.01
C THR C 308 -35.44 29.00 13.33
N GLY C 309 -35.36 30.32 13.27
CA GLY C 309 -34.14 31.06 13.59
C GLY C 309 -34.21 31.71 14.96
N ALA C 310 -33.35 32.70 15.19
CA ALA C 310 -33.29 33.42 16.45
C ALA C 310 -34.56 34.21 16.76
N GLY C 311 -34.89 34.30 18.05
CA GLY C 311 -36.08 35.01 18.46
C GLY C 311 -37.35 34.35 17.97
N GLY C 312 -37.24 33.05 17.66
CA GLY C 312 -38.38 32.28 17.19
C GLY C 312 -38.87 32.68 15.82
N LYS C 313 -38.20 33.65 15.21
CA LYS C 313 -38.57 34.13 13.89
C LYS C 313 -38.45 32.98 12.91
N LYS C 314 -39.26 33.04 11.86
CA LYS C 314 -39.27 32.01 10.85
C LYS C 314 -38.60 32.47 9.58
N TYR C 315 -37.75 31.61 9.03
CA TYR C 315 -37.01 31.89 7.81
C TYR C 315 -37.35 30.86 6.72
N ARG C 316 -37.05 31.19 5.48
CA ARG C 316 -37.20 30.24 4.39
C ARG C 316 -35.82 29.72 4.01
N ILE C 317 -35.78 28.84 3.02
CA ILE C 317 -34.53 28.29 2.52
C ILE C 317 -33.63 29.44 2.00
N SER C 318 -34.20 30.33 1.20
CA SER C 318 -33.40 31.43 0.62
C SER C 318 -33.02 32.45 1.68
N THR C 319 -33.81 32.49 2.76
CA THR C 319 -33.61 33.47 3.81
C THR C 319 -32.77 33.00 4.98
N ALA C 320 -32.56 31.70 5.08
CA ALA C 320 -31.87 31.16 6.23
C ALA C 320 -30.47 31.73 6.36
N ILE C 321 -29.90 32.15 5.22
CA ILE C 321 -28.56 32.74 5.23
C ILE C 321 -28.48 34.03 6.06
N ASP C 322 -29.62 34.66 6.31
CA ASP C 322 -29.63 35.90 7.04
C ASP C 322 -29.46 35.68 8.55
N ASP C 323 -29.76 34.50 9.05
CA ASP C 323 -29.64 34.22 10.49
C ASP C 323 -28.92 32.90 10.76
N MET C 324 -27.82 32.94 11.51
CA MET C 324 -27.04 31.72 11.70
C MET C 324 -27.73 30.63 12.51
N GLU C 325 -28.71 31.00 13.33
CA GLU C 325 -29.44 29.99 14.05
C GLU C 325 -30.34 29.20 13.11
N ALA C 326 -31.00 29.86 12.17
CA ALA C 326 -31.80 29.08 11.21
C ALA C 326 -30.89 28.26 10.30
N TYR C 327 -29.82 28.89 9.85
CA TYR C 327 -28.91 28.27 8.89
C TYR C 327 -28.26 27.03 9.51
N THR C 328 -28.04 27.04 10.83
CA THR C 328 -27.50 25.86 11.48
C THR C 328 -28.38 24.61 11.22
N LYS C 329 -29.69 24.83 11.08
CA LYS C 329 -30.64 23.76 10.81
C LYS C 329 -30.90 23.55 9.30
N LEU C 330 -30.19 24.25 8.43
CA LEU C 330 -30.44 24.06 7.00
C LEU C 330 -29.34 23.20 6.34
N THR C 331 -29.69 21.96 6.01
CA THR C 331 -28.75 21.01 5.44
C THR C 331 -29.44 20.19 4.38
N ASP C 332 -28.78 19.14 3.92
CA ASP C 332 -29.35 18.33 2.83
C ASP C 332 -30.69 17.74 3.23
N ASN C 333 -30.93 17.67 4.53
CA ASN C 333 -32.19 17.19 5.08
C ASN C 333 -33.42 17.84 4.42
N ILE C 334 -33.28 19.10 4.02
CA ILE C 334 -34.38 19.79 3.38
C ILE C 334 -34.85 19.04 2.12
N PHE C 335 -33.96 18.30 1.47
CA PHE C 335 -34.32 17.49 0.30
C PHE C 335 -35.37 16.44 0.70
N LEU C 336 -35.10 15.72 1.79
CA LEU C 336 -35.97 14.63 2.27
C LEU C 336 -37.26 15.17 2.92
N GLU C 337 -37.13 16.27 3.66
CA GLU C 337 -38.29 16.97 4.19
C GLU C 337 -39.29 17.24 3.06
N ILE C 338 -38.79 17.77 1.94
CA ILE C 338 -39.63 17.98 0.76
C ILE C 338 -40.15 16.66 0.17
N LEU C 339 -39.26 15.70 -0.03
CA LEU C 339 -39.62 14.43 -0.64
C LEU C 339 -40.68 13.65 0.15
N TYR C 340 -40.60 13.67 1.49
CA TYR C 340 -41.49 12.84 2.31
C TYR C 340 -42.77 13.58 2.68
N SER C 341 -42.81 14.88 2.38
CA SER C 341 -43.89 15.73 2.83
C SER C 341 -45.24 15.36 2.18
N THR C 342 -46.31 15.42 2.97
CA THR C 342 -47.66 15.22 2.47
C THR C 342 -48.34 16.54 2.06
N ASP C 343 -47.83 17.66 2.57
CA ASP C 343 -48.43 18.97 2.35
C ASP C 343 -48.63 19.21 0.85
N PRO C 344 -49.89 19.46 0.44
CA PRO C 344 -50.17 19.67 -0.99
C PRO C 344 -49.63 20.99 -1.54
N LYS C 345 -49.33 21.95 -0.67
CA LYS C 345 -48.66 23.17 -1.11
C LYS C 345 -47.26 22.86 -1.67
N LEU C 346 -46.62 21.81 -1.16
CA LEU C 346 -45.29 21.39 -1.60
C LEU C 346 -45.33 20.35 -2.68
N LYS C 347 -46.51 20.07 -3.21
CA LYS C 347 -46.63 19.00 -4.19
C LYS C 347 -45.75 19.21 -5.41
N ASP C 348 -45.64 20.46 -5.84
CA ASP C 348 -44.85 20.76 -7.01
C ASP C 348 -43.37 20.53 -6.78
N ALA C 349 -42.88 20.96 -5.63
CA ALA C 349 -41.50 20.72 -5.28
C ALA C 349 -41.23 19.21 -5.27
N ARG C 350 -42.13 18.49 -4.59
CA ARG C 350 -42.10 17.04 -4.46
C ARG C 350 -42.08 16.30 -5.80
N GLU C 351 -42.81 16.83 -6.77
CA GLU C 351 -42.95 16.15 -8.05
C GLU C 351 -41.64 16.16 -8.82
N ILE C 352 -40.88 17.24 -8.64
CA ILE C 352 -39.56 17.32 -9.23
C ILE C 352 -38.60 16.34 -8.54
N LEU C 353 -38.62 16.31 -7.21
CA LEU C 353 -37.80 15.37 -6.47
C LEU C 353 -38.21 13.92 -6.75
N LYS C 354 -39.52 13.68 -6.88
CA LYS C 354 -39.93 12.36 -7.32
C LYS C 354 -39.44 12.04 -8.72
N GLN C 355 -39.29 13.06 -9.57
CA GLN C 355 -38.74 12.83 -10.89
C GLN C 355 -37.31 12.37 -10.84
N ILE C 356 -36.53 12.95 -9.92
CA ILE C 356 -35.14 12.51 -9.78
C ILE C 356 -35.07 11.03 -9.39
N GLU C 357 -35.82 10.64 -8.36
CA GLU C 357 -35.89 9.24 -7.93
C GLU C 357 -36.26 8.29 -9.08
N TYR C 358 -37.29 8.66 -9.86
CA TYR C 358 -37.73 7.83 -10.98
C TYR C 358 -36.80 7.97 -12.20
N ARG C 359 -35.85 8.90 -12.09
CA ARG C 359 -34.82 9.15 -13.10
C ARG C 359 -35.40 9.61 -14.43
N ASN C 360 -36.42 10.45 -14.36
CA ASN C 360 -36.87 11.17 -15.51
C ASN C 360 -36.39 12.59 -15.31
N LEU C 361 -35.29 12.94 -15.98
CA LEU C 361 -34.53 14.13 -15.66
C LEU C 361 -34.70 15.17 -16.75
N PHE C 362 -34.32 16.41 -16.46
CA PHE C 362 -34.35 17.44 -17.48
C PHE C 362 -33.53 16.93 -18.63
N LYS C 363 -33.92 17.23 -19.86
CA LYS C 363 -33.13 16.73 -20.96
C LYS C 363 -32.21 17.82 -21.48
N TYR C 364 -31.02 17.40 -21.87
CA TYR C 364 -29.91 18.28 -22.24
C TYR C 364 -30.06 18.79 -23.66
N VAL C 365 -30.15 20.11 -23.82
CA VAL C 365 -30.27 20.73 -25.14
C VAL C 365 -28.91 21.00 -25.79
N GLY C 366 -28.06 21.74 -25.10
CA GLY C 366 -26.75 22.03 -25.66
C GLY C 366 -25.84 22.85 -24.78
N GLU C 367 -24.65 23.13 -25.31
CA GLU C 367 -23.61 23.84 -24.58
C GLU C 367 -23.03 24.94 -25.46
N THR C 368 -22.72 26.08 -24.83
CA THR C 368 -22.07 27.19 -25.51
C THR C 368 -21.17 27.95 -24.53
N GLN C 369 -20.23 28.73 -25.06
CA GLN C 369 -19.36 29.56 -24.25
C GLN C 369 -19.38 31.03 -24.69
N PRO C 370 -19.22 31.96 -23.74
CA PRO C 370 -19.13 33.39 -24.01
C PRO C 370 -17.74 33.82 -24.47
N THR C 371 -17.33 33.48 -25.69
CA THR C 371 -15.95 33.80 -26.07
C THR C 371 -15.85 35.25 -26.51
N GLY C 372 -14.75 35.88 -26.11
CA GLY C 372 -14.56 37.30 -26.32
C GLY C 372 -15.61 38.22 -25.72
N GLN C 373 -16.77 37.71 -25.35
CA GLN C 373 -17.72 38.55 -24.67
C GLN C 373 -17.60 38.41 -23.15
N ILE C 374 -18.39 39.17 -22.42
CA ILE C 374 -18.21 39.26 -20.97
C ILE C 374 -19.02 38.12 -20.39
N LYS C 375 -18.50 37.46 -19.36
CA LYS C 375 -19.14 36.25 -18.86
C LYS C 375 -20.30 36.57 -17.97
N ILE C 376 -21.30 35.70 -18.04
CA ILE C 376 -22.56 35.90 -17.35
C ILE C 376 -22.41 35.97 -15.83
N LYS C 377 -23.08 36.95 -15.24
CA LYS C 377 -22.93 37.23 -13.81
C LYS C 377 -24.12 36.72 -13.01
N ARG C 378 -23.85 36.37 -11.75
CA ARG C 378 -24.84 35.73 -10.90
C ARG C 378 -26.18 36.48 -10.88
N GLU C 379 -26.13 37.81 -10.77
CA GLU C 379 -27.35 38.62 -10.73
C GLU C 379 -28.27 38.50 -11.98
N ASP C 380 -27.71 38.00 -13.09
CA ASP C 380 -28.47 37.79 -14.32
C ASP C 380 -28.95 36.34 -14.59
N TYR C 381 -28.66 35.40 -13.70
CA TYR C 381 -29.04 34.00 -13.92
C TYR C 381 -30.55 33.83 -14.13
N GLU C 382 -31.33 34.49 -13.29
CA GLU C 382 -32.79 34.36 -13.32
C GLU C 382 -33.40 34.75 -14.66
N SER C 383 -32.81 35.77 -15.30
CA SER C 383 -33.32 36.33 -16.55
C SER C 383 -33.12 35.44 -17.77
N LEU C 384 -32.16 34.53 -17.66
CA LEU C 384 -31.72 33.74 -18.78
C LEU C 384 -32.79 32.81 -19.38
N PRO C 385 -33.62 32.14 -18.55
CA PRO C 385 -34.59 31.30 -19.28
C PRO C 385 -35.55 32.10 -20.15
N LYS C 386 -35.98 33.29 -19.75
CA LYS C 386 -36.91 34.04 -20.60
C LYS C 386 -36.25 34.54 -21.88
N GLU C 387 -34.97 34.88 -21.82
CA GLU C 387 -34.24 35.20 -23.06
C GLU C 387 -34.32 34.05 -24.06
N VAL C 388 -34.19 32.81 -23.57
CA VAL C 388 -34.26 31.63 -24.44
C VAL C 388 -35.65 31.48 -25.08
N ALA C 389 -36.69 31.62 -24.25
CA ALA C 389 -38.06 31.48 -24.72
C ALA C 389 -38.47 32.58 -25.70
N SER C 390 -37.78 33.71 -25.63
CA SER C 390 -38.03 34.90 -26.45
C SER C 390 -37.17 34.99 -27.73
N ALA C 391 -36.39 33.95 -28.00
CA ALA C 391 -35.43 33.95 -29.11
C ALA C 391 -35.99 34.08 -30.55
N LYS C 392 -37.14 33.46 -30.81
CA LYS C 392 -37.83 33.56 -32.12
C LYS C 392 -37.00 33.04 -33.30
N PRO C 393 -36.85 31.71 -33.42
CA PRO C 393 -36.11 31.11 -34.53
C PRO C 393 -36.79 31.31 -35.87
N LYS C 394 -36.05 31.17 -36.96
CA LYS C 394 -36.52 31.52 -38.29
C LYS C 394 -37.73 30.67 -38.71
N VAL C 395 -37.58 29.35 -38.70
CA VAL C 395 -38.69 28.43 -38.98
C VAL C 395 -39.80 28.40 -37.93
N LEU C 396 -41.02 28.15 -38.41
CA LEU C 396 -42.19 28.07 -37.55
C LEU C 396 -42.04 26.82 -36.71
N LEU C 397 -42.38 26.90 -35.44
CA LEU C 397 -42.29 25.73 -34.59
C LEU C 397 -43.63 25.04 -34.36
N ASP C 398 -43.58 23.70 -34.27
CA ASP C 398 -44.80 22.91 -34.19
C ASP C 398 -45.27 22.91 -32.73
N VAL C 399 -44.29 23.07 -31.83
CA VAL C 399 -44.55 23.22 -30.40
C VAL C 399 -43.99 24.54 -29.87
N LYS C 400 -44.75 25.23 -29.02
CA LYS C 400 -44.27 26.45 -28.37
C LYS C 400 -43.83 26.17 -26.92
N LEU C 401 -42.74 26.80 -26.47
CA LEU C 401 -42.23 26.58 -25.12
C LEU C 401 -42.10 27.94 -24.42
N LYS C 402 -42.69 28.11 -23.24
CA LYS C 402 -42.48 29.32 -22.43
C LYS C 402 -41.18 29.10 -21.62
N ALA C 403 -40.71 30.13 -20.92
CA ALA C 403 -39.54 30.06 -20.07
C ALA C 403 -39.69 29.04 -18.89
N GLU C 404 -40.91 28.58 -18.54
CA GLU C 404 -41.11 27.63 -17.43
C GLU C 404 -40.30 26.42 -17.76
N ASP C 405 -40.21 26.25 -19.07
CA ASP C 405 -39.73 25.04 -19.72
C ASP C 405 -38.25 24.98 -19.87
N PHE C 406 -37.57 26.10 -19.67
CA PHE C 406 -36.12 26.12 -19.88
C PHE C 406 -35.36 26.21 -18.57
N ILE C 407 -34.23 25.51 -18.54
CA ILE C 407 -33.25 25.63 -17.46
C ILE C 407 -31.95 26.02 -18.09
N VAL C 408 -31.37 27.10 -17.62
CA VAL C 408 -30.09 27.52 -18.16
C VAL C 408 -29.04 27.57 -17.05
N ASP C 409 -28.00 26.76 -17.25
CA ASP C 409 -27.02 26.44 -16.24
C ASP C 409 -25.68 27.06 -16.55
N VAL C 410 -25.18 27.88 -15.63
CA VAL C 410 -23.90 28.53 -15.84
C VAL C 410 -22.82 27.82 -15.02
N ILE C 411 -21.87 27.20 -15.69
CA ILE C 411 -20.85 26.43 -15.01
C ILE C 411 -19.48 27.10 -15.04
N ASN C 412 -19.04 27.51 -13.87
CA ASN C 412 -17.77 28.21 -13.67
C ASN C 412 -16.73 27.35 -12.99
N MET C 413 -15.50 27.34 -13.52
CA MET C 413 -14.42 26.72 -12.76
C MET C 413 -14.19 27.52 -11.50
N ASP C 414 -13.64 28.72 -11.65
CA ASP C 414 -13.65 29.69 -10.58
C ASP C 414 -14.43 30.92 -11.02
N TYR C 415 -15.53 31.22 -10.32
CA TYR C 415 -16.38 32.36 -10.65
C TYR C 415 -15.67 33.69 -10.33
N GLY C 416 -15.80 34.65 -11.24
CA GLY C 416 -15.21 35.98 -11.10
C GLY C 416 -13.70 36.05 -10.94
N MET C 417 -13.01 35.23 -11.72
CA MET C 417 -11.56 35.18 -11.74
C MET C 417 -11.12 35.13 -13.18
N GLN C 418 -10.20 35.97 -13.65
CA GLN C 418 -9.84 35.73 -15.03
C GLN C 418 -8.65 34.78 -15.12
N GLU C 419 -8.43 34.32 -16.35
CA GLU C 419 -7.59 33.18 -16.65
C GLU C 419 -6.13 33.48 -16.36
N LYS C 420 -5.52 32.62 -15.55
CA LYS C 420 -4.12 32.80 -15.21
C LYS C 420 -3.47 31.45 -15.29
N ASN C 421 -2.18 31.45 -15.61
CA ASN C 421 -1.38 30.25 -15.55
C ASN C 421 -0.75 30.18 -14.16
N PRO C 422 -1.21 29.21 -13.34
CA PRO C 422 -0.81 29.15 -11.94
C PRO C 422 0.65 28.79 -11.78
N ILE C 423 1.23 28.16 -12.81
CA ILE C 423 2.65 27.81 -12.80
C ILE C 423 3.53 29.07 -12.78
N ASP C 424 3.02 30.16 -13.33
CA ASP C 424 3.72 31.44 -13.30
C ASP C 424 3.90 31.95 -11.88
N HIS C 425 2.85 31.84 -11.09
CA HIS C 425 2.80 32.43 -9.78
C HIS C 425 3.33 31.51 -8.69
N VAL C 426 3.85 30.37 -9.11
CA VAL C 426 4.56 29.51 -8.19
C VAL C 426 6.05 29.85 -8.26
N SER C 427 6.62 30.06 -7.08
CA SER C 427 8.04 30.35 -6.94
C SER C 427 8.79 29.10 -6.48
N PHE C 428 9.94 28.82 -7.10
CA PHE C 428 10.71 27.64 -6.72
C PHE C 428 12.03 28.04 -6.08
N TYR C 429 12.74 27.09 -5.48
CA TYR C 429 14.03 27.38 -4.88
C TYR C 429 15.02 26.26 -5.15
N CYS C 430 16.30 26.61 -5.07
CA CYS C 430 17.40 25.70 -5.36
C CYS C 430 18.04 25.08 -4.10
N LYS C 431 18.57 23.88 -4.27
CA LYS C 431 19.29 23.18 -3.22
C LYS C 431 20.39 24.05 -2.66
N THR C 432 21.20 24.56 -3.60
CA THR C 432 22.39 25.38 -3.35
C THR C 432 22.10 26.85 -3.00
N ALA C 433 20.88 27.32 -3.26
CA ALA C 433 20.52 28.69 -2.87
C ALA C 433 19.10 28.85 -2.31
N PRO C 434 18.83 28.24 -1.13
CA PRO C 434 17.52 28.43 -0.49
C PRO C 434 17.40 29.89 -0.10
N ASN C 435 16.22 30.31 0.36
CA ASN C 435 16.02 31.66 0.91
C ASN C 435 15.94 32.72 -0.21
N ARG C 436 16.16 32.26 -1.45
CA ARG C 436 16.09 33.09 -2.65
C ARG C 436 15.45 32.27 -3.76
N ALA C 437 14.49 32.85 -4.48
CA ALA C 437 13.77 32.12 -5.52
C ALA C 437 14.63 31.93 -6.77
N ILE C 438 14.24 30.97 -7.61
CA ILE C 438 14.95 30.71 -8.85
C ILE C 438 14.35 31.64 -9.87
N ARG C 439 15.14 32.28 -10.72
CA ARG C 439 14.51 33.31 -11.51
C ARG C 439 13.90 32.81 -12.80
N ILE C 440 12.79 33.47 -13.09
CA ILE C 440 11.69 32.96 -13.88
C ILE C 440 11.20 34.04 -14.83
N SER C 446 4.29 24.03 -19.59
CA SER C 446 4.14 25.22 -20.40
C SER C 446 3.04 24.99 -21.43
N GLN C 447 3.39 24.33 -22.52
CA GLN C 447 2.45 23.91 -23.55
C GLN C 447 1.84 22.56 -23.18
N LEU C 448 2.34 21.98 -22.10
CA LEU C 448 1.95 20.66 -21.63
C LEU C 448 1.07 20.72 -20.38
N LEU C 449 0.76 21.93 -19.93
CA LEU C 449 -0.16 22.13 -18.80
C LEU C 449 -1.62 22.17 -19.25
N PRO C 450 -2.54 22.14 -18.27
CA PRO C 450 -3.96 22.34 -18.58
C PRO C 450 -4.20 23.72 -19.14
N GLU C 451 -5.02 23.83 -20.16
CA GLU C 451 -5.24 25.12 -20.80
C GLU C 451 -6.08 26.10 -19.94
N LYS C 452 -7.30 25.66 -19.63
CA LYS C 452 -8.38 26.40 -18.96
C LYS C 452 -8.39 26.32 -17.40
N PHE C 453 -8.07 27.40 -16.66
CA PHE C 453 -8.21 27.36 -15.16
C PHE C 453 -9.41 28.16 -14.54
N ALA C 454 -10.03 29.03 -15.33
CA ALA C 454 -11.29 29.65 -14.99
C ALA C 454 -12.18 29.66 -16.24
N GLU C 455 -13.29 28.94 -16.21
CA GLU C 455 -14.10 28.83 -17.42
C GLU C 455 -15.51 29.26 -17.20
N GLN C 456 -16.20 29.64 -18.26
CA GLN C 456 -17.65 29.69 -18.14
C GLN C 456 -18.26 28.82 -19.24
N LEU C 457 -19.11 27.88 -18.82
CA LEU C 457 -19.84 27.02 -19.75
C LEU C 457 -21.30 27.34 -19.53
N ILE C 458 -22.08 27.40 -20.60
CA ILE C 458 -23.49 27.66 -20.40
C ILE C 458 -24.28 26.54 -21.04
N ARG C 459 -25.00 25.78 -20.23
CA ARG C 459 -25.79 24.71 -20.78
C ARG C 459 -27.27 25.01 -20.61
N VAL C 460 -28.09 24.43 -21.47
CA VAL C 460 -29.54 24.65 -21.40
C VAL C 460 -30.24 23.31 -21.38
N TYR C 461 -31.20 23.16 -20.48
CA TYR C 461 -31.97 21.92 -20.42
C TYR C 461 -33.46 22.21 -20.67
N CYS C 462 -34.21 21.22 -21.14
CA CYS C 462 -35.63 21.43 -21.32
C CYS C 462 -36.42 20.48 -20.42
N LYS C 463 -37.43 20.99 -19.72
CA LYS C 463 -38.22 20.18 -18.81
C LYS C 463 -39.26 19.33 -19.53
N LYS C 464 -39.48 19.57 -20.82
CA LYS C 464 -40.42 18.74 -21.58
C LYS C 464 -39.60 17.76 -22.40
N VAL C 465 -39.93 16.47 -22.28
CA VAL C 465 -39.09 15.39 -22.79
C VAL C 465 -39.56 14.70 -24.07
N ASP C 466 -40.69 15.14 -24.63
CA ASP C 466 -41.25 14.56 -25.85
C ASP C 466 -40.52 15.01 -27.10
N ARG C 467 -40.42 14.10 -28.07
CA ARG C 467 -39.61 14.30 -29.27
C ARG C 467 -39.73 15.67 -29.94
N LYS C 468 -40.91 16.26 -30.00
CA LYS C 468 -41.07 17.51 -30.75
C LYS C 468 -40.96 18.78 -29.90
N SER C 469 -41.25 18.69 -28.60
CA SER C 469 -40.92 19.75 -27.64
C SER C 469 -39.42 20.02 -27.60
N LEU C 470 -38.63 18.94 -27.55
CA LEU C 470 -37.17 19.04 -27.51
C LEU C 470 -36.58 19.67 -28.75
N TYR C 471 -37.13 19.29 -29.89
CA TYR C 471 -36.70 19.82 -31.17
C TYR C 471 -36.90 21.30 -31.15
N ALA C 472 -38.02 21.72 -30.56
CA ALA C 472 -38.27 23.14 -30.41
C ALA C 472 -37.14 23.74 -29.58
N ALA C 473 -36.95 23.21 -28.38
CA ALA C 473 -35.97 23.72 -27.42
C ALA C 473 -34.59 23.88 -28.01
N ARG C 474 -34.20 22.96 -28.88
CA ARG C 474 -32.89 23.09 -29.49
C ARG C 474 -32.72 24.37 -30.31
N GLN C 475 -33.62 24.67 -31.24
CA GLN C 475 -33.35 25.86 -32.05
C GLN C 475 -33.70 27.16 -31.33
N TYR C 476 -34.65 27.15 -30.39
CA TYR C 476 -34.79 28.28 -29.46
C TYR C 476 -33.40 28.57 -28.90
N PHE C 477 -32.71 27.49 -28.55
CA PHE C 477 -31.40 27.60 -27.93
C PHE C 477 -30.38 28.08 -28.94
N VAL C 478 -30.37 27.48 -30.12
CA VAL C 478 -29.39 27.87 -31.12
C VAL C 478 -29.53 29.33 -31.52
N GLN C 479 -30.78 29.78 -31.64
CA GLN C 479 -31.06 31.18 -31.96
C GLN C 479 -30.70 32.09 -30.78
N TRP C 480 -31.03 31.64 -29.56
CA TRP C 480 -30.64 32.34 -28.33
C TRP C 480 -29.14 32.60 -28.25
N CYS C 481 -28.36 31.58 -28.60
CA CYS C 481 -26.90 31.72 -28.66
C CYS C 481 -26.49 32.77 -29.67
N ALA C 482 -27.11 32.72 -30.83
CA ALA C 482 -26.77 33.60 -31.94
C ALA C 482 -26.78 35.08 -31.56
N ASP C 483 -27.86 35.54 -30.95
CA ASP C 483 -27.98 36.98 -30.65
C ASP C 483 -27.39 37.39 -29.29
N ARG C 484 -26.80 36.45 -28.57
CA ARG C 484 -25.96 36.86 -27.46
C ARG C 484 -24.53 36.71 -27.94
N ASN C 485 -24.40 36.31 -29.20
CA ASN C 485 -23.12 36.12 -29.88
C ASN C 485 -22.24 35.11 -29.16
N PHE C 486 -22.89 34.14 -28.54
CA PHE C 486 -22.16 33.02 -28.00
C PHE C 486 -21.77 32.10 -29.15
N THR C 487 -20.87 31.17 -28.85
CA THR C 487 -20.37 30.21 -29.83
C THR C 487 -21.48 29.34 -30.40
N LYS C 488 -21.36 28.96 -31.67
CA LYS C 488 -22.42 28.14 -32.24
C LYS C 488 -22.28 26.73 -31.67
N PRO C 489 -23.36 26.22 -31.07
CA PRO C 489 -23.31 24.89 -30.44
C PRO C 489 -22.89 23.85 -31.46
N GLN C 490 -22.00 22.96 -31.07
CA GLN C 490 -21.55 21.89 -31.94
C GLN C 490 -22.68 20.89 -32.07
N ASP C 491 -22.59 19.97 -33.01
CA ASP C 491 -23.72 19.09 -33.28
C ASP C 491 -23.58 17.76 -32.53
N PRO D 21 -28.45 -4.11 -26.73
CA PRO D 21 -28.95 -3.93 -25.36
C PRO D 21 -28.24 -2.79 -24.61
N GLY D 22 -28.97 -1.72 -24.30
CA GLY D 22 -28.41 -0.56 -23.62
C GLY D 22 -28.06 -0.73 -22.14
N MET D 23 -26.78 -0.55 -21.82
CA MET D 23 -26.29 -0.72 -20.45
C MET D 23 -25.91 0.62 -19.84
N LYS D 24 -26.18 0.80 -18.55
CA LYS D 24 -25.68 1.98 -17.88
C LYS D 24 -24.34 1.56 -17.29
N VAL D 25 -23.39 2.47 -17.29
CA VAL D 25 -22.13 2.23 -16.62
C VAL D 25 -22.02 3.17 -15.45
N ILE D 26 -21.70 2.60 -14.30
CA ILE D 26 -21.55 3.34 -13.05
C ILE D 26 -20.12 3.21 -12.60
N ASN D 27 -19.48 4.32 -12.31
CA ASN D 27 -18.11 4.25 -11.84
C ASN D 27 -18.14 4.05 -10.33
N ASP D 28 -17.47 3.01 -9.86
CA ASP D 28 -17.49 2.70 -8.44
C ASP D 28 -16.08 2.67 -7.90
N PRO D 29 -15.86 3.29 -6.72
CA PRO D 29 -14.50 3.45 -6.19
C PRO D 29 -13.85 2.13 -5.85
N ILE D 30 -14.68 1.14 -5.56
CA ILE D 30 -14.19 -0.19 -5.26
C ILE D 30 -14.03 -1.12 -6.49
N HIS D 31 -15.05 -1.22 -7.33
CA HIS D 31 -15.08 -2.17 -8.45
C HIS D 31 -14.79 -1.53 -9.83
N GLY D 32 -14.56 -0.22 -9.87
CA GLY D 32 -14.39 0.44 -11.16
C GLY D 32 -15.69 0.49 -11.94
N HIS D 33 -15.65 0.14 -13.22
CA HIS D 33 -16.83 0.28 -14.04
C HIS D 33 -17.83 -0.87 -13.85
N ILE D 34 -19.06 -0.52 -13.45
CA ILE D 34 -20.14 -1.47 -13.28
C ILE D 34 -21.18 -1.30 -14.38
N GLU D 35 -21.33 -2.31 -15.23
CA GLU D 35 -22.36 -2.27 -16.25
C GLU D 35 -23.69 -2.78 -15.71
N LEU D 36 -24.77 -2.05 -15.99
CA LEU D 36 -26.11 -2.46 -15.53
C LEU D 36 -27.08 -2.74 -16.67
N HIS D 37 -27.59 -3.97 -16.70
CA HIS D 37 -28.61 -4.40 -17.63
C HIS D 37 -29.84 -3.54 -17.42
N PRO D 38 -30.54 -3.17 -18.50
CA PRO D 38 -31.70 -2.27 -18.42
C PRO D 38 -32.70 -2.71 -17.35
N LEU D 39 -32.87 -4.01 -17.14
CA LEU D 39 -33.79 -4.54 -16.11
C LEU D 39 -33.40 -4.10 -14.70
N LEU D 40 -32.11 -4.18 -14.39
CA LEU D 40 -31.59 -3.77 -13.10
C LEU D 40 -31.78 -2.27 -12.89
N VAL D 41 -31.53 -1.49 -13.94
CA VAL D 41 -31.74 -0.06 -13.91
C VAL D 41 -33.20 0.29 -13.53
N ARG D 42 -34.16 -0.41 -14.11
CA ARG D 42 -35.57 -0.16 -13.80
C ARG D 42 -35.87 -0.41 -12.32
N ILE D 43 -35.25 -1.46 -11.77
CA ILE D 43 -35.41 -1.81 -10.37
C ILE D 43 -34.71 -0.80 -9.46
N ILE D 44 -33.54 -0.34 -9.88
CA ILE D 44 -32.72 0.65 -9.16
C ILE D 44 -33.41 2.01 -9.02
N ASP D 45 -34.13 2.42 -10.07
CA ASP D 45 -34.75 3.73 -10.16
C ASP D 45 -36.22 3.72 -9.65
N THR D 46 -36.36 3.32 -8.40
CA THR D 46 -37.64 3.31 -7.70
C THR D 46 -37.47 4.02 -6.37
N PRO D 47 -38.56 4.57 -5.81
CA PRO D 47 -38.37 5.18 -4.48
C PRO D 47 -37.89 4.14 -3.47
N GLN D 48 -38.24 2.87 -3.68
CA GLN D 48 -37.92 1.78 -2.77
C GLN D 48 -36.41 1.43 -2.78
N PHE D 49 -35.78 1.50 -3.95
CA PHE D 49 -34.34 1.27 -4.01
C PHE D 49 -33.53 2.50 -3.65
N GLN D 50 -33.92 3.66 -4.16
CA GLN D 50 -33.17 4.90 -3.96
C GLN D 50 -33.15 5.27 -2.48
N ARG D 51 -34.12 4.74 -1.75
CA ARG D 51 -34.22 4.89 -0.29
C ARG D 51 -32.90 4.62 0.45
N LEU D 52 -32.15 3.64 -0.06
CA LEU D 52 -30.88 3.21 0.53
C LEU D 52 -29.73 4.22 0.46
N ARG D 53 -29.94 5.31 -0.26
CA ARG D 53 -29.00 6.44 -0.26
C ARG D 53 -29.00 7.14 1.10
N TYR D 54 -30.09 6.92 1.84
CA TYR D 54 -30.36 7.65 3.07
C TYR D 54 -30.20 6.81 4.35
N ILE D 55 -29.51 5.68 4.21
CA ILE D 55 -29.18 4.82 5.34
C ILE D 55 -27.65 4.54 5.37
N LYS D 56 -26.98 4.98 6.44
CA LYS D 56 -25.53 4.81 6.56
C LYS D 56 -25.25 3.32 6.72
N GLN D 57 -24.21 2.81 6.03
CA GLN D 57 -23.82 1.41 6.13
C GLN D 57 -23.49 1.02 7.56
N LEU D 58 -22.61 1.81 8.18
CA LEU D 58 -22.10 1.48 9.51
C LEU D 58 -22.85 2.24 10.62
N GLY D 59 -23.89 2.98 10.26
CA GLY D 59 -24.69 3.63 11.29
C GLY D 59 -23.90 4.59 12.19
N GLY D 60 -23.92 4.32 13.48
CA GLY D 60 -23.20 5.19 14.40
C GLY D 60 -21.69 5.20 14.22
N GLY D 61 -21.17 4.28 13.39
CA GLY D 61 -19.75 4.26 13.05
C GLY D 61 -19.25 5.58 12.51
N TYR D 62 -20.07 6.23 11.68
CA TYR D 62 -19.69 7.48 11.08
C TYR D 62 -19.28 8.54 12.12
N TYR D 63 -19.84 8.47 13.32
CA TYR D 63 -19.52 9.46 14.36
C TYR D 63 -18.20 9.14 15.05
N VAL D 64 -17.64 7.98 14.74
CA VAL D 64 -16.29 7.59 15.16
C VAL D 64 -15.29 7.67 14.01
N PHE D 65 -15.73 7.19 12.85
CA PHE D 65 -14.91 7.11 11.64
C PHE D 65 -15.42 8.07 10.55
N PRO D 66 -14.79 9.24 10.46
CA PRO D 66 -15.26 10.29 9.54
C PRO D 66 -15.31 9.83 8.09
N GLY D 67 -14.54 8.80 7.75
CA GLY D 67 -14.57 8.26 6.41
C GLY D 67 -15.74 7.33 6.14
N ALA D 68 -16.49 6.96 7.16
CA ALA D 68 -17.55 5.95 6.99
C ALA D 68 -18.89 6.61 6.62
N SER D 69 -18.85 7.54 5.66
CA SER D 69 -20.04 8.26 5.18
C SER D 69 -20.86 7.42 4.20
N HIS D 70 -20.37 6.24 3.81
CA HIS D 70 -21.04 5.49 2.74
C HIS D 70 -22.39 4.89 3.13
N ASN D 71 -23.26 4.72 2.14
CA ASN D 71 -24.62 4.29 2.39
C ASN D 71 -24.93 2.92 1.80
N ARG D 72 -26.09 2.37 2.16
CA ARG D 72 -26.53 1.06 1.69
C ARG D 72 -26.68 1.01 0.18
N PHE D 73 -26.98 2.17 -0.41
CA PHE D 73 -27.18 2.21 -1.85
C PHE D 73 -25.93 1.72 -2.63
N GLU D 74 -24.76 2.31 -2.38
CA GLU D 74 -23.60 1.95 -3.18
C GLU D 74 -23.14 0.50 -2.89
N HIS D 75 -23.29 0.08 -1.64
CA HIS D 75 -22.98 -1.29 -1.25
C HIS D 75 -23.82 -2.31 -2.03
N SER D 76 -25.12 -2.01 -2.17
CA SER D 76 -26.03 -2.89 -2.89
C SER D 76 -25.71 -3.01 -4.39
N LEU D 77 -25.32 -1.90 -5.01
CA LEU D 77 -24.83 -1.94 -6.39
C LEU D 77 -23.64 -2.88 -6.49
N GLY D 78 -22.76 -2.81 -5.50
CA GLY D 78 -21.59 -3.68 -5.48
C GLY D 78 -21.98 -5.14 -5.42
N VAL D 79 -22.93 -5.46 -4.53
CA VAL D 79 -23.28 -6.85 -4.35
C VAL D 79 -23.95 -7.38 -5.61
N GLY D 80 -24.77 -6.54 -6.24
CA GLY D 80 -25.36 -6.87 -7.52
C GLY D 80 -24.28 -7.07 -8.57
N TYR D 81 -23.24 -6.24 -8.55
CA TYR D 81 -22.18 -6.36 -9.52
C TYR D 81 -21.42 -7.66 -9.34
N LEU D 82 -20.96 -7.91 -8.12
CA LEU D 82 -20.20 -9.12 -7.81
C LEU D 82 -21.03 -10.39 -8.01
N ALA D 83 -22.30 -10.32 -7.64
CA ALA D 83 -23.18 -11.46 -7.82
C ALA D 83 -23.15 -11.88 -9.29
N GLY D 84 -23.31 -10.91 -10.18
CA GLY D 84 -23.24 -11.17 -11.60
C GLY D 84 -21.91 -11.75 -12.04
N CYS D 85 -20.82 -11.21 -11.53
CA CYS D 85 -19.50 -11.67 -11.95
C CYS D 85 -19.32 -13.14 -11.66
N LEU D 86 -19.79 -13.57 -10.48
CA LEU D 86 -19.60 -14.95 -10.07
C LEU D 86 -20.46 -15.92 -10.88
N VAL D 87 -21.78 -15.69 -11.00
CA VAL D 87 -22.58 -16.59 -11.85
C VAL D 87 -22.04 -16.71 -13.26
N HIS D 88 -21.71 -15.55 -13.85
CA HIS D 88 -21.26 -15.53 -15.21
C HIS D 88 -19.95 -16.28 -15.34
N ALA D 89 -19.04 -16.11 -14.37
CA ALA D 89 -17.76 -16.79 -14.44
C ALA D 89 -17.95 -18.30 -14.36
N LEU D 90 -18.89 -18.73 -13.52
CA LEU D 90 -19.17 -20.16 -13.38
C LEU D 90 -19.76 -20.71 -14.67
N GLY D 91 -20.75 -20.03 -15.21
CA GLY D 91 -21.42 -20.43 -16.44
C GLY D 91 -20.52 -20.54 -17.64
N GLU D 92 -19.51 -19.68 -17.70
CA GLU D 92 -18.59 -19.66 -18.83
C GLU D 92 -17.62 -20.84 -18.75
N LYS D 93 -17.19 -21.14 -17.52
CA LYS D 93 -16.22 -22.20 -17.29
C LYS D 93 -16.83 -23.61 -17.27
N GLN D 94 -18.11 -23.71 -16.89
CA GLN D 94 -18.78 -25.00 -16.76
C GLN D 94 -20.16 -24.96 -17.37
N PRO D 95 -20.25 -25.00 -18.72
CA PRO D 95 -21.53 -24.91 -19.43
C PRO D 95 -22.50 -26.04 -19.05
N GLU D 96 -21.98 -27.13 -18.50
CA GLU D 96 -22.82 -28.27 -18.15
C GLU D 96 -23.77 -27.91 -17.02
N LEU D 97 -23.43 -26.85 -16.28
CA LEU D 97 -24.22 -26.42 -15.13
C LEU D 97 -25.57 -25.85 -15.55
N GLN D 98 -25.69 -25.54 -16.83
CA GLN D 98 -26.92 -25.05 -17.45
C GLN D 98 -27.40 -23.71 -16.89
N ILE D 99 -26.45 -22.81 -16.65
CA ILE D 99 -26.81 -21.51 -16.11
C ILE D 99 -27.33 -20.62 -17.23
N SER D 100 -28.57 -20.15 -17.09
CA SER D 100 -29.21 -19.33 -18.12
C SER D 100 -28.97 -17.84 -17.93
N GLU D 101 -29.18 -17.07 -18.99
CA GLU D 101 -29.13 -15.62 -18.89
C GLU D 101 -30.21 -15.19 -17.88
N ARG D 102 -31.29 -15.96 -17.84
CA ARG D 102 -32.33 -15.76 -16.86
C ARG D 102 -31.83 -15.92 -15.42
N ASP D 103 -30.99 -16.93 -15.21
CA ASP D 103 -30.41 -17.16 -13.89
C ASP D 103 -29.51 -16.00 -13.49
N VAL D 104 -28.67 -15.57 -14.43
CA VAL D 104 -27.69 -14.54 -14.15
C VAL D 104 -28.41 -13.27 -13.66
N LEU D 105 -29.47 -12.89 -14.37
CA LEU D 105 -30.28 -11.73 -13.97
C LEU D 105 -30.90 -11.90 -12.59
N CYS D 106 -31.40 -13.10 -12.30
CA CYS D 106 -32.06 -13.34 -11.02
C CYS D 106 -31.05 -13.30 -9.88
N VAL D 107 -29.84 -13.78 -10.14
CA VAL D 107 -28.82 -13.72 -9.11
C VAL D 107 -28.40 -12.27 -8.90
N GLN D 108 -28.27 -11.51 -9.98
CA GLN D 108 -27.96 -10.09 -9.88
C GLN D 108 -29.04 -9.29 -9.16
N ILE D 109 -30.32 -9.53 -9.47
CA ILE D 109 -31.39 -8.81 -8.77
C ILE D 109 -31.34 -9.12 -7.26
N ALA D 110 -31.13 -10.37 -6.91
CA ALA D 110 -30.99 -10.76 -5.51
C ALA D 110 -29.82 -10.01 -4.85
N GLY D 111 -28.69 -9.94 -5.55
CA GLY D 111 -27.55 -9.19 -5.07
C GLY D 111 -27.92 -7.74 -4.85
N LEU D 112 -28.66 -7.18 -5.80
CA LEU D 112 -29.03 -5.77 -5.74
C LEU D 112 -29.94 -5.47 -4.56
N CYS D 113 -30.89 -6.37 -4.34
CA CYS D 113 -31.97 -6.13 -3.40
C CYS D 113 -31.85 -6.75 -2.01
N HIS D 114 -30.74 -7.42 -1.73
CA HIS D 114 -30.61 -8.20 -0.50
C HIS D 114 -30.70 -7.29 0.73
N ASP D 115 -30.36 -6.01 0.58
CA ASP D 115 -30.39 -5.07 1.73
C ASP D 115 -31.56 -4.09 1.76
N LEU D 116 -32.54 -4.27 0.89
CA LEU D 116 -33.69 -3.39 0.84
C LEU D 116 -34.36 -3.22 2.22
N GLY D 117 -34.24 -4.23 3.08
CA GLY D 117 -34.98 -4.22 4.33
C GLY D 117 -34.38 -3.49 5.51
N HIS D 118 -33.13 -3.06 5.39
CA HIS D 118 -32.46 -2.32 6.46
C HIS D 118 -33.21 -1.03 6.81
N GLY D 119 -33.14 -0.65 8.07
CA GLY D 119 -33.76 0.60 8.49
C GLY D 119 -32.70 1.61 8.85
N PRO D 120 -33.15 2.74 9.43
CA PRO D 120 -32.22 3.82 9.78
C PRO D 120 -31.03 3.30 10.56
N PHE D 121 -29.83 3.66 10.08
CA PHE D 121 -28.56 3.29 10.69
C PHE D 121 -28.34 1.78 10.66
N SER D 122 -28.95 1.14 9.66
CA SER D 122 -28.72 -0.26 9.41
C SER D 122 -28.92 -1.15 10.66
N HIS D 123 -27.85 -1.81 11.12
CA HIS D 123 -28.00 -2.87 12.12
C HIS D 123 -28.48 -2.41 13.50
N MET D 124 -28.40 -1.12 13.75
CA MET D 124 -28.96 -0.55 14.96
C MET D 124 -30.46 -0.76 14.95
N PHE D 125 -31.04 -0.74 13.76
CA PHE D 125 -32.48 -0.75 13.66
C PHE D 125 -33.10 -2.11 14.01
N ASP D 126 -32.70 -3.14 13.27
CA ASP D 126 -33.27 -4.47 13.50
C ASP D 126 -32.55 -5.15 14.67
N GLY D 127 -31.34 -4.69 14.99
CA GLY D 127 -30.53 -5.32 16.01
C GLY D 127 -30.72 -4.87 17.44
N ARG D 128 -31.17 -3.65 17.64
CA ARG D 128 -31.41 -3.14 19.00
C ARG D 128 -32.80 -2.46 19.09
N PHE D 129 -33.04 -1.47 18.24
CA PHE D 129 -34.25 -0.67 18.36
C PHE D 129 -35.57 -1.46 18.37
N ILE D 130 -35.85 -2.24 17.34
CA ILE D 130 -37.10 -3.01 17.25
C ILE D 130 -37.26 -3.97 18.43
N PRO D 131 -36.18 -4.71 18.81
CA PRO D 131 -36.26 -5.51 20.04
C PRO D 131 -36.65 -4.71 21.27
N LEU D 132 -36.12 -3.50 21.39
CA LEU D 132 -36.46 -2.66 22.54
C LEU D 132 -37.88 -2.11 22.47
N ALA D 133 -38.31 -1.70 21.27
CA ALA D 133 -39.60 -1.02 21.09
C ALA D 133 -40.76 -1.99 21.11
N ARG D 134 -40.55 -3.14 20.47
CA ARG D 134 -41.58 -4.13 20.29
C ARG D 134 -40.97 -5.51 20.49
N PRO D 135 -40.76 -5.89 21.77
CA PRO D 135 -40.03 -7.11 22.17
C PRO D 135 -40.65 -8.39 21.64
N GLU D 136 -41.97 -8.40 21.49
CA GLU D 136 -42.74 -9.58 21.06
C GLU D 136 -42.58 -9.88 19.57
N VAL D 137 -42.24 -8.84 18.80
CA VAL D 137 -42.18 -8.92 17.34
C VAL D 137 -40.91 -9.60 16.85
N LYS D 138 -40.99 -10.44 15.81
CA LYS D 138 -39.76 -10.90 15.21
C LYS D 138 -39.55 -10.32 13.82
N TRP D 139 -38.45 -9.58 13.72
CA TRP D 139 -38.11 -8.78 12.57
C TRP D 139 -36.61 -8.85 12.31
N THR D 140 -36.28 -9.11 11.07
CA THR D 140 -34.90 -9.02 10.60
C THR D 140 -34.96 -8.17 9.34
N HIS D 141 -33.85 -7.52 9.00
CA HIS D 141 -33.90 -6.72 7.79
C HIS D 141 -34.00 -7.61 6.54
N GLU D 142 -33.57 -8.86 6.65
CA GLU D 142 -33.75 -9.80 5.54
C GLU D 142 -35.24 -9.99 5.23
N GLN D 143 -36.05 -10.16 6.27
CA GLN D 143 -37.50 -10.22 6.14
C GLN D 143 -38.03 -8.96 5.49
N GLY D 144 -37.53 -7.82 5.96
CA GLY D 144 -37.75 -6.54 5.31
C GLY D 144 -37.37 -6.47 3.83
N SER D 145 -36.21 -7.02 3.47
CA SER D 145 -35.76 -6.96 2.08
C SER D 145 -36.73 -7.71 1.18
N VAL D 146 -37.22 -8.85 1.68
CA VAL D 146 -38.18 -9.61 0.91
C VAL D 146 -39.50 -8.82 0.78
N MET D 147 -40.00 -8.27 1.88
CA MET D 147 -41.22 -7.44 1.85
C MET D 147 -41.08 -6.20 0.95
N MET D 148 -39.99 -5.48 1.14
CA MET D 148 -39.76 -4.29 0.40
C MET D 148 -39.58 -4.61 -1.07
N PHE D 149 -38.98 -5.76 -1.36
CA PHE D 149 -38.78 -6.16 -2.75
C PHE D 149 -40.10 -6.41 -3.43
N GLU D 150 -41.00 -7.07 -2.69
CA GLU D 150 -42.35 -7.36 -3.17
C GLU D 150 -43.04 -6.04 -3.42
N HIS D 151 -42.95 -5.14 -2.44
CA HIS D 151 -43.54 -3.83 -2.60
C HIS D 151 -43.00 -3.07 -3.81
N LEU D 152 -41.71 -3.24 -4.07
CA LEU D 152 -41.01 -2.56 -5.15
C LEU D 152 -41.52 -3.01 -6.50
N ILE D 153 -41.64 -4.33 -6.68
CA ILE D 153 -42.04 -4.86 -7.99
C ILE D 153 -43.48 -4.49 -8.28
N ASN D 154 -44.32 -4.50 -7.25
CA ASN D 154 -45.72 -4.20 -7.43
C ASN D 154 -45.94 -2.72 -7.72
N SER D 155 -45.31 -1.86 -6.91
CA SER D 155 -45.44 -0.41 -7.04
C SER D 155 -44.99 0.14 -8.40
N ASN D 156 -43.94 -0.43 -8.97
CA ASN D 156 -43.35 0.08 -10.19
C ASN D 156 -43.55 -0.75 -11.46
N GLY D 157 -44.42 -1.77 -11.38
CA GLY D 157 -44.75 -2.58 -12.54
C GLY D 157 -43.56 -3.32 -13.15
N ILE D 158 -42.77 -3.97 -12.30
CA ILE D 158 -41.55 -4.62 -12.75
C ILE D 158 -41.84 -5.95 -13.47
N LYS D 159 -42.94 -6.60 -13.11
CA LYS D 159 -43.26 -7.91 -13.69
C LYS D 159 -43.29 -7.92 -15.24
N PRO D 160 -43.97 -6.95 -15.87
CA PRO D 160 -43.85 -6.92 -17.33
C PRO D 160 -42.41 -6.82 -17.85
N VAL D 161 -41.62 -5.96 -17.22
CA VAL D 161 -40.23 -5.76 -17.63
C VAL D 161 -39.39 -7.02 -17.53
N MET D 162 -39.65 -7.80 -16.49
CA MET D 162 -39.02 -9.08 -16.29
C MET D 162 -39.35 -10.02 -17.43
N GLU D 163 -40.65 -10.10 -17.76
CA GLU D 163 -41.12 -11.01 -18.80
C GLU D 163 -40.47 -10.69 -20.14
N GLN D 164 -40.27 -9.40 -20.40
CA GLN D 164 -39.60 -8.95 -21.61
C GLN D 164 -38.21 -9.57 -21.79
N TYR D 165 -37.47 -9.73 -20.70
CA TYR D 165 -36.12 -10.28 -20.81
C TYR D 165 -36.06 -11.78 -20.53
N GLY D 166 -37.24 -12.39 -20.42
CA GLY D 166 -37.32 -13.83 -20.38
C GLY D 166 -37.43 -14.38 -18.97
N LEU D 167 -37.70 -13.50 -18.01
CA LEU D 167 -37.82 -13.95 -16.64
C LEU D 167 -39.25 -14.38 -16.48
N ILE D 168 -39.47 -15.47 -15.75
CA ILE D 168 -40.84 -15.77 -15.48
C ILE D 168 -41.12 -15.41 -14.02
N PRO D 169 -41.92 -14.36 -13.84
CA PRO D 169 -42.11 -13.71 -12.56
C PRO D 169 -42.50 -14.59 -11.36
N GLU D 170 -43.38 -15.59 -11.47
CA GLU D 170 -43.86 -16.15 -10.21
C GLU D 170 -42.85 -17.13 -9.62
N GLU D 171 -41.88 -17.36 -10.54
CA GLU D 171 -41.05 -18.55 -10.71
C GLU D 171 -39.73 -18.01 -10.10
N ASP D 172 -39.36 -16.86 -10.65
CA ASP D 172 -38.11 -16.14 -10.38
C ASP D 172 -38.10 -15.18 -9.16
N ILE D 173 -39.19 -14.44 -9.01
CA ILE D 173 -39.38 -13.58 -7.85
C ILE D 173 -39.24 -14.41 -6.58
N CYS D 174 -39.77 -15.62 -6.62
CA CYS D 174 -39.63 -16.57 -5.52
C CYS D 174 -38.16 -16.93 -5.27
N PHE D 175 -37.47 -17.25 -6.37
CA PHE D 175 -36.06 -17.55 -6.34
C PHE D 175 -35.30 -16.41 -5.67
N ILE D 176 -35.60 -15.20 -6.12
CA ILE D 176 -34.89 -14.02 -5.65
C ILE D 176 -35.08 -13.84 -4.15
N LYS D 177 -36.32 -13.93 -3.67
CA LYS D 177 -36.57 -13.82 -2.25
C LYS D 177 -35.81 -14.88 -1.46
N GLU D 178 -35.77 -16.10 -2.00
CA GLU D 178 -35.10 -17.22 -1.35
C GLU D 178 -33.59 -17.00 -1.23
N GLN D 179 -33.00 -16.34 -2.22
CA GLN D 179 -31.58 -15.99 -2.16
C GLN D 179 -31.27 -15.02 -1.02
N ILE D 180 -32.32 -14.33 -0.56
CA ILE D 180 -32.17 -13.29 0.43
C ILE D 180 -32.48 -13.79 1.81
N VAL D 181 -33.68 -14.31 1.99
CA VAL D 181 -34.16 -14.71 3.29
C VAL D 181 -34.05 -16.23 3.55
N GLY D 182 -33.68 -16.99 2.54
CA GLY D 182 -33.63 -18.44 2.69
C GLY D 182 -34.94 -19.09 2.29
N PRO D 183 -35.05 -20.42 2.46
CA PRO D 183 -36.26 -21.13 2.02
C PRO D 183 -37.53 -20.67 2.72
N LEU D 184 -38.53 -20.27 1.94
CA LEU D 184 -39.72 -19.63 2.50
C LEU D 184 -40.59 -20.64 3.25
N LEU D 192 -36.80 -33.54 0.11
CA LEU D 192 -36.06 -32.93 1.21
C LEU D 192 -35.44 -31.57 0.79
N TRP D 193 -35.53 -31.25 -0.51
CA TRP D 193 -35.01 -29.99 -1.07
C TRP D 193 -35.97 -28.82 -0.78
N PRO D 194 -35.54 -27.87 0.06
CA PRO D 194 -36.43 -26.85 0.63
C PRO D 194 -36.84 -25.74 -0.32
N TYR D 195 -36.09 -25.53 -1.41
CA TYR D 195 -36.28 -24.37 -2.28
C TYR D 195 -37.26 -24.60 -3.41
N LYS D 196 -38.26 -23.74 -3.49
CA LYS D 196 -39.24 -23.78 -4.58
C LYS D 196 -38.83 -22.96 -5.83
N GLY D 197 -37.85 -22.07 -5.69
CA GLY D 197 -37.47 -21.15 -6.76
C GLY D 197 -36.55 -21.74 -7.81
N ARG D 198 -35.75 -22.73 -7.43
CA ARG D 198 -34.89 -23.44 -8.36
C ARG D 198 -34.79 -24.89 -7.91
N PRO D 199 -34.61 -25.82 -8.86
CA PRO D 199 -34.45 -27.25 -8.53
C PRO D 199 -33.10 -27.55 -7.90
N GLU D 200 -32.96 -28.73 -7.28
CA GLU D 200 -31.77 -29.09 -6.52
C GLU D 200 -30.47 -29.09 -7.33
N ASN D 201 -30.56 -29.26 -8.64
CA ASN D 201 -29.37 -29.32 -9.49
C ASN D 201 -28.74 -27.96 -9.70
N LYS D 202 -29.49 -26.91 -9.39
CA LYS D 202 -28.92 -25.56 -9.41
C LYS D 202 -28.59 -25.03 -8.01
N SER D 203 -28.53 -25.93 -7.03
CA SER D 203 -28.35 -25.57 -5.63
C SER D 203 -27.23 -24.58 -5.35
N PHE D 204 -26.16 -24.66 -6.14
CA PHE D 204 -24.99 -23.78 -5.97
C PHE D 204 -25.33 -22.30 -6.13
N LEU D 205 -26.39 -21.98 -6.87
CA LEU D 205 -26.79 -20.57 -7.05
C LEU D 205 -27.12 -19.90 -5.72
N TYR D 206 -27.60 -20.67 -4.75
CA TYR D 206 -27.98 -20.11 -3.46
C TYR D 206 -26.79 -19.82 -2.55
N GLU D 207 -25.60 -20.15 -3.02
CA GLU D 207 -24.40 -19.93 -2.24
C GLU D 207 -23.76 -18.60 -2.61
N ILE D 208 -24.34 -17.90 -3.58
CA ILE D 208 -23.72 -16.69 -4.11
C ILE D 208 -23.94 -15.39 -3.31
N VAL D 209 -25.19 -15.00 -3.13
CA VAL D 209 -25.52 -13.75 -2.45
C VAL D 209 -25.42 -13.89 -0.92
N SER D 210 -26.04 -14.93 -0.36
CA SER D 210 -25.94 -15.17 1.08
C SER D 210 -25.61 -16.64 1.34
N ASN D 211 -24.39 -16.86 1.85
CA ASN D 211 -23.94 -18.20 2.23
C ASN D 211 -23.56 -18.34 3.70
N LYS D 212 -24.39 -18.89 4.57
CA LYS D 212 -23.95 -18.98 5.97
C LYS D 212 -23.43 -20.39 6.40
N ARG D 213 -23.38 -21.35 5.47
CA ARG D 213 -22.67 -22.61 5.75
C ARG D 213 -21.24 -22.22 6.10
N ASN D 214 -20.57 -21.58 5.16
CA ASN D 214 -19.18 -21.18 5.35
C ASN D 214 -19.01 -19.67 5.49
N GLY D 215 -20.11 -18.92 5.50
CA GLY D 215 -20.04 -17.46 5.66
C GLY D 215 -19.16 -16.73 4.64
N ILE D 216 -19.03 -17.28 3.43
CA ILE D 216 -18.27 -16.65 2.33
C ILE D 216 -19.17 -16.34 1.12
N ASP D 217 -19.39 -15.06 0.83
CA ASP D 217 -20.28 -14.67 -0.27
C ASP D 217 -19.99 -13.28 -0.82
N VAL D 218 -20.68 -12.94 -1.91
CA VAL D 218 -20.39 -11.70 -2.58
C VAL D 218 -20.82 -10.53 -1.73
N ASP D 219 -21.82 -10.74 -0.88
CA ASP D 219 -22.22 -9.67 0.03
C ASP D 219 -21.04 -9.27 0.94
N LYS D 220 -20.41 -10.25 1.56
CA LYS D 220 -19.27 -9.98 2.43
C LYS D 220 -18.10 -9.42 1.65
N TRP D 221 -17.87 -9.94 0.44
CA TRP D 221 -16.78 -9.42 -0.39
C TRP D 221 -16.92 -7.92 -0.64
N ASP D 222 -18.12 -7.46 -0.96
CA ASP D 222 -18.32 -6.02 -1.14
C ASP D 222 -18.11 -5.20 0.13
N TYR D 223 -18.78 -5.55 1.23
CA TYR D 223 -18.64 -4.69 2.39
C TYR D 223 -17.28 -4.84 3.09
N PHE D 224 -16.58 -5.96 2.92
CA PHE D 224 -15.20 -5.99 3.42
C PHE D 224 -14.35 -4.92 2.71
N ALA D 225 -14.32 -5.00 1.38
CA ALA D 225 -13.55 -4.08 0.54
C ALA D 225 -14.01 -2.63 0.69
N ARG D 226 -15.32 -2.43 0.76
CA ARG D 226 -15.88 -1.09 0.80
C ARG D 226 -15.69 -0.44 2.19
N ASP D 227 -15.92 -1.19 3.27
CA ASP D 227 -15.68 -0.64 4.61
C ASP D 227 -14.18 -0.34 4.80
N CYS D 228 -13.32 -1.27 4.41
CA CYS D 228 -11.86 -1.05 4.47
C CYS D 228 -11.49 0.23 3.70
N HIS D 229 -12.04 0.39 2.50
CA HIS D 229 -11.81 1.61 1.73
C HIS D 229 -12.20 2.88 2.49
N HIS D 230 -13.38 2.90 3.10
CA HIS D 230 -13.81 4.11 3.81
C HIS D 230 -13.25 4.25 5.23
N LEU D 231 -12.92 3.13 5.88
CA LEU D 231 -12.37 3.15 7.24
C LEU D 231 -10.83 3.31 7.22
N GLY D 232 -10.20 3.08 6.07
CA GLY D 232 -8.76 3.12 6.02
C GLY D 232 -8.15 1.98 6.80
N ILE D 233 -8.61 0.78 6.50
CA ILE D 233 -8.15 -0.44 7.10
C ILE D 233 -7.63 -1.27 5.95
N GLN D 234 -6.54 -2.02 6.16
CA GLN D 234 -5.92 -2.72 5.05
C GLN D 234 -6.67 -4.00 4.68
N ASN D 235 -6.92 -4.16 3.38
CA ASN D 235 -7.63 -5.32 2.86
C ASN D 235 -6.79 -6.09 1.88
N ASN D 236 -6.26 -7.23 2.25
CA ASN D 236 -5.41 -7.91 1.27
C ASN D 236 -6.15 -8.99 0.46
N PHE D 237 -7.43 -9.21 0.78
CA PHE D 237 -8.20 -10.20 0.02
C PHE D 237 -8.48 -9.71 -1.39
N ASP D 238 -8.16 -10.55 -2.37
CA ASP D 238 -8.45 -10.27 -3.78
C ASP D 238 -9.67 -11.08 -4.23
N TYR D 239 -10.81 -10.40 -4.36
CA TYR D 239 -12.02 -11.10 -4.72
C TYR D 239 -12.03 -11.49 -6.19
N LYS D 240 -11.37 -10.69 -7.04
CA LYS D 240 -11.37 -11.00 -8.47
C LYS D 240 -10.65 -12.32 -8.72
N ARG D 241 -9.54 -12.54 -8.00
CA ARG D 241 -8.82 -13.81 -8.08
C ARG D 241 -9.77 -14.94 -7.71
N PHE D 242 -10.43 -14.79 -6.58
CA PHE D 242 -11.31 -15.85 -6.12
C PHE D 242 -12.43 -16.16 -7.14
N ILE D 243 -12.98 -15.15 -7.79
CA ILE D 243 -14.01 -15.39 -8.80
C ILE D 243 -13.51 -16.07 -10.08
N LYS D 244 -12.35 -15.68 -10.58
CA LYS D 244 -11.82 -16.34 -11.78
C LYS D 244 -11.66 -17.87 -11.54
N PHE D 245 -11.32 -18.26 -10.32
CA PHE D 245 -11.02 -19.67 -9.95
C PHE D 245 -12.10 -20.46 -9.22
N ALA D 246 -13.23 -19.82 -8.97
CA ALA D 246 -14.35 -20.50 -8.37
C ALA D 246 -14.83 -21.59 -9.33
N ARG D 247 -15.13 -22.76 -8.78
CA ARG D 247 -15.73 -23.87 -9.55
C ARG D 247 -16.83 -24.53 -8.76
N VAL D 248 -17.81 -25.08 -9.49
CA VAL D 248 -18.86 -25.86 -8.86
C VAL D 248 -18.46 -27.31 -8.91
N CYS D 249 -18.31 -27.92 -7.74
CA CYS D 249 -17.95 -29.33 -7.64
C CYS D 249 -18.92 -30.09 -6.73
N GLU D 250 -19.04 -31.39 -6.95
CA GLU D 250 -19.91 -32.22 -6.12
C GLU D 250 -19.27 -32.47 -4.75
N VAL D 251 -19.96 -32.07 -3.69
CA VAL D 251 -19.51 -32.38 -2.35
C VAL D 251 -20.62 -33.00 -1.57
N ASP D 252 -20.42 -34.26 -1.20
CA ASP D 252 -21.39 -35.01 -0.44
C ASP D 252 -22.74 -34.98 -1.11
N ASN D 253 -22.79 -35.27 -2.41
CA ASN D 253 -24.07 -35.41 -3.09
C ASN D 253 -24.57 -34.02 -3.53
N GLU D 254 -23.94 -32.94 -3.04
CA GLU D 254 -24.48 -31.57 -3.17
C GLU D 254 -23.60 -30.72 -4.08
N LEU D 255 -24.22 -29.97 -4.99
CA LEU D 255 -23.45 -29.07 -5.82
C LEU D 255 -23.14 -27.79 -5.04
N ARG D 256 -21.85 -27.51 -4.85
CA ARG D 256 -21.43 -26.36 -4.06
C ARG D 256 -20.28 -25.64 -4.75
N ILE D 257 -20.18 -24.33 -4.51
CA ILE D 257 -19.10 -23.55 -5.05
C ILE D 257 -17.78 -23.86 -4.33
N CYS D 258 -16.72 -24.11 -5.09
CA CYS D 258 -15.44 -24.48 -4.51
C CYS D 258 -14.34 -23.56 -5.00
N ALA D 259 -13.30 -23.42 -4.19
CA ALA D 259 -12.15 -22.59 -4.51
C ALA D 259 -10.99 -23.45 -4.97
N ARG D 260 -10.13 -22.91 -5.81
CA ARG D 260 -8.92 -23.64 -6.15
C ARG D 260 -8.00 -23.74 -4.92
N ASP D 261 -7.31 -24.86 -4.77
CA ASP D 261 -6.51 -25.10 -3.59
C ASP D 261 -5.41 -24.05 -3.37
N LYS D 262 -4.80 -23.47 -4.40
CA LYS D 262 -3.74 -22.49 -4.09
C LYS D 262 -4.31 -21.09 -3.85
N GLU D 263 -5.63 -20.94 -3.81
CA GLU D 263 -6.25 -19.68 -3.40
C GLU D 263 -6.39 -19.63 -1.86
N VAL D 264 -5.91 -20.68 -1.18
CA VAL D 264 -6.01 -20.76 0.28
C VAL D 264 -5.42 -19.53 1.02
N GLY D 265 -4.26 -19.05 0.58
CA GLY D 265 -3.60 -17.92 1.23
C GLY D 265 -4.45 -16.68 1.13
N ASN D 266 -5.12 -16.56 -0.01
CA ASN D 266 -6.07 -15.51 -0.28
C ASN D 266 -7.24 -15.57 0.72
N LEU D 267 -7.75 -16.78 0.96
CA LEU D 267 -8.84 -16.98 1.90
C LEU D 267 -8.45 -16.60 3.31
N TYR D 268 -7.22 -16.88 3.71
CA TYR D 268 -6.76 -16.51 5.03
C TYR D 268 -6.73 -14.99 5.16
N ASP D 269 -6.38 -14.33 4.08
CA ASP D 269 -6.37 -12.88 4.05
C ASP D 269 -7.77 -12.32 4.20
N MET D 270 -8.73 -12.99 3.57
CA MET D 270 -10.13 -12.57 3.72
C MET D 270 -10.56 -12.68 5.18
N PHE D 271 -10.30 -13.81 5.80
CA PHE D 271 -10.73 -14.00 7.18
C PHE D 271 -10.03 -13.04 8.11
N HIS D 272 -8.79 -12.66 7.80
CA HIS D 272 -8.11 -11.70 8.67
C HIS D 272 -8.68 -10.30 8.49
N THR D 273 -9.10 -10.00 7.27
CA THR D 273 -9.70 -8.72 7.05
C THR D 273 -11.01 -8.65 7.81
N ARG D 274 -11.82 -9.71 7.74
CA ARG D 274 -13.08 -9.76 8.49
C ARG D 274 -12.85 -9.59 10.00
N ASN D 275 -11.85 -10.28 10.53
CA ASN D 275 -11.63 -10.19 11.98
C ASN D 275 -11.31 -8.76 12.35
N SER D 276 -10.46 -8.12 11.54
CA SER D 276 -10.02 -6.74 11.77
C SER D 276 -11.16 -5.74 11.71
N LEU D 277 -12.07 -5.93 10.75
CA LEU D 277 -13.21 -5.03 10.67
C LEU D 277 -14.08 -5.12 11.96
N HIS D 278 -14.28 -6.34 12.47
CA HIS D 278 -15.02 -6.55 13.71
C HIS D 278 -14.34 -5.98 14.93
N ARG D 279 -13.04 -6.21 15.11
CA ARG D 279 -12.43 -5.75 16.36
C ARG D 279 -12.26 -4.24 16.33
N ARG D 280 -11.86 -3.72 15.18
CA ARG D 280 -11.55 -2.30 15.02
C ARG D 280 -12.77 -1.42 14.78
N ALA D 281 -13.77 -1.93 14.07
CA ALA D 281 -14.84 -1.04 13.63
C ALA D 281 -16.22 -1.44 14.17
N TYR D 282 -16.73 -2.61 13.78
CA TYR D 282 -18.09 -3.00 14.16
C TYR D 282 -18.31 -3.06 15.68
N GLN D 283 -17.27 -3.46 16.42
CA GLN D 283 -17.34 -3.57 17.87
C GLN D 283 -16.75 -2.36 18.59
N HIS D 284 -16.49 -1.27 17.88
CA HIS D 284 -15.86 -0.11 18.50
C HIS D 284 -16.61 0.37 19.76
N LYS D 285 -15.91 0.64 20.87
CA LYS D 285 -16.63 0.97 22.11
C LYS D 285 -17.45 2.25 21.91
N VAL D 286 -16.85 3.32 21.38
CA VAL D 286 -17.61 4.57 21.20
C VAL D 286 -18.67 4.45 20.10
N GLY D 287 -18.32 3.73 19.03
CA GLY D 287 -19.28 3.51 17.98
C GLY D 287 -20.56 2.91 18.51
N ASN D 288 -20.43 1.83 19.24
CA ASN D 288 -21.61 1.16 19.78
C ASN D 288 -22.34 1.96 20.87
N ILE D 289 -21.60 2.70 21.69
CA ILE D 289 -22.21 3.63 22.61
C ILE D 289 -23.14 4.62 21.90
N ILE D 290 -22.62 5.25 20.86
CA ILE D 290 -23.37 6.23 20.10
C ILE D 290 -24.60 5.54 19.49
N ASP D 291 -24.46 4.30 19.04
CA ASP D 291 -25.65 3.65 18.50
C ASP D 291 -26.77 3.37 19.51
N THR D 292 -26.40 3.12 20.78
CA THR D 292 -27.44 2.98 21.78
C THR D 292 -28.02 4.36 22.12
N MET D 293 -27.24 5.43 22.00
CA MET D 293 -27.81 6.78 22.20
C MET D 293 -28.83 7.14 21.11
N ILE D 294 -28.50 6.91 19.84
CA ILE D 294 -29.47 7.15 18.77
C ILE D 294 -30.74 6.28 19.00
N THR D 295 -30.53 5.03 19.42
CA THR D 295 -31.65 4.13 19.73
C THR D 295 -32.53 4.69 20.85
N ASP D 296 -31.91 5.20 21.91
CA ASP D 296 -32.62 5.79 23.06
C ASP D 296 -33.46 6.99 22.62
N ALA D 297 -32.91 7.77 21.71
CA ALA D 297 -33.61 8.93 21.21
C ALA D 297 -34.85 8.48 20.40
N PHE D 298 -34.70 7.45 19.57
CA PHE D 298 -35.81 6.93 18.77
C PHE D 298 -36.94 6.48 19.68
N LEU D 299 -36.58 5.76 20.74
CA LEU D 299 -37.55 5.24 21.70
C LEU D 299 -38.32 6.37 22.35
N LYS D 300 -37.62 7.43 22.76
CA LYS D 300 -38.26 8.62 23.32
C LYS D 300 -39.06 9.41 22.28
N ALA D 301 -38.79 9.19 21.01
CA ALA D 301 -39.55 9.89 19.98
C ALA D 301 -40.71 9.08 19.44
N ASP D 302 -40.73 7.79 19.75
CA ASP D 302 -41.56 6.85 19.02
C ASP D 302 -43.03 7.21 19.10
N ASP D 303 -43.47 7.62 20.28
CA ASP D 303 -44.89 7.98 20.47
C ASP D 303 -45.35 9.14 19.60
N TYR D 304 -44.46 10.10 19.39
CA TYR D 304 -44.81 11.35 18.76
C TYR D 304 -44.53 11.47 17.26
N ILE D 305 -43.82 10.51 16.68
CA ILE D 305 -43.48 10.63 15.27
C ILE D 305 -44.52 9.91 14.42
N GLU D 306 -44.98 10.57 13.37
CA GLU D 306 -45.96 9.98 12.47
C GLU D 306 -45.44 9.87 11.05
N ILE D 307 -45.46 8.66 10.52
CA ILE D 307 -45.08 8.40 9.14
C ILE D 307 -46.34 7.92 8.43
N THR D 308 -46.64 8.58 7.32
CA THR D 308 -47.85 8.29 6.59
C THR D 308 -47.62 7.09 5.69
N GLY D 309 -48.38 6.03 5.92
CA GLY D 309 -48.28 4.83 5.12
C GLY D 309 -49.38 4.70 4.08
N ALA D 310 -49.57 3.48 3.58
CA ALA D 310 -50.59 3.21 2.58
C ALA D 310 -51.96 3.50 3.16
N GLY D 311 -52.87 3.95 2.31
CA GLY D 311 -54.22 4.29 2.72
C GLY D 311 -54.21 5.45 3.70
N GLY D 312 -53.12 6.21 3.71
CA GLY D 312 -52.99 7.37 4.56
C GLY D 312 -52.87 7.09 6.06
N LYS D 313 -52.85 5.82 6.45
CA LYS D 313 -52.73 5.44 7.86
C LYS D 313 -51.41 5.95 8.38
N LYS D 314 -51.37 6.24 9.67
CA LYS D 314 -50.17 6.74 10.29
C LYS D 314 -49.50 5.67 11.16
N TYR D 315 -48.19 5.54 10.99
CA TYR D 315 -47.41 4.54 11.69
C TYR D 315 -46.40 5.28 12.53
N ARG D 316 -45.81 4.59 13.48
CA ARG D 316 -44.74 5.21 14.21
C ARG D 316 -43.42 4.57 13.72
N ILE D 317 -42.29 5.01 14.29
CA ILE D 317 -41.00 4.48 13.85
C ILE D 317 -40.99 2.96 13.99
N SER D 318 -41.45 2.48 15.14
CA SER D 318 -41.46 1.04 15.41
C SER D 318 -42.48 0.28 14.56
N THR D 319 -43.54 0.93 14.12
CA THR D 319 -44.56 0.20 13.35
C THR D 319 -44.43 0.29 11.82
N ALA D 320 -43.59 1.19 11.31
CA ALA D 320 -43.45 1.38 9.86
C ALA D 320 -43.00 0.09 9.17
N ILE D 321 -42.34 -0.80 9.91
CA ILE D 321 -41.94 -2.11 9.39
C ILE D 321 -43.18 -2.95 9.03
N ASP D 322 -44.33 -2.59 9.58
CA ASP D 322 -45.55 -3.33 9.30
C ASP D 322 -46.12 -2.97 7.93
N ASP D 323 -45.78 -1.79 7.40
CA ASP D 323 -46.29 -1.32 6.11
C ASP D 323 -45.21 -0.73 5.21
N MET D 324 -44.97 -1.35 4.06
CA MET D 324 -43.82 -0.97 3.24
C MET D 324 -43.93 0.44 2.63
N GLU D 325 -45.14 0.98 2.59
CA GLU D 325 -45.28 2.32 2.07
C GLU D 325 -44.76 3.36 3.07
N ALA D 326 -45.08 3.15 4.35
CA ALA D 326 -44.54 4.02 5.39
C ALA D 326 -43.04 3.76 5.50
N TYR D 327 -42.68 2.48 5.44
CA TYR D 327 -41.30 2.08 5.64
C TYR D 327 -40.41 2.68 4.54
N THR D 328 -40.94 2.81 3.33
CA THR D 328 -40.18 3.46 2.24
C THR D 328 -39.68 4.85 2.63
N LYS D 329 -40.42 5.53 3.49
CA LYS D 329 -40.02 6.87 3.96
C LYS D 329 -39.28 6.84 5.30
N LEU D 330 -38.92 5.65 5.79
CA LEU D 330 -38.19 5.58 7.05
C LEU D 330 -36.70 5.32 6.82
N THR D 331 -35.88 6.37 7.02
CA THR D 331 -34.45 6.33 6.77
C THR D 331 -33.73 7.13 7.85
N ASP D 332 -32.43 7.38 7.70
CA ASP D 332 -31.64 8.11 8.70
C ASP D 332 -32.17 9.51 8.94
N ASN D 333 -32.94 10.01 7.98
CA ASN D 333 -33.57 11.34 8.06
C ASN D 333 -34.29 11.52 9.39
N ILE D 334 -34.83 10.44 9.93
CA ILE D 334 -35.55 10.54 11.18
C ILE D 334 -34.68 11.12 12.31
N PHE D 335 -33.38 10.94 12.21
CA PHE D 335 -32.43 11.48 13.18
C PHE D 335 -32.54 13.01 13.18
N LEU D 336 -32.50 13.60 11.98
CA LEU D 336 -32.52 15.04 11.82
C LEU D 336 -33.92 15.62 12.11
N GLU D 337 -34.95 14.89 11.68
CA GLU D 337 -36.32 15.26 11.97
C GLU D 337 -36.45 15.46 13.49
N ILE D 338 -35.94 14.51 14.26
CA ILE D 338 -35.88 14.68 15.70
C ILE D 338 -34.99 15.84 16.13
N LEU D 339 -33.77 15.92 15.59
CA LEU D 339 -32.82 16.94 16.00
C LEU D 339 -33.33 18.37 15.79
N TYR D 340 -34.02 18.60 14.66
CA TYR D 340 -34.44 19.94 14.22
C TYR D 340 -35.81 20.37 14.73
N SER D 341 -36.55 19.45 15.32
CA SER D 341 -37.94 19.66 15.71
C SER D 341 -38.09 20.69 16.81
N THR D 342 -39.21 21.42 16.80
CA THR D 342 -39.57 22.36 17.86
C THR D 342 -40.48 21.77 18.95
N ASP D 343 -41.24 20.72 18.61
CA ASP D 343 -42.26 20.14 19.46
C ASP D 343 -41.71 19.84 20.86
N PRO D 344 -42.33 20.39 21.92
CA PRO D 344 -41.78 20.08 23.25
C PRO D 344 -42.02 18.62 23.66
N LYS D 345 -42.95 17.92 23.01
CA LYS D 345 -43.09 16.48 23.21
C LYS D 345 -41.85 15.73 22.76
N LEU D 346 -41.14 16.27 21.79
CA LEU D 346 -39.94 15.61 21.30
C LEU D 346 -38.72 16.09 22.06
N LYS D 347 -38.91 16.93 23.08
CA LYS D 347 -37.75 17.54 23.73
C LYS D 347 -36.78 16.51 24.31
N ASP D 348 -37.33 15.43 24.86
CA ASP D 348 -36.51 14.43 25.51
C ASP D 348 -35.63 13.70 24.50
N ALA D 349 -36.24 13.32 23.39
CA ALA D 349 -35.56 12.70 22.27
C ALA D 349 -34.48 13.62 21.78
N ARG D 350 -34.88 14.85 21.49
CA ARG D 350 -34.00 15.88 20.99
C ARG D 350 -32.78 16.14 21.88
N GLU D 351 -32.94 16.11 23.19
CA GLU D 351 -31.81 16.44 24.05
C GLU D 351 -30.73 15.33 24.05
N ILE D 352 -31.15 14.10 23.83
CA ILE D 352 -30.17 13.02 23.72
C ILE D 352 -29.33 13.20 22.46
N LEU D 353 -29.99 13.52 21.35
CA LEU D 353 -29.26 13.76 20.12
C LEU D 353 -28.32 14.95 20.28
N LYS D 354 -28.77 15.99 20.98
CA LYS D 354 -27.89 17.10 21.27
C LYS D 354 -26.68 16.63 22.10
N GLN D 355 -26.88 15.62 22.94
CA GLN D 355 -25.79 15.05 23.73
C GLN D 355 -24.72 14.45 22.82
N ILE D 356 -25.17 13.81 21.74
CA ILE D 356 -24.27 13.28 20.73
C ILE D 356 -23.51 14.42 20.09
N GLU D 357 -24.23 15.45 19.64
CA GLU D 357 -23.60 16.61 19.01
C GLU D 357 -22.53 17.24 19.89
N TYR D 358 -22.83 17.46 21.17
CA TYR D 358 -21.88 18.09 22.10
C TYR D 358 -20.88 17.08 22.59
N ARG D 359 -21.08 15.83 22.17
CA ARG D 359 -20.21 14.74 22.55
C ARG D 359 -20.20 14.50 24.07
N ASN D 360 -21.36 14.59 24.70
CA ASN D 360 -21.50 14.10 26.06
C ASN D 360 -22.20 12.78 25.97
N LEU D 361 -21.43 11.72 26.03
CA LEU D 361 -21.93 10.42 25.64
C LEU D 361 -22.12 9.62 26.89
N PHE D 362 -22.86 8.53 26.77
CA PHE D 362 -23.06 7.57 27.84
C PHE D 362 -21.67 7.13 28.25
N LYS D 363 -21.43 6.90 29.54
CA LYS D 363 -20.08 6.46 29.85
C LYS D 363 -20.02 4.96 30.02
N TYR D 364 -18.91 4.40 29.60
CA TYR D 364 -18.71 2.96 29.52
C TYR D 364 -18.41 2.39 30.90
N VAL D 365 -19.28 1.48 31.35
CA VAL D 365 -19.10 0.85 32.66
C VAL D 365 -18.22 -0.41 32.59
N GLY D 366 -18.57 -1.35 31.71
CA GLY D 366 -17.80 -2.57 31.58
C GLY D 366 -18.24 -3.54 30.50
N GLU D 367 -17.52 -4.64 30.40
CA GLU D 367 -17.73 -5.65 29.37
C GLU D 367 -17.78 -7.04 30.00
N THR D 368 -18.68 -7.89 29.51
CA THR D 368 -18.74 -9.27 30.01
C THR D 368 -19.25 -10.24 28.94
N GLN D 369 -19.02 -11.52 29.15
CA GLN D 369 -19.50 -12.56 28.24
C GLN D 369 -20.33 -13.57 28.99
N PRO D 370 -21.36 -14.15 28.35
CA PRO D 370 -22.07 -15.26 28.99
C PRO D 370 -21.24 -16.54 28.84
N THR D 371 -21.07 -17.30 29.92
CA THR D 371 -20.17 -18.46 29.89
C THR D 371 -20.83 -19.72 29.35
N GLY D 372 -20.29 -20.24 28.24
CA GLY D 372 -20.87 -21.38 27.53
C GLY D 372 -22.33 -21.07 27.29
N GLN D 373 -23.20 -21.84 27.95
CA GLN D 373 -24.61 -21.45 28.13
C GLN D 373 -25.43 -21.28 26.82
N ILE D 374 -26.35 -20.34 26.88
CA ILE D 374 -27.36 -20.04 25.89
C ILE D 374 -27.12 -18.56 25.63
N LYS D 375 -27.56 -18.07 24.49
CA LYS D 375 -27.33 -16.70 24.09
C LYS D 375 -28.40 -15.84 24.78
N ILE D 376 -28.06 -14.61 25.15
CA ILE D 376 -29.08 -13.66 25.54
C ILE D 376 -29.93 -13.35 24.31
N LYS D 377 -31.26 -13.36 24.44
CA LYS D 377 -32.16 -13.13 23.29
C LYS D 377 -32.86 -11.75 23.32
N ARG D 378 -33.05 -11.25 22.11
CA ARG D 378 -33.54 -9.95 21.72
C ARG D 378 -34.81 -9.58 22.50
N GLU D 379 -35.69 -10.57 22.68
CA GLU D 379 -36.92 -10.35 23.46
C GLU D 379 -36.62 -10.06 24.94
N ASP D 380 -35.42 -10.38 25.40
CA ASP D 380 -35.08 -10.12 26.79
C ASP D 380 -34.27 -8.81 26.90
N TYR D 381 -33.98 -8.16 25.77
CA TYR D 381 -33.15 -6.95 25.80
C TYR D 381 -33.76 -5.92 26.71
N GLU D 382 -35.06 -5.69 26.57
CA GLU D 382 -35.71 -4.65 27.36
C GLU D 382 -35.57 -4.88 28.86
N SER D 383 -35.57 -6.16 29.25
CA SER D 383 -35.52 -6.56 30.65
C SER D 383 -34.14 -6.36 31.30
N LEU D 384 -33.09 -6.24 30.48
CA LEU D 384 -31.72 -6.23 31.02
C LEU D 384 -31.34 -5.04 31.93
N PRO D 385 -31.71 -3.81 31.55
CA PRO D 385 -31.35 -2.71 32.45
C PRO D 385 -32.01 -2.84 33.80
N LYS D 386 -33.23 -3.36 33.85
CA LYS D 386 -33.87 -3.50 35.15
C LYS D 386 -33.18 -4.57 35.97
N GLU D 387 -32.76 -5.65 35.32
CA GLU D 387 -31.96 -6.66 36.04
C GLU D 387 -30.70 -6.05 36.65
N VAL D 388 -29.99 -5.25 35.88
CA VAL D 388 -28.75 -4.65 36.34
C VAL D 388 -28.97 -3.75 37.57
N ALA D 389 -29.98 -2.89 37.48
CA ALA D 389 -30.33 -1.94 38.54
C ALA D 389 -30.87 -2.64 39.79
N SER D 390 -31.36 -3.86 39.61
CA SER D 390 -31.93 -4.60 40.72
C SER D 390 -30.88 -5.48 41.39
N ALA D 391 -29.65 -5.47 40.88
CA ALA D 391 -28.56 -6.20 41.52
C ALA D 391 -28.26 -5.48 42.84
N LYS D 392 -27.73 -6.15 43.85
CA LYS D 392 -27.29 -5.40 45.02
C LYS D 392 -25.92 -5.91 45.43
N PRO D 393 -24.90 -5.10 45.07
CA PRO D 393 -23.45 -5.20 45.23
C PRO D 393 -23.24 -5.34 46.72
N LYS D 394 -22.22 -6.01 47.26
CA LYS D 394 -22.39 -6.35 48.66
C LYS D 394 -21.94 -5.19 49.58
N VAL D 395 -20.98 -4.37 49.19
CA VAL D 395 -20.81 -3.19 50.03
C VAL D 395 -21.99 -2.25 49.82
N LEU D 396 -22.34 -1.61 50.92
CA LEU D 396 -23.47 -0.72 51.02
C LEU D 396 -23.11 0.38 50.06
N LEU D 397 -24.00 0.78 49.18
CA LEU D 397 -23.66 1.91 48.34
C LEU D 397 -24.69 2.99 48.58
N ASP D 398 -24.23 4.24 48.60
CA ASP D 398 -25.09 5.35 49.05
C ASP D 398 -25.76 5.97 47.80
N VAL D 399 -25.45 5.47 46.62
CA VAL D 399 -26.20 5.96 45.45
C VAL D 399 -27.09 4.84 44.91
N LYS D 400 -28.33 5.21 44.59
CA LYS D 400 -29.23 4.28 43.98
C LYS D 400 -29.41 4.73 42.55
N LEU D 401 -29.50 3.78 41.64
CA LEU D 401 -29.63 4.10 40.21
C LEU D 401 -30.88 3.39 39.69
N LYS D 402 -31.70 4.11 38.95
CA LYS D 402 -32.85 3.47 38.33
C LYS D 402 -32.36 2.68 37.13
N ALA D 403 -33.24 1.85 36.60
CA ALA D 403 -32.95 1.07 35.42
C ALA D 403 -32.75 1.96 34.18
N GLU D 404 -33.44 3.10 34.11
CA GLU D 404 -33.28 3.99 32.96
C GLU D 404 -31.92 4.71 33.03
N ASP D 405 -31.21 4.52 34.14
CA ASP D 405 -29.90 5.13 34.27
C ASP D 405 -28.88 4.24 33.55
N PHE D 406 -29.29 3.01 33.21
CA PHE D 406 -28.43 2.02 32.57
C PHE D 406 -28.76 1.75 31.09
N ILE D 407 -27.72 1.48 30.31
CA ILE D 407 -27.84 0.95 28.96
C ILE D 407 -27.05 -0.35 28.91
N VAL D 408 -27.70 -1.41 28.45
CA VAL D 408 -27.07 -2.73 28.30
C VAL D 408 -27.02 -3.12 26.82
N ASP D 409 -25.82 -3.33 26.30
CA ASP D 409 -25.64 -3.49 24.87
C ASP D 409 -25.17 -4.90 24.55
N VAL D 410 -25.95 -5.63 23.76
CA VAL D 410 -25.65 -7.01 23.40
C VAL D 410 -25.04 -7.07 21.99
N ILE D 411 -23.77 -7.46 21.92
CA ILE D 411 -22.99 -7.49 20.67
C ILE D 411 -22.70 -8.92 20.20
N ASN D 412 -23.20 -9.29 19.02
CA ASN D 412 -23.10 -10.68 18.53
C ASN D 412 -22.01 -10.92 17.47
N MET D 413 -21.28 -12.03 17.63
CA MET D 413 -20.27 -12.39 16.64
CA MET D 413 -20.14 -12.45 16.79
C MET D 413 -20.32 -13.85 16.18
N ASP D 414 -19.68 -14.08 15.03
CA ASP D 414 -19.61 -15.37 14.33
C ASP D 414 -18.16 -15.81 14.04
N LYS D 420 -12.82 -21.08 15.71
CA LYS D 420 -12.78 -22.13 14.70
C LYS D 420 -11.76 -21.80 13.62
N ASN D 421 -11.24 -22.84 12.97
CA ASN D 421 -10.41 -22.67 11.78
C ASN D 421 -11.38 -22.65 10.61
N PRO D 422 -11.66 -21.44 10.08
CA PRO D 422 -12.72 -21.22 9.08
C PRO D 422 -12.43 -21.87 7.74
N ILE D 423 -11.14 -22.14 7.49
CA ILE D 423 -10.70 -22.81 6.27
C ILE D 423 -11.22 -24.26 6.12
N ASP D 424 -11.47 -24.98 7.22
CA ASP D 424 -12.02 -26.34 7.13
C ASP D 424 -13.42 -26.45 6.50
N HIS D 425 -14.24 -25.39 6.64
CA HIS D 425 -15.60 -25.40 6.11
C HIS D 425 -15.67 -24.85 4.68
N VAL D 426 -14.50 -24.54 4.12
CA VAL D 426 -14.39 -24.19 2.71
C VAL D 426 -14.05 -25.44 1.90
N SER D 427 -14.75 -25.67 0.79
CA SER D 427 -14.43 -26.83 -0.03
C SER D 427 -13.53 -26.45 -1.19
N PHE D 428 -12.47 -27.23 -1.38
CA PHE D 428 -11.53 -26.94 -2.47
C PHE D 428 -11.54 -28.01 -3.53
N TYR D 429 -10.83 -27.73 -4.62
CA TYR D 429 -10.68 -28.69 -5.70
C TYR D 429 -9.27 -28.60 -6.23
N CYS D 430 -8.81 -29.70 -6.80
CA CYS D 430 -7.48 -29.69 -7.36
C CYS D 430 -7.58 -29.41 -8.84
N LYS D 431 -6.63 -28.65 -9.36
CA LYS D 431 -6.61 -28.35 -10.78
C LYS D 431 -6.61 -29.57 -11.66
N THR D 432 -5.81 -30.55 -11.28
CA THR D 432 -5.63 -31.75 -12.09
C THR D 432 -6.84 -32.67 -12.02
N ALA D 433 -7.72 -32.48 -11.04
CA ALA D 433 -8.96 -33.25 -10.96
C ALA D 433 -10.14 -32.43 -10.47
N PRO D 434 -10.66 -31.49 -11.30
CA PRO D 434 -11.81 -30.70 -10.87
C PRO D 434 -13.06 -31.57 -10.69
N ASN D 435 -14.20 -30.96 -10.37
CA ASN D 435 -15.50 -31.67 -10.23
C ASN D 435 -15.36 -32.72 -9.12
N ARG D 436 -14.34 -32.47 -8.30
CA ARG D 436 -13.87 -33.31 -7.24
C ARG D 436 -13.43 -32.40 -6.10
N ALA D 437 -13.97 -32.66 -4.93
CA ALA D 437 -13.60 -31.85 -3.77
C ALA D 437 -12.42 -32.50 -3.07
N ILE D 438 -11.67 -31.75 -2.28
CA ILE D 438 -10.54 -32.37 -1.57
C ILE D 438 -11.04 -32.92 -0.24
N GLU D 455 -19.21 -15.98 21.56
CA GLU D 455 -19.82 -15.31 20.41
C GLU D 455 -20.79 -14.20 20.78
N GLN D 456 -21.05 -14.01 22.08
CA GLN D 456 -21.84 -12.87 22.52
C GLN D 456 -21.09 -12.04 23.54
N LEU D 457 -21.04 -10.75 23.30
CA LEU D 457 -20.38 -9.83 24.19
C LEU D 457 -21.40 -8.86 24.74
N ILE D 458 -21.33 -8.59 26.05
CA ILE D 458 -22.32 -7.74 26.70
C ILE D 458 -21.66 -6.56 27.38
N ARG D 459 -21.99 -5.37 26.90
CA ARG D 459 -21.47 -4.13 27.48
C ARG D 459 -22.57 -3.36 28.19
N VAL D 460 -22.16 -2.59 29.17
CA VAL D 460 -23.08 -1.80 29.96
C VAL D 460 -22.60 -0.36 30.03
N TYR D 461 -23.51 0.56 29.76
CA TYR D 461 -23.19 1.98 29.83
C TYR D 461 -24.06 2.65 30.87
N CYS D 462 -23.60 3.78 31.39
CA CYS D 462 -24.39 4.56 32.33
C CYS D 462 -24.67 5.95 31.79
N LYS D 463 -25.91 6.42 31.95
CA LYS D 463 -26.29 7.76 31.51
C LYS D 463 -25.84 8.79 32.55
N LYS D 464 -25.30 8.35 33.68
CA LYS D 464 -24.84 9.31 34.68
C LYS D 464 -23.35 9.37 34.67
N VAL D 465 -22.81 10.59 34.53
CA VAL D 465 -21.39 10.76 34.26
C VAL D 465 -20.60 11.20 35.48
N ASP D 466 -21.27 11.48 36.60
CA ASP D 466 -20.53 11.89 37.82
C ASP D 466 -19.88 10.68 38.51
N ARG D 467 -18.68 10.84 39.10
CA ARG D 467 -17.85 9.70 39.57
C ARG D 467 -18.53 8.63 40.38
N LYS D 468 -19.35 9.02 41.35
CA LYS D 468 -19.85 7.96 42.20
C LYS D 468 -21.19 7.44 41.75
N SER D 469 -21.87 8.16 40.87
CA SER D 469 -22.89 7.45 40.08
C SER D 469 -22.18 6.37 39.27
N LEU D 470 -21.07 6.76 38.63
CA LEU D 470 -20.29 5.82 37.83
C LEU D 470 -19.70 4.72 38.70
N TYR D 471 -19.26 5.07 39.90
CA TYR D 471 -18.74 4.07 40.82
C TYR D 471 -19.83 3.07 41.18
N ALA D 472 -21.03 3.59 41.43
CA ALA D 472 -22.18 2.77 41.76
C ALA D 472 -22.50 1.82 40.61
N ALA D 473 -22.60 2.35 39.39
CA ALA D 473 -22.91 1.55 38.20
C ALA D 473 -21.96 0.35 38.05
N ARG D 474 -20.69 0.57 38.32
CA ARG D 474 -19.68 -0.49 38.26
C ARG D 474 -20.06 -1.61 39.21
N GLN D 475 -20.50 -1.23 40.41
CA GLN D 475 -20.81 -2.23 41.41
C GLN D 475 -22.07 -3.00 41.07
N TYR D 476 -23.09 -2.28 40.59
CA TYR D 476 -24.28 -2.93 40.05
C TYR D 476 -23.92 -3.97 39.00
N PHE D 477 -23.04 -3.57 38.08
CA PHE D 477 -22.66 -4.38 36.92
C PHE D 477 -21.87 -5.62 37.28
N VAL D 478 -20.86 -5.47 38.13
CA VAL D 478 -20.07 -6.64 38.55
C VAL D 478 -20.99 -7.63 39.29
N GLN D 479 -21.88 -7.11 40.13
CA GLN D 479 -22.81 -7.94 40.87
C GLN D 479 -23.80 -8.65 39.93
N TRP D 480 -24.36 -7.90 39.00
CA TRP D 480 -25.27 -8.49 38.02
C TRP D 480 -24.63 -9.65 37.25
N CYS D 481 -23.36 -9.46 36.89
CA CYS D 481 -22.59 -10.48 36.18
C CYS D 481 -22.52 -11.75 37.05
N ALA D 482 -22.19 -11.55 38.33
CA ALA D 482 -22.01 -12.63 39.26
C ALA D 482 -23.21 -13.54 39.33
N ASP D 483 -24.39 -12.96 39.54
CA ASP D 483 -25.58 -13.78 39.72
C ASP D 483 -26.34 -14.15 38.44
N ARG D 484 -25.90 -13.65 37.30
CA ARG D 484 -26.40 -14.17 36.03
C ARG D 484 -25.34 -15.11 35.41
N ASN D 485 -24.30 -15.36 36.19
CA ASN D 485 -23.18 -16.26 35.90
C ASN D 485 -22.36 -15.90 34.67
N PHE D 486 -22.26 -14.60 34.41
CA PHE D 486 -21.38 -14.09 33.38
C PHE D 486 -19.91 -14.01 33.81
N THR D 487 -19.01 -13.86 32.85
CA THR D 487 -17.57 -13.79 33.14
C THR D 487 -17.28 -12.56 33.99
N LYS D 488 -16.31 -12.66 34.91
CA LYS D 488 -16.04 -11.53 35.80
C LYS D 488 -15.28 -10.46 35.05
N PRO D 489 -15.79 -9.22 35.08
CA PRO D 489 -15.29 -8.01 34.41
C PRO D 489 -13.85 -7.67 34.80
N GLN D 490 -13.08 -7.12 33.89
CA GLN D 490 -11.73 -6.73 34.22
C GLN D 490 -11.72 -5.52 35.19
#